data_9EMN
#
_entry.id   9EMN
#
_cell.length_a   1.00
_cell.length_b   1.00
_cell.length_c   1.00
_cell.angle_alpha   90.00
_cell.angle_beta   90.00
_cell.angle_gamma   90.00
#
_symmetry.space_group_name_H-M   'P 1'
#
_entity_poly.entity_id   1
_entity_poly.type   'polypeptide(L)'
_entity_poly.pdbx_seq_one_letter_code
;MGSSHHHHHHSSGLVPRGSHMLEMVTLLENPFRTGLRQERTPEPLILTIFGASGDLTQRKLVPAIYQMKRERRLPPELTV
VGFARRDWSHDHFREQMRKGIEEFSTGIGSEDLWNEFAQGLFYCSGNMDDPESYLKLKNFLGELDEKRNTRGNRVFYLAV
SPNFFPPGIKQLGAAGMLSDPVKSRIVIEKPFGRDLSSAQSLNRVVQSVCKENQVYRIDHYLGKETVQNLMVFRFANAIF
EPLWNRQFVDHVQITVAETVGVEERAGYYESAGALRDMVQNHLMQLFCLTAMDPPNAIDADSIRNEKVKVLQATRLADIN
NLENAGIRGQYKAGWMGGKPVPGYREEPGVDPSSTTPTFAALKLMVDNWRWQGVPFYLRTGKRMPKKVSEIAIQFRQVPL
LIFQSVAHQANPNVLSLRIQPNEGISLRFEAKMPGSELRTRTVDMDFSYGSSFGVAAADAYHRLLLDCMLGDQTLFTRAD
EVEEAWRVVTPVLSAWDAPSDPLSMPLYEAGTWEPAEAEWLINKDGRRWRRL
;
_entity_poly.pdbx_strand_id   A,B,C,D
#
# COMPACT_ATOMS: atom_id res chain seq x y z
N ARG A 40 9.54 40.78 13.72
CA ARG A 40 10.95 41.11 13.92
C ARG A 40 11.29 42.46 13.30
N THR A 41 11.33 43.49 14.15
CA THR A 41 11.67 44.86 13.76
C THR A 41 10.82 45.33 12.59
N PRO A 42 9.53 45.61 12.80
CA PRO A 42 8.70 46.13 11.72
C PRO A 42 9.18 47.49 11.23
N GLU A 43 8.96 47.77 9.96
CA GLU A 43 9.37 49.03 9.38
C GLU A 43 8.53 50.17 9.93
N PRO A 44 9.11 51.35 10.13
CA PRO A 44 8.30 52.49 10.58
C PRO A 44 7.24 52.87 9.56
N LEU A 45 6.10 53.32 10.05
CA LEU A 45 4.96 53.64 9.20
C LEU A 45 4.05 54.61 9.95
N ILE A 46 2.88 54.87 9.39
CA ILE A 46 1.86 55.70 10.01
C ILE A 46 0.53 54.96 9.97
N LEU A 47 -0.17 54.93 11.10
CA LEU A 47 -1.42 54.21 11.22
C LEU A 47 -2.58 55.19 11.39
N THR A 48 -3.72 54.85 10.78
CA THR A 48 -4.93 55.66 10.85
C THR A 48 -6.12 54.77 11.14
N ILE A 49 -7.18 55.39 11.66
CA ILE A 49 -8.38 54.68 12.09
C ILE A 49 -9.59 55.30 11.41
N PHE A 50 -10.65 54.50 11.25
CA PHE A 50 -11.91 54.97 10.68
C PHE A 50 -13.07 54.62 11.61
N GLY A 51 -14.30 54.81 11.13
CA GLY A 51 -15.48 54.41 11.86
C GLY A 51 -15.75 55.16 13.15
N ALA A 52 -15.64 56.47 13.12
CA ALA A 52 -16.00 57.34 14.25
C ALA A 52 -15.12 56.97 15.46
N SER A 53 -15.66 57.09 16.66
CA SER A 53 -14.89 56.87 17.88
C SER A 53 -15.48 55.73 18.69
N GLY A 54 -15.75 54.60 18.03
CA GLY A 54 -16.33 53.47 18.73
C GLY A 54 -15.40 52.94 19.81
N ASP A 55 -16.01 52.37 20.85
CA ASP A 55 -15.26 51.89 22.01
C ASP A 55 -14.40 50.66 21.69
N LEU A 56 -14.61 50.02 20.55
CA LEU A 56 -13.85 48.81 20.22
C LEU A 56 -12.36 49.13 20.06
N THR A 57 -12.05 50.19 19.31
CA THR A 57 -10.66 50.52 19.05
C THR A 57 -9.98 51.10 20.29
N GLN A 58 -10.65 52.03 20.97
CA GLN A 58 -10.01 52.75 22.07
C GLN A 58 -9.71 51.83 23.25
N ARG A 59 -10.63 50.92 23.58
CA ARG A 59 -10.45 50.06 24.73
C ARG A 59 -9.62 48.82 24.45
N LYS A 60 -9.54 48.38 23.19
CA LYS A 60 -8.84 47.15 22.85
C LYS A 60 -7.66 47.36 21.92
N LEU A 61 -7.87 48.02 20.78
CA LEU A 61 -6.82 48.11 19.77
C LEU A 61 -5.70 49.05 20.21
N VAL A 62 -6.05 50.23 20.73
CA VAL A 62 -5.03 51.18 21.17
C VAL A 62 -4.17 50.62 22.31
N PRO A 63 -4.73 50.00 23.35
CA PRO A 63 -3.86 49.40 24.37
C PRO A 63 -2.95 48.31 23.82
N ALA A 64 -3.39 47.58 22.79
CA ALA A 64 -2.55 46.53 22.21
C ALA A 64 -1.27 47.10 21.61
N ILE A 65 -1.39 48.22 20.88
CA ILE A 65 -0.21 48.87 20.34
C ILE A 65 0.68 49.41 21.46
N TYR A 66 0.07 49.99 22.49
CA TYR A 66 0.84 50.52 23.61
C TYR A 66 1.59 49.41 24.35
N GLN A 67 0.94 48.27 24.54
CA GLN A 67 1.58 47.17 25.27
C GLN A 67 2.79 46.64 24.52
N MET A 68 2.66 46.46 23.19
CA MET A 68 3.79 45.98 22.41
C MET A 68 4.87 47.05 22.21
N LYS A 69 4.52 48.32 22.42
CA LYS A 69 5.52 49.39 22.29
C LYS A 69 6.62 49.24 23.33
N ARG A 70 6.25 48.93 24.57
CA ARG A 70 7.22 48.76 25.65
C ARG A 70 7.72 47.32 25.74
N GLU A 71 8.21 46.81 24.61
CA GLU A 71 8.75 45.45 24.58
C GLU A 71 9.94 45.31 23.63
N ARG A 72 10.51 46.42 23.16
CA ARG A 72 11.63 46.41 22.21
C ARG A 72 11.27 45.66 20.94
N ARG A 73 10.03 45.81 20.48
CA ARG A 73 9.55 45.18 19.27
C ARG A 73 9.23 46.20 18.18
N LEU A 74 8.37 47.18 18.48
CA LEU A 74 8.04 48.21 17.50
C LEU A 74 8.98 49.41 17.64
N PRO A 75 9.32 50.06 16.54
CA PRO A 75 10.19 51.23 16.62
C PRO A 75 9.49 52.38 17.31
N PRO A 76 10.23 53.29 17.96
CA PRO A 76 9.59 54.43 18.61
C PRO A 76 8.90 55.38 17.64
N GLU A 77 9.26 55.36 16.36
CA GLU A 77 8.66 56.26 15.37
C GLU A 77 7.45 55.56 14.76
N LEU A 78 6.29 55.77 15.37
CA LEU A 78 5.05 55.20 14.87
C LEU A 78 4.04 56.26 14.46
N THR A 79 3.81 57.27 15.30
CA THR A 79 2.93 58.40 14.99
C THR A 79 1.53 57.91 14.59
N VAL A 80 0.87 57.30 15.56
CA VAL A 80 -0.46 56.73 15.33
C VAL A 80 -1.48 57.85 15.19
N VAL A 81 -1.83 58.18 13.94
CA VAL A 81 -2.74 59.28 13.67
C VAL A 81 -4.17 58.82 13.88
N GLY A 82 -4.92 59.57 14.69
CA GLY A 82 -6.31 59.26 14.93
C GLY A 82 -7.25 59.95 13.95
N PHE A 83 -8.44 59.36 13.81
CA PHE A 83 -9.46 59.90 12.91
C PHE A 83 -10.80 59.33 13.33
N ALA A 84 -11.83 60.15 13.27
CA ALA A 84 -13.17 59.74 13.70
C ALA A 84 -14.19 60.62 13.00
N ARG A 85 -15.44 60.55 13.46
CA ARG A 85 -16.55 61.32 12.92
C ARG A 85 -17.21 62.15 14.00
N ARG A 86 -16.40 62.80 14.85
CA ARG A 86 -16.92 63.62 15.92
C ARG A 86 -15.92 64.73 16.21
N ASP A 87 -16.44 65.94 16.43
CA ASP A 87 -15.58 67.09 16.68
C ASP A 87 -14.85 66.95 18.01
N TRP A 88 -13.54 67.20 17.99
CA TRP A 88 -12.70 67.14 19.18
C TRP A 88 -11.48 68.00 18.93
N SER A 89 -10.46 67.85 19.78
CA SER A 89 -9.19 68.55 19.63
C SER A 89 -8.05 67.57 19.87
N HIS A 90 -6.83 68.02 19.58
CA HIS A 90 -5.66 67.16 19.73
C HIS A 90 -5.42 66.76 21.19
N ASP A 91 -5.92 67.54 22.15
CA ASP A 91 -5.73 67.23 23.56
C ASP A 91 -6.97 66.69 24.25
N HIS A 92 -8.16 66.94 23.69
CA HIS A 92 -9.38 66.42 24.30
C HIS A 92 -9.54 64.92 24.12
N PHE A 93 -8.78 64.31 23.21
CA PHE A 93 -8.84 62.87 23.00
C PHE A 93 -7.60 62.14 23.50
N ARG A 94 -6.54 62.87 23.84
CA ARG A 94 -5.33 62.22 24.35
C ARG A 94 -5.59 61.55 25.69
N GLU A 95 -6.43 62.16 26.53
CA GLU A 95 -6.80 61.55 27.79
C GLU A 95 -7.76 60.39 27.63
N GLN A 96 -8.42 60.29 26.47
CA GLN A 96 -9.31 59.15 26.22
C GLN A 96 -8.54 57.84 26.16
N MET A 97 -7.31 57.87 25.64
CA MET A 97 -6.48 56.67 25.66
C MET A 97 -6.19 56.23 27.10
N ARG A 98 -5.85 57.18 27.97
CA ARG A 98 -5.63 56.86 29.37
C ARG A 98 -6.91 56.44 30.08
N LYS A 99 -8.08 56.83 29.54
CA LYS A 99 -9.34 56.45 30.15
C LYS A 99 -9.64 54.96 30.02
N GLY A 100 -8.98 54.27 29.09
CA GLY A 100 -9.24 52.86 28.87
C GLY A 100 -8.03 51.97 29.03
N ILE A 101 -6.83 52.54 28.88
CA ILE A 101 -5.61 51.73 28.98
C ILE A 101 -5.45 51.21 30.40
N GLU A 102 -5.59 52.07 31.40
CA GLU A 102 -5.46 51.65 32.79
C GLU A 102 -6.74 51.03 33.33
N GLU A 103 -7.87 51.22 32.67
CA GLU A 103 -9.14 50.65 33.10
C GLU A 103 -9.36 49.24 32.60
N PHE A 104 -8.58 48.78 31.62
CA PHE A 104 -8.73 47.44 31.09
C PHE A 104 -7.41 46.69 30.90
N SER A 105 -6.27 47.36 30.99
CA SER A 105 -4.97 46.70 30.83
C SER A 105 -4.05 47.05 31.99
N THR A 106 -2.77 46.71 31.86
CA THR A 106 -1.81 46.99 32.94
C THR A 106 -1.66 48.48 33.20
N GLY A 107 -1.97 49.33 32.23
CA GLY A 107 -1.88 50.76 32.42
C GLY A 107 -0.46 51.28 32.27
N ILE A 108 -0.31 52.56 32.61
CA ILE A 108 0.99 53.22 32.52
C ILE A 108 1.95 52.66 33.56
N LEU A 121 -0.77 60.34 17.14
CA LEU A 121 -1.57 60.91 18.22
C LEU A 121 -2.14 62.25 17.79
N PHE A 122 -2.30 62.44 16.49
CA PHE A 122 -2.83 63.67 15.92
C PHE A 122 -4.25 63.43 15.44
N TYR A 123 -5.14 64.38 15.71
CA TYR A 123 -6.56 64.25 15.39
C TYR A 123 -6.87 65.06 14.14
N CYS A 124 -7.59 64.44 13.20
CA CYS A 124 -8.00 65.07 11.95
C CYS A 124 -9.46 64.81 11.68
N SER A 125 -10.30 65.04 12.70
CA SER A 125 -11.73 64.80 12.56
C SER A 125 -12.34 65.70 11.49
N GLY A 126 -13.24 65.14 10.70
CA GLY A 126 -13.88 65.88 9.63
C GLY A 126 -15.37 65.62 9.54
N ASN A 127 -15.85 65.33 8.33
CA ASN A 127 -17.28 65.09 8.12
C ASN A 127 -17.43 64.11 6.96
N MET A 128 -17.94 62.91 7.26
CA MET A 128 -18.14 61.90 6.23
C MET A 128 -19.22 62.33 5.25
N ASP A 129 -20.18 63.14 5.69
CA ASP A 129 -21.32 63.52 4.86
C ASP A 129 -20.91 64.60 3.85
N ASP A 130 -19.91 64.24 3.04
CA ASP A 130 -19.41 65.08 1.96
C ASP A 130 -18.56 64.22 1.03
N PRO A 131 -18.80 64.27 -0.28
CA PRO A 131 -18.06 63.41 -1.22
C PRO A 131 -16.64 63.86 -1.50
N GLU A 132 -16.11 64.86 -0.79
CA GLU A 132 -14.75 65.34 -1.03
C GLU A 132 -14.01 65.57 0.28
N SER A 133 -14.41 64.87 1.36
CA SER A 133 -13.76 65.06 2.65
C SER A 133 -12.37 64.43 2.70
N TYR A 134 -12.10 63.42 1.88
CA TYR A 134 -10.82 62.73 1.92
C TYR A 134 -9.67 63.62 1.46
N LEU A 135 -9.93 64.65 0.67
CA LEU A 135 -8.86 65.53 0.21
C LEU A 135 -8.29 66.35 1.36
N LYS A 136 -9.07 66.56 2.43
CA LYS A 136 -8.56 67.28 3.58
C LYS A 136 -7.42 66.54 4.25
N LEU A 137 -7.48 65.21 4.28
CA LEU A 137 -6.41 64.39 4.85
C LEU A 137 -5.14 64.51 4.01
N THR A 150 8.58 57.88 9.31
CA THR A 150 7.43 57.80 8.42
C THR A 150 7.78 57.04 7.14
N ARG A 151 8.68 57.63 6.35
CA ARG A 151 9.17 57.05 5.09
C ARG A 151 8.03 56.81 4.09
N GLY A 152 6.95 57.59 4.20
CA GLY A 152 5.85 57.47 3.26
C GLY A 152 5.11 56.15 3.29
N ASN A 153 4.83 55.63 4.49
CA ASN A 153 4.11 54.38 4.65
C ASN A 153 2.81 54.63 5.42
N ARG A 154 1.78 53.86 5.08
CA ARG A 154 0.47 54.01 5.70
C ARG A 154 -0.16 52.65 5.89
N VAL A 155 -1.03 52.56 6.89
CA VAL A 155 -1.85 51.38 7.15
C VAL A 155 -3.23 51.85 7.57
N PHE A 156 -4.26 51.43 6.85
CA PHE A 156 -5.62 51.88 7.09
C PHE A 156 -6.41 50.84 7.87
N TYR A 157 -7.37 51.33 8.65
CA TYR A 157 -8.28 50.48 9.41
C TYR A 157 -9.72 50.84 9.03
N LEU A 158 -10.58 49.83 9.01
CA LEU A 158 -11.97 49.97 8.60
C LEU A 158 -12.91 49.44 9.67
N ALA A 159 -12.72 49.90 10.90
CA ALA A 159 -13.62 49.52 11.99
C ALA A 159 -14.93 50.29 11.87
N VAL A 160 -15.74 49.95 10.87
CA VAL A 160 -16.95 50.70 10.55
C VAL A 160 -18.17 49.78 10.58
N SER A 161 -19.34 50.33 10.29
CA SER A 161 -20.56 49.55 10.24
C SER A 161 -20.54 48.59 9.06
N PRO A 162 -21.29 47.49 9.14
CA PRO A 162 -21.31 46.53 8.01
C PRO A 162 -21.74 47.14 6.68
N ASN A 163 -22.60 48.15 6.69
CA ASN A 163 -23.12 48.75 5.47
C ASN A 163 -22.34 50.01 5.06
N PHE A 164 -21.05 50.07 5.40
CA PHE A 164 -20.24 51.23 5.06
C PHE A 164 -19.03 50.91 4.18
N PHE A 165 -18.70 49.64 3.98
CA PHE A 165 -17.51 49.31 3.17
C PHE A 165 -17.63 49.75 1.72
N PRO A 166 -18.70 49.47 0.98
CA PRO A 166 -18.74 49.86 -0.43
C PRO A 166 -18.68 51.38 -0.61
N PRO A 167 -19.38 52.16 0.24
CA PRO A 167 -19.07 53.61 0.26
C PRO A 167 -17.63 53.94 0.61
N GLY A 168 -17.01 53.21 1.55
CA GLY A 168 -15.75 53.64 2.11
C GLY A 168 -14.53 53.25 1.28
N ILE A 169 -14.68 52.30 0.37
CA ILE A 169 -13.53 51.87 -0.44
C ILE A 169 -13.54 52.61 -1.78
N LYS A 170 -14.73 52.89 -2.31
CA LYS A 170 -14.83 53.55 -3.61
C LYS A 170 -14.23 54.95 -3.56
N GLN A 171 -14.62 55.74 -2.57
CA GLN A 171 -14.09 57.11 -2.48
C GLN A 171 -12.62 57.11 -2.10
N LEU A 172 -12.17 56.14 -1.29
CA LEU A 172 -10.76 56.05 -0.96
C LEU A 172 -9.92 55.74 -2.19
N GLY A 173 -10.40 54.84 -3.05
CA GLY A 173 -9.71 54.58 -4.30
C GLY A 173 -9.75 55.77 -5.25
N ALA A 174 -10.89 56.48 -5.29
CA ALA A 174 -10.99 57.67 -6.13
C ALA A 174 -10.05 58.77 -5.66
N ALA A 175 -9.76 58.83 -4.36
CA ALA A 175 -8.81 59.82 -3.86
C ALA A 175 -7.43 59.63 -4.45
N GLY A 176 -6.98 58.37 -4.56
CA GLY A 176 -5.68 58.07 -5.08
C GLY A 176 -4.63 57.72 -4.03
N MET A 177 -5.00 57.69 -2.75
CA MET A 177 -4.05 57.31 -1.71
C MET A 177 -3.57 55.87 -1.89
N LEU A 178 -4.48 54.97 -2.24
CA LEU A 178 -4.14 53.56 -2.43
C LEU A 178 -3.71 53.31 -3.88
N SER A 179 -2.61 53.96 -4.26
CA SER A 179 -2.05 53.83 -5.60
C SER A 179 -0.61 53.32 -5.57
N ASP A 180 -0.22 52.66 -4.48
CA ASP A 180 1.12 52.12 -4.33
C ASP A 180 1.05 50.67 -3.90
N PRO A 181 2.03 49.85 -4.30
CA PRO A 181 1.97 48.42 -3.96
C PRO A 181 2.60 48.09 -2.62
N VAL A 182 3.45 48.97 -2.10
CA VAL A 182 4.18 48.69 -0.87
C VAL A 182 3.89 49.69 0.24
N LYS A 183 3.52 50.93 -0.07
CA LYS A 183 3.42 51.95 0.98
C LYS A 183 2.16 51.79 1.82
N SER A 184 1.04 51.40 1.22
CA SER A 184 -0.24 51.42 1.91
C SER A 184 -0.88 50.04 1.90
N ARG A 185 -1.57 49.73 3.00
CA ARG A 185 -2.35 48.51 3.15
C ARG A 185 -3.69 48.87 3.81
N ILE A 186 -4.70 48.05 3.54
CA ILE A 186 -6.04 48.27 4.06
C ILE A 186 -6.57 46.98 4.67
N VAL A 187 -7.16 47.08 5.85
CA VAL A 187 -7.75 45.94 6.54
C VAL A 187 -9.24 46.18 6.70
N ILE A 188 -10.00 45.09 6.75
CA ILE A 188 -11.46 45.14 6.82
C ILE A 188 -11.92 44.34 8.04
N GLU A 189 -13.06 44.74 8.59
CA GLU A 189 -13.60 44.13 9.79
C GLU A 189 -14.68 43.10 9.46
N LYS A 190 -14.76 42.06 10.29
CA LYS A 190 -15.78 41.04 10.13
C LYS A 190 -17.17 41.63 10.36
N PRO A 191 -18.19 41.16 9.61
CA PRO A 191 -18.17 40.07 8.62
C PRO A 191 -17.88 40.53 7.19
N PHE A 192 -17.76 39.58 6.28
CA PHE A 192 -17.52 39.84 4.86
C PHE A 192 -18.65 39.18 4.07
N GLY A 193 -19.76 39.90 3.91
CA GLY A 193 -20.90 39.39 3.20
C GLY A 193 -21.82 38.56 4.07
N ARG A 194 -22.98 38.23 3.51
CA ARG A 194 -23.97 37.40 4.19
C ARG A 194 -24.37 36.16 3.42
N ASP A 195 -24.01 36.04 2.15
CA ASP A 195 -24.22 34.83 1.38
C ASP A 195 -23.22 34.84 0.23
N LEU A 196 -23.37 33.87 -0.68
CA LEU A 196 -22.42 33.75 -1.79
C LEU A 196 -22.49 34.97 -2.70
N SER A 197 -23.69 35.49 -2.94
CA SER A 197 -23.83 36.63 -3.85
C SER A 197 -23.27 37.91 -3.26
N SER A 198 -23.44 38.12 -1.95
CA SER A 198 -22.99 39.36 -1.33
C SER A 198 -21.48 39.45 -1.23
N ALA A 199 -20.80 38.31 -1.04
CA ALA A 199 -19.34 38.32 -0.99
C ALA A 199 -18.72 38.53 -2.36
N GLN A 200 -19.31 37.94 -3.41
CA GLN A 200 -18.79 38.08 -4.75
C GLN A 200 -18.84 39.54 -5.21
N SER A 201 -19.93 40.24 -4.90
CA SER A 201 -20.05 41.63 -5.29
C SER A 201 -19.03 42.49 -4.55
N LEU A 202 -18.80 42.22 -3.26
CA LEU A 202 -17.82 42.98 -2.52
C LEU A 202 -16.39 42.71 -2.99
N ASN A 203 -16.12 41.48 -3.44
CA ASN A 203 -14.78 41.18 -3.95
C ASN A 203 -14.49 41.92 -5.25
N ARG A 204 -15.52 42.23 -6.03
CA ARG A 204 -15.30 42.95 -7.28
C ARG A 204 -14.89 44.40 -7.03
N VAL A 205 -15.48 45.03 -6.01
CA VAL A 205 -15.14 46.42 -5.69
C VAL A 205 -13.69 46.51 -5.22
N VAL A 206 -13.26 45.54 -4.41
CA VAL A 206 -11.88 45.55 -3.90
C VAL A 206 -10.89 45.39 -5.05
N GLN A 207 -11.19 44.49 -6.00
CA GLN A 207 -10.27 44.21 -7.09
C GLN A 207 -10.05 45.40 -8.01
N SER A 208 -10.94 46.38 -8.00
CA SER A 208 -10.83 47.55 -8.86
C SER A 208 -10.11 48.71 -8.20
N VAL A 209 -9.68 48.58 -6.95
CA VAL A 209 -9.06 49.68 -6.23
C VAL A 209 -7.68 49.25 -5.73
N CYS A 210 -7.50 47.96 -5.46
CA CYS A 210 -6.27 47.45 -4.89
C CYS A 210 -5.89 46.15 -5.59
N LYS A 211 -4.75 45.60 -5.19
CA LYS A 211 -4.28 44.29 -5.63
C LYS A 211 -4.50 43.27 -4.54
N GLU A 212 -4.13 42.02 -4.82
CA GLU A 212 -4.23 40.96 -3.82
C GLU A 212 -2.92 40.84 -3.03
N ASN A 213 -2.44 41.97 -2.53
CA ASN A 213 -1.27 42.00 -1.65
C ASN A 213 -1.41 42.98 -0.51
N GLN A 214 -2.45 43.82 -0.48
CA GLN A 214 -2.60 44.86 0.53
C GLN A 214 -3.95 44.81 1.22
N VAL A 215 -4.69 43.71 1.09
CA VAL A 215 -6.01 43.55 1.70
C VAL A 215 -5.91 42.47 2.76
N TYR A 216 -6.35 42.79 3.98
CA TYR A 216 -6.34 41.85 5.10
C TYR A 216 -7.75 41.76 5.66
N ARG A 217 -8.29 40.55 5.72
CA ARG A 217 -9.64 40.30 6.22
C ARG A 217 -9.56 39.56 7.54
N ILE A 218 -10.20 40.12 8.57
CA ILE A 218 -10.16 39.55 9.91
C ILE A 218 -11.45 38.76 10.10
N ASP A 219 -11.37 37.45 9.92
CA ASP A 219 -12.52 36.55 10.12
C ASP A 219 -12.42 35.81 11.44
N HIS A 220 -11.29 35.15 11.69
CA HIS A 220 -11.11 34.35 12.89
C HIS A 220 -9.64 34.38 13.29
N TYR A 221 -9.38 33.95 14.52
CA TYR A 221 -8.01 33.88 15.07
C TYR A 221 -7.80 32.47 15.59
N LEU A 222 -7.04 31.67 14.85
CA LEU A 222 -6.73 30.31 15.27
C LEU A 222 -5.44 30.21 16.07
N GLY A 223 -4.46 31.04 15.76
CA GLY A 223 -3.19 31.02 16.47
C GLY A 223 -2.03 30.60 15.60
N LYS A 224 -0.91 31.31 15.71
CA LYS A 224 0.25 30.97 14.89
C LYS A 224 0.92 29.68 15.37
N GLU A 225 0.93 29.45 16.68
CA GLU A 225 1.58 28.28 17.25
C GLU A 225 0.70 27.03 17.18
N THR A 226 -0.59 27.17 16.92
CA THR A 226 -1.47 26.01 16.79
C THR A 226 -1.41 25.42 15.38
N VAL A 227 -1.29 26.27 14.35
CA VAL A 227 -1.17 25.78 12.99
C VAL A 227 0.17 25.08 12.79
N GLN A 228 1.25 25.65 13.34
CA GLN A 228 2.57 25.08 13.15
C GLN A 228 2.78 23.80 13.96
N ASN A 229 2.04 23.63 15.05
CA ASN A 229 2.13 22.40 15.83
C ASN A 229 1.58 21.21 15.04
N LEU A 230 0.52 21.44 14.26
CA LEU A 230 -0.08 20.36 13.47
C LEU A 230 0.75 20.01 12.24
N MET A 231 1.36 21.00 11.59
CA MET A 231 2.12 20.74 10.37
C MET A 231 3.38 19.92 10.64
N VAL A 232 4.05 20.17 11.77
CA VAL A 232 5.24 19.41 12.13
C VAL A 232 4.91 17.99 12.54
N PHE A 233 3.71 17.74 13.05
CA PHE A 233 3.32 16.41 13.52
C PHE A 233 3.07 15.44 12.37
N ARG A 234 2.27 15.85 11.38
CA ARG A 234 1.94 14.95 10.28
C ARG A 234 3.10 14.79 9.30
N PHE A 235 3.75 15.89 8.96
CA PHE A 235 4.66 15.94 7.81
C PHE A 235 6.12 15.73 8.18
N ALA A 236 6.43 15.49 9.45
CA ALA A 236 7.81 15.19 9.85
C ALA A 236 7.94 13.81 10.48
N ASN A 237 6.93 12.96 10.37
CA ASN A 237 6.94 11.61 10.93
C ASN A 237 6.58 10.62 9.84
N ALA A 238 7.36 9.53 9.77
CA ALA A 238 7.16 8.48 8.79
C ALA A 238 6.25 7.36 9.30
N ILE A 239 5.48 7.63 10.37
CA ILE A 239 4.64 6.61 10.98
C ILE A 239 3.16 6.93 10.91
N PHE A 240 2.78 8.15 10.55
CA PHE A 240 1.37 8.55 10.53
C PHE A 240 0.83 8.82 9.14
N GLU A 241 1.65 9.31 8.21
CA GLU A 241 1.15 9.65 6.88
C GLU A 241 0.55 8.48 6.12
N PRO A 242 1.13 7.28 6.09
CA PRO A 242 0.50 6.18 5.34
C PRO A 242 -0.89 5.80 5.84
N LEU A 243 -1.25 6.15 7.07
CA LEU A 243 -2.55 5.77 7.62
C LEU A 243 -3.63 6.82 7.38
N TRP A 244 -3.31 7.93 6.71
CA TRP A 244 -4.29 8.98 6.45
C TRP A 244 -4.83 8.84 5.03
N ASN A 245 -5.71 7.85 4.85
CA ASN A 245 -6.34 7.63 3.56
C ASN A 245 -7.57 6.76 3.76
N ARG A 246 -8.30 6.52 2.67
CA ARG A 246 -9.57 5.81 2.73
C ARG A 246 -9.43 4.34 3.09
N GLN A 247 -8.24 3.76 2.92
CA GLN A 247 -8.07 2.33 3.13
C GLN A 247 -8.07 1.93 4.60
N PHE A 248 -7.78 2.87 5.52
CA PHE A 248 -7.66 2.54 6.93
C PHE A 248 -8.57 3.34 7.85
N VAL A 249 -9.09 4.49 7.41
CA VAL A 249 -9.89 5.36 8.27
C VAL A 249 -11.37 5.08 8.06
N ASP A 250 -12.14 5.18 9.14
CA ASP A 250 -13.57 4.93 9.14
C ASP A 250 -14.38 6.21 9.04
N HIS A 251 -14.19 7.14 9.98
CA HIS A 251 -14.84 8.45 9.92
C HIS A 251 -14.09 9.40 10.84
N VAL A 252 -14.37 10.70 10.68
CA VAL A 252 -13.71 11.75 11.44
C VAL A 252 -14.77 12.62 12.09
N GLN A 253 -14.44 13.20 13.25
CA GLN A 253 -15.33 14.08 13.99
C GLN A 253 -14.60 15.33 14.42
N ILE A 254 -15.29 16.48 14.34
CA ILE A 254 -14.76 17.77 14.77
C ILE A 254 -15.80 18.43 15.65
N THR A 255 -15.37 18.98 16.79
CA THR A 255 -16.27 19.53 17.78
C THR A 255 -15.71 20.82 18.37
N VAL A 256 -16.56 21.84 18.49
CA VAL A 256 -16.23 23.08 19.17
C VAL A 256 -17.39 23.40 20.12
N ALA A 257 -17.08 23.52 21.40
CA ALA A 257 -18.11 23.69 22.43
C ALA A 257 -17.89 25.00 23.19
N GLU A 258 -18.98 25.49 23.78
CA GLU A 258 -18.94 26.72 24.56
C GLU A 258 -19.92 26.60 25.72
N THR A 259 -19.72 27.44 26.74
CA THR A 259 -20.56 27.40 27.93
C THR A 259 -21.20 28.75 28.22
N VAL A 260 -21.20 29.67 27.27
CA VAL A 260 -21.77 31.00 27.46
C VAL A 260 -22.84 31.25 26.40
N GLY A 261 -23.93 31.87 26.81
CA GLY A 261 -24.93 32.36 25.88
C GLY A 261 -24.62 33.78 25.43
N VAL A 262 -25.50 34.30 24.59
CA VAL A 262 -25.34 35.68 24.13
C VAL A 262 -25.51 36.62 25.32
N GLU A 263 -24.42 37.30 25.69
CA GLU A 263 -24.43 38.12 26.90
C GLU A 263 -25.01 39.51 26.63
N GLU A 264 -24.36 40.27 25.76
CA GLU A 264 -24.83 41.59 25.37
C GLU A 264 -24.97 41.77 23.86
N ARG A 265 -24.39 40.89 23.05
CA ARG A 265 -24.48 41.02 21.61
C ARG A 265 -25.80 40.44 21.09
N ALA A 266 -26.92 40.88 21.66
CA ALA A 266 -28.22 40.40 21.20
C ALA A 266 -28.60 40.99 19.85
N GLY A 267 -28.12 42.20 19.55
CA GLY A 267 -28.43 42.82 18.27
C GLY A 267 -27.68 42.24 17.11
N TYR A 268 -26.54 41.60 17.35
CA TYR A 268 -25.75 40.99 16.28
C TYR A 268 -26.10 39.53 16.07
N TYR A 269 -26.22 38.76 17.16
CA TYR A 269 -26.50 37.33 17.04
C TYR A 269 -27.89 37.07 16.48
N GLU A 270 -28.79 38.05 16.54
CA GLU A 270 -30.14 37.85 16.03
C GLU A 270 -30.14 37.60 14.53
N SER A 271 -29.30 38.32 13.79
CA SER A 271 -29.22 38.19 12.34
C SER A 271 -28.07 37.31 11.89
N ALA A 272 -27.39 36.63 12.81
CA ALA A 272 -26.23 35.81 12.48
C ALA A 272 -26.55 34.31 12.54
N GLY A 273 -27.05 33.83 13.67
CA GLY A 273 -27.25 32.41 13.84
C GLY A 273 -25.95 31.70 14.17
N ALA A 274 -26.00 30.36 14.07
CA ALA A 274 -24.84 29.54 14.36
C ALA A 274 -24.17 28.98 13.10
N LEU A 275 -24.74 29.21 11.92
CA LEU A 275 -24.09 28.79 10.69
C LEU A 275 -23.25 29.90 10.08
N ARG A 276 -23.67 31.15 10.28
CA ARG A 276 -22.94 32.31 9.81
C ARG A 276 -21.89 32.81 10.79
N ASP A 277 -21.85 32.24 12.00
CA ASP A 277 -20.98 32.72 13.06
C ASP A 277 -19.73 31.86 13.26
N MET A 278 -19.88 30.54 13.31
CA MET A 278 -18.76 29.68 13.66
C MET A 278 -18.51 28.60 12.62
N VAL A 279 -19.56 28.14 11.94
CA VAL A 279 -19.41 27.02 11.01
C VAL A 279 -18.59 27.43 9.80
N GLN A 280 -18.87 28.60 9.23
CA GLN A 280 -18.14 29.02 8.04
C GLN A 280 -16.72 29.47 8.36
N ASN A 281 -16.54 30.16 9.49
CA ASN A 281 -15.23 30.71 9.83
C ASN A 281 -14.33 29.69 10.50
N HIS A 282 -14.74 29.17 11.65
CA HIS A 282 -13.84 28.37 12.49
C HIS A 282 -13.76 26.92 12.02
N LEU A 283 -14.89 26.21 12.03
CA LEU A 283 -14.88 24.78 11.74
C LEU A 283 -14.48 24.46 10.31
N MET A 284 -14.53 25.43 9.40
CA MET A 284 -14.09 25.20 8.04
C MET A 284 -12.59 25.36 7.87
N GLN A 285 -11.88 25.82 8.89
CA GLN A 285 -10.43 25.92 8.85
C GLN A 285 -9.73 24.78 9.57
N LEU A 286 -10.36 24.21 10.61
CA LEU A 286 -9.85 22.98 11.19
C LEU A 286 -10.10 21.80 10.27
N PHE A 287 -11.14 21.86 9.43
CA PHE A 287 -11.44 20.78 8.51
C PHE A 287 -10.44 20.72 7.36
N CYS A 288 -9.96 21.87 6.89
CA CYS A 288 -9.03 21.89 5.78
C CYS A 288 -7.62 21.46 6.18
N LEU A 289 -7.26 21.63 7.45
CA LEU A 289 -5.93 21.24 7.90
C LEU A 289 -5.79 19.73 8.07
N THR A 290 -6.90 19.03 8.33
CA THR A 290 -6.87 17.58 8.56
C THR A 290 -7.28 16.79 7.33
N ALA A 291 -7.37 17.43 6.15
CA ALA A 291 -7.77 16.74 4.94
C ALA A 291 -6.97 17.13 3.71
N MET A 292 -5.91 17.93 3.85
CA MET A 292 -5.16 18.43 2.72
C MET A 292 -3.91 17.58 2.46
N ASP A 293 -3.31 17.80 1.29
CA ASP A 293 -2.12 17.12 0.80
C ASP A 293 -0.86 17.83 1.29
N PRO A 294 0.27 17.13 1.34
CA PRO A 294 1.51 17.75 1.83
C PRO A 294 1.99 18.84 0.90
N PRO A 295 2.20 20.05 1.41
CA PRO A 295 2.74 21.12 0.57
C PRO A 295 4.24 20.94 0.33
N ASN A 296 4.73 21.67 -0.67
CA ASN A 296 6.16 21.65 -0.97
C ASN A 296 6.98 22.50 -0.01
N ALA A 297 6.34 23.43 0.71
CA ALA A 297 7.04 24.29 1.65
C ALA A 297 6.02 24.86 2.64
N ILE A 298 6.55 25.44 3.72
CA ILE A 298 5.71 26.05 4.75
C ILE A 298 5.42 27.52 4.46
N ASP A 299 5.94 28.04 3.33
CA ASP A 299 5.67 29.42 2.92
C ASP A 299 4.17 29.68 2.92
N ALA A 300 3.81 30.95 3.16
CA ALA A 300 2.41 31.30 3.41
C ALA A 300 1.53 30.96 2.21
N ASP A 301 2.00 31.23 0.99
CA ASP A 301 1.22 30.95 -0.20
C ASP A 301 1.38 29.54 -0.71
N SER A 302 2.20 28.71 -0.06
CA SER A 302 2.34 27.31 -0.43
C SER A 302 1.37 26.40 0.33
N ILE A 303 0.68 26.92 1.33
CA ILE A 303 -0.31 26.16 2.08
C ILE A 303 -1.72 26.52 1.69
N ARG A 304 -1.95 27.79 1.33
CA ARG A 304 -3.28 28.22 0.92
C ARG A 304 -3.71 27.56 -0.37
N ASN A 305 -2.77 27.23 -1.26
CA ASN A 305 -3.12 26.52 -2.48
C ASN A 305 -3.69 25.13 -2.17
N GLU A 306 -3.03 24.40 -1.26
CA GLU A 306 -3.54 23.08 -0.88
C GLU A 306 -4.82 23.18 -0.07
N LYS A 307 -4.99 24.26 0.69
CA LYS A 307 -6.25 24.44 1.41
C LYS A 307 -7.41 24.75 0.47
N VAL A 308 -7.13 25.53 -0.59
CA VAL A 308 -8.17 25.84 -1.57
C VAL A 308 -8.52 24.61 -2.40
N LYS A 309 -7.51 23.81 -2.77
CA LYS A 309 -7.75 22.67 -3.64
C LYS A 309 -8.70 21.66 -3.02
N VAL A 310 -8.66 21.50 -1.70
CA VAL A 310 -9.52 20.51 -1.05
C VAL A 310 -10.94 21.03 -0.86
N LEU A 311 -11.15 22.34 -0.90
CA LEU A 311 -12.50 22.90 -0.79
C LEU A 311 -13.29 22.81 -2.09
N GLN A 312 -12.66 22.44 -3.19
CA GLN A 312 -13.33 22.31 -4.47
C GLN A 312 -13.88 20.91 -4.72
N ALA A 313 -13.58 19.95 -3.84
CA ALA A 313 -14.13 18.61 -3.93
C ALA A 313 -15.11 18.30 -2.80
N THR A 314 -15.44 19.28 -1.97
CA THR A 314 -16.29 19.08 -0.80
C THR A 314 -17.74 19.37 -1.14
N ARG A 315 -18.64 18.53 -0.62
CA ARG A 315 -20.06 18.68 -0.84
C ARG A 315 -20.81 18.14 0.36
N LEU A 316 -22.07 18.53 0.49
CA LEU A 316 -22.92 17.96 1.52
C LEU A 316 -23.26 16.51 1.18
N ALA A 317 -23.55 15.72 2.22
CA ALA A 317 -23.83 14.31 2.03
C ALA A 317 -25.08 14.09 1.20
N ASP A 318 -26.15 14.84 1.47
CA ASP A 318 -27.40 14.70 0.74
C ASP A 318 -27.91 16.08 0.37
N ILE A 319 -28.31 16.25 -0.89
CA ILE A 319 -28.78 17.53 -1.39
C ILE A 319 -30.29 17.53 -1.59
N ASN A 320 -30.86 16.41 -2.02
CA ASN A 320 -32.30 16.35 -2.27
C ASN A 320 -33.09 16.43 -0.97
N ASN A 321 -32.71 15.63 0.02
CA ASN A 321 -33.38 15.58 1.31
C ASN A 321 -32.47 16.22 2.35
N LEU A 322 -32.75 17.47 2.69
CA LEU A 322 -31.91 18.21 3.63
C LEU A 322 -32.25 17.88 5.07
N GLU A 323 -32.30 16.58 5.39
CA GLU A 323 -32.45 16.12 6.77
C GLU A 323 -31.44 15.06 7.15
N ASN A 324 -30.74 14.46 6.19
CA ASN A 324 -29.63 13.56 6.46
C ASN A 324 -28.30 14.28 6.50
N ALA A 325 -28.29 15.61 6.34
CA ALA A 325 -27.06 16.38 6.31
C ALA A 325 -27.18 17.71 7.04
N GLY A 326 -28.02 17.77 8.08
CA GLY A 326 -28.11 19.00 8.85
C GLY A 326 -29.20 19.05 9.90
N ILE A 327 -28.85 19.53 11.10
CA ILE A 327 -29.78 19.74 12.20
C ILE A 327 -29.48 21.09 12.83
N ARG A 328 -30.47 21.64 13.52
CA ARG A 328 -30.33 22.90 14.24
C ARG A 328 -30.94 22.76 15.64
N GLY A 329 -30.93 23.85 16.39
CA GLY A 329 -31.46 23.80 17.74
C GLY A 329 -31.44 25.16 18.40
N GLN A 330 -31.93 25.20 19.63
CA GLN A 330 -32.00 26.43 20.42
C GLN A 330 -32.17 26.06 21.90
N TYR A 331 -31.38 26.67 22.78
CA TYR A 331 -31.32 26.19 24.15
C TYR A 331 -32.46 26.80 24.99
N LYS A 332 -32.90 26.01 25.97
CA LYS A 332 -33.97 26.38 26.89
C LYS A 332 -33.37 26.79 28.24
N ALA A 333 -34.24 27.00 29.23
CA ALA A 333 -33.79 27.28 30.58
C ALA A 333 -33.30 26.00 31.25
N GLY A 334 -32.34 26.15 32.15
CA GLY A 334 -31.76 25.00 32.80
C GLY A 334 -30.81 25.40 33.91
N TRP A 335 -29.95 24.46 34.28
CA TRP A 335 -29.00 24.64 35.36
C TRP A 335 -27.58 24.73 34.79
N MET A 336 -26.87 25.79 35.17
CA MET A 336 -25.51 26.01 34.69
C MET A 336 -24.64 26.48 35.85
N GLY A 337 -23.64 25.68 36.19
CA GLY A 337 -22.73 26.04 37.27
C GLY A 337 -23.38 26.14 38.63
N GLY A 338 -24.37 25.31 38.90
CA GLY A 338 -25.07 25.35 40.17
C GLY A 338 -26.10 26.44 40.32
N LYS A 339 -26.34 27.23 39.28
CA LYS A 339 -27.32 28.31 39.32
C LYS A 339 -28.24 28.21 38.10
N PRO A 340 -29.50 28.63 38.24
CA PRO A 340 -30.40 28.62 37.08
C PRO A 340 -30.04 29.72 36.09
N VAL A 341 -30.38 29.48 34.83
CA VAL A 341 -30.13 30.43 33.76
C VAL A 341 -31.39 30.58 32.93
N PRO A 342 -31.63 31.74 32.32
CA PRO A 342 -32.85 31.92 31.52
C PRO A 342 -32.71 31.34 30.13
N GLY A 343 -33.86 31.14 29.48
CA GLY A 343 -33.88 30.65 28.12
C GLY A 343 -33.50 31.71 27.11
N TYR A 344 -33.27 31.27 25.88
CA TYR A 344 -32.82 32.19 24.84
C TYR A 344 -33.89 33.22 24.50
N ARG A 345 -35.16 32.79 24.42
CA ARG A 345 -36.22 33.70 24.01
C ARG A 345 -36.60 34.69 25.09
N GLU A 346 -36.23 34.44 26.34
CA GLU A 346 -36.53 35.33 27.44
C GLU A 346 -35.39 36.29 27.76
N GLU A 347 -34.29 36.23 27.02
CA GLU A 347 -33.18 37.13 27.26
C GLU A 347 -33.50 38.53 26.74
N PRO A 348 -32.91 39.58 27.32
CA PRO A 348 -33.18 40.93 26.85
C PRO A 348 -32.71 41.15 25.42
N GLY A 349 -33.48 41.95 24.68
CA GLY A 349 -33.13 42.29 23.31
C GLY A 349 -33.46 41.25 22.26
N VAL A 350 -34.10 40.15 22.65
CA VAL A 350 -34.41 39.05 21.74
C VAL A 350 -35.92 39.00 21.56
N ASP A 351 -36.36 38.90 20.31
CA ASP A 351 -37.78 38.82 20.02
C ASP A 351 -38.37 37.55 20.65
N PRO A 352 -39.56 37.62 21.23
CA PRO A 352 -40.11 36.44 21.94
C PRO A 352 -40.35 35.23 21.04
N SER A 353 -40.43 35.41 19.73
CA SER A 353 -40.65 34.30 18.79
C SER A 353 -39.65 34.42 17.65
N SER A 354 -38.47 33.82 17.83
CA SER A 354 -37.42 33.84 16.83
C SER A 354 -36.83 32.45 16.68
N THR A 355 -36.25 32.17 15.51
CA THR A 355 -35.65 30.85 15.27
C THR A 355 -34.17 30.86 15.64
N THR A 356 -33.38 31.66 14.92
CA THR A 356 -31.99 32.00 15.27
C THR A 356 -31.21 30.79 15.77
N PRO A 357 -30.84 29.86 14.90
CA PRO A 357 -30.23 28.60 15.37
C PRO A 357 -28.99 28.85 16.22
N THR A 358 -28.89 28.09 17.31
CA THR A 358 -27.75 28.11 18.22
C THR A 358 -26.87 26.89 18.09
N PHE A 359 -27.47 25.72 17.83
CA PHE A 359 -26.76 24.48 17.54
C PHE A 359 -26.76 24.24 16.04
N ALA A 360 -25.77 23.48 15.58
CA ALA A 360 -25.65 23.19 14.16
C ALA A 360 -24.75 21.96 13.98
N ALA A 361 -25.27 20.93 13.32
CA ALA A 361 -24.52 19.73 13.00
C ALA A 361 -24.64 19.46 11.51
N LEU A 362 -23.51 19.16 10.86
CA LEU A 362 -23.47 18.94 9.43
C LEU A 362 -22.66 17.69 9.11
N LYS A 363 -22.88 17.15 7.91
CA LYS A 363 -22.16 16.00 7.42
C LYS A 363 -21.64 16.30 6.02
N LEU A 364 -20.35 16.06 5.80
CA LEU A 364 -19.68 16.43 4.56
C LEU A 364 -19.04 15.19 3.92
N MET A 365 -18.77 15.31 2.62
CA MET A 365 -18.08 14.26 1.88
C MET A 365 -17.10 14.90 0.90
N VAL A 366 -15.97 14.21 0.69
CA VAL A 366 -14.92 14.66 -0.20
C VAL A 366 -14.70 13.60 -1.27
N ASP A 367 -14.61 14.02 -2.53
CA ASP A 367 -14.51 13.12 -3.67
C ASP A 367 -13.17 13.30 -4.37
N ASN A 368 -12.17 12.52 -3.95
CA ASN A 368 -10.89 12.47 -4.64
C ASN A 368 -10.28 11.09 -4.42
N TRP A 369 -9.02 10.93 -4.84
CA TRP A 369 -8.36 9.63 -4.78
C TRP A 369 -8.00 9.20 -3.37
N ARG A 370 -8.11 10.09 -2.38
CA ARG A 370 -7.69 9.80 -1.01
C ARG A 370 -8.84 9.66 -0.03
N TRP A 371 -9.86 10.52 -0.12
CA TRP A 371 -10.93 10.58 0.88
C TRP A 371 -12.27 10.12 0.33
N GLN A 372 -12.28 9.11 -0.54
CA GLN A 372 -13.54 8.61 -1.08
C GLN A 372 -14.19 7.64 -0.10
N GLY A 373 -15.46 7.90 0.23
CA GLY A 373 -16.20 7.03 1.11
C GLY A 373 -16.05 7.31 2.59
N VAL A 374 -15.28 8.31 2.96
CA VAL A 374 -15.02 8.66 4.37
C VAL A 374 -15.83 9.92 4.68
N PRO A 375 -16.86 9.83 5.53
CA PRO A 375 -17.63 11.02 5.90
C PRO A 375 -16.97 11.82 7.01
N PHE A 376 -17.39 13.08 7.11
CA PHE A 376 -16.93 14.00 8.15
C PHE A 376 -18.14 14.54 8.90
N TYR A 377 -18.02 14.64 10.23
CA TYR A 377 -19.08 15.13 11.08
C TYR A 377 -18.61 16.38 11.82
N LEU A 378 -19.40 17.45 11.74
CA LEU A 378 -19.07 18.73 12.35
C LEU A 378 -20.17 19.10 13.34
N ARG A 379 -19.78 19.57 14.52
CA ARG A 379 -20.73 19.91 15.57
C ARG A 379 -20.26 21.14 16.32
N THR A 380 -21.21 22.04 16.63
CA THR A 380 -20.91 23.23 17.40
C THR A 380 -22.19 23.68 18.11
N GLY A 381 -22.02 24.50 19.14
CA GLY A 381 -23.17 24.98 19.87
C GLY A 381 -22.76 25.84 21.04
N LYS A 382 -23.76 26.32 21.77
CA LYS A 382 -23.59 27.15 22.95
C LYS A 382 -24.28 26.51 24.14
N ARG A 383 -23.90 26.97 25.34
CA ARG A 383 -24.44 26.47 26.60
C ARG A 383 -24.19 24.98 26.78
N MET A 384 -23.10 24.48 26.22
CA MET A 384 -22.70 23.10 26.41
C MET A 384 -22.09 22.91 27.80
N PRO A 385 -22.05 21.68 28.31
CA PRO A 385 -21.57 21.48 29.69
C PRO A 385 -20.15 21.97 29.93
N LYS A 386 -19.26 21.85 28.94
CA LYS A 386 -17.87 22.23 29.12
C LYS A 386 -17.32 22.80 27.83
N LYS A 387 -16.20 23.52 27.94
CA LYS A 387 -15.55 24.19 26.82
C LYS A 387 -14.38 23.33 26.35
N VAL A 388 -14.50 22.77 25.15
CA VAL A 388 -13.50 21.88 24.58
C VAL A 388 -13.40 22.12 23.08
N SER A 389 -12.41 21.49 22.46
CA SER A 389 -12.23 21.50 21.00
C SER A 389 -11.31 20.33 20.66
N GLU A 390 -11.75 19.47 19.75
CA GLU A 390 -11.02 18.23 19.50
C GLU A 390 -11.23 17.77 18.08
N ILE A 391 -10.32 16.92 17.61
CA ILE A 391 -10.43 16.21 16.34
C ILE A 391 -10.16 14.74 16.63
N ALA A 392 -11.07 13.87 16.21
CA ALA A 392 -10.99 12.45 16.50
C ALA A 392 -10.99 11.66 15.20
N ILE A 393 -10.00 10.80 15.01
CA ILE A 393 -9.86 9.95 13.83
C ILE A 393 -9.98 8.51 14.28
N GLN A 394 -10.93 7.77 13.73
CA GLN A 394 -11.21 6.40 14.11
C GLN A 394 -10.92 5.47 12.93
N PHE A 395 -10.20 4.39 13.20
CA PHE A 395 -9.76 3.46 12.17
C PHE A 395 -10.73 2.29 12.05
N ARG A 396 -10.43 1.40 11.10
CA ARG A 396 -11.32 0.30 10.78
C ARG A 396 -11.24 -0.78 11.85
N GLN A 397 -12.06 -1.82 11.68
CA GLN A 397 -11.99 -3.00 12.52
C GLN A 397 -10.97 -3.98 11.94
N VAL A 398 -10.37 -4.77 12.83
CA VAL A 398 -9.27 -5.65 12.40
C VAL A 398 -9.80 -6.69 11.43
N PRO A 399 -9.11 -6.95 10.30
CA PRO A 399 -9.57 -7.92 9.31
C PRO A 399 -9.34 -9.39 9.69
N LEU A 400 -9.80 -9.75 10.88
CA LEU A 400 -9.74 -11.13 11.35
C LEU A 400 -10.60 -11.23 12.60
N LEU A 401 -10.89 -12.47 13.01
CA LEU A 401 -11.71 -12.70 14.19
C LEU A 401 -11.17 -13.82 15.07
N ILE A 402 -9.87 -14.10 15.02
CA ILE A 402 -9.29 -15.12 15.90
C ILE A 402 -9.33 -14.68 17.34
N PHE A 403 -9.55 -13.39 17.61
CA PHE A 403 -9.73 -12.87 18.95
C PHE A 403 -11.21 -12.53 19.13
N GLN A 404 -11.99 -13.54 19.52
CA GLN A 404 -13.40 -13.31 19.79
C GLN A 404 -13.58 -12.39 21.00
N SER A 405 -12.83 -12.63 22.06
CA SER A 405 -12.86 -11.83 23.29
C SER A 405 -14.27 -11.71 23.85
N ALA A 410 -13.44 -6.26 20.20
CA ALA A 410 -12.28 -5.48 19.80
C ALA A 410 -12.69 -4.09 19.31
N ASN A 411 -12.62 -3.11 20.21
CA ASN A 411 -13.00 -1.75 19.84
C ASN A 411 -12.00 -1.15 18.87
N PRO A 412 -12.46 -0.30 17.95
CA PRO A 412 -11.54 0.31 16.99
C PRO A 412 -10.61 1.33 17.65
N ASN A 413 -9.48 1.55 17.00
CA ASN A 413 -8.47 2.49 17.50
C ASN A 413 -8.88 3.92 17.18
N VAL A 414 -8.57 4.83 18.12
CA VAL A 414 -8.89 6.24 17.98
C VAL A 414 -7.64 7.07 18.25
N LEU A 415 -7.42 8.09 17.44
CA LEU A 415 -6.33 9.04 17.62
C LEU A 415 -6.92 10.43 17.75
N SER A 416 -6.66 11.09 18.87
CA SER A 416 -7.24 12.39 19.18
C SER A 416 -6.19 13.48 19.08
N LEU A 417 -6.68 14.72 18.98
CA LEU A 417 -5.83 15.92 18.88
C LEU A 417 -6.55 17.04 19.64
N ARG A 418 -6.20 17.21 20.91
CA ARG A 418 -6.80 18.25 21.73
C ARG A 418 -6.23 19.61 21.39
N ILE A 419 -7.09 20.62 21.40
CA ILE A 419 -6.70 21.96 20.95
C ILE A 419 -6.91 23.00 22.03
N GLN A 420 -8.17 23.22 22.41
CA GLN A 420 -8.51 24.37 23.27
C GLN A 420 -8.10 24.16 24.72
N PRO A 421 -8.58 23.12 25.42
CA PRO A 421 -8.30 23.06 26.87
C PRO A 421 -6.83 22.83 27.19
N ASN A 422 -6.23 21.77 26.62
CA ASN A 422 -4.82 21.47 26.87
C ASN A 422 -4.27 20.81 25.62
N GLU A 423 -3.38 21.52 24.91
CA GLU A 423 -2.82 20.99 23.69
C GLU A 423 -2.05 19.71 23.97
N GLY A 424 -2.19 18.74 23.07
CA GLY A 424 -1.51 17.47 23.24
C GLY A 424 -1.98 16.46 22.21
N ILE A 425 -1.53 15.22 22.40
CA ILE A 425 -1.81 14.11 21.50
C ILE A 425 -2.11 12.88 22.33
N SER A 426 -3.13 12.12 21.94
CA SER A 426 -3.52 10.90 22.62
C SER A 426 -3.67 9.77 21.62
N LEU A 427 -3.44 8.55 22.08
CA LEU A 427 -3.54 7.35 21.24
C LEU A 427 -4.05 6.20 22.08
N ARG A 428 -5.02 5.46 21.54
CA ARG A 428 -5.69 4.39 22.26
C ARG A 428 -5.63 3.11 21.45
N PHE A 429 -5.33 2.00 22.12
CA PHE A 429 -5.21 0.70 21.47
C PHE A 429 -5.62 -0.38 22.47
N GLU A 430 -5.42 -1.64 22.09
CA GLU A 430 -5.90 -2.78 22.85
C GLU A 430 -4.73 -3.60 23.39
N ALA A 431 -4.87 -4.06 24.63
CA ALA A 431 -3.86 -4.88 25.28
C ALA A 431 -4.55 -6.02 26.02
N LYS A 432 -3.79 -7.09 26.27
CA LYS A 432 -4.35 -8.28 26.90
C LYS A 432 -4.56 -8.06 28.39
N MET A 433 -5.69 -8.54 28.90
CA MET A 433 -5.98 -8.46 30.33
C MET A 433 -5.25 -9.58 31.06
N PRO A 434 -4.52 -9.27 32.14
CA PRO A 434 -3.77 -10.33 32.84
C PRO A 434 -4.70 -11.39 33.41
N GLY A 435 -4.24 -12.62 33.38
CA GLY A 435 -5.03 -13.75 33.85
C GLY A 435 -4.61 -15.01 33.09
N SER A 436 -5.59 -15.90 32.91
CA SER A 436 -5.39 -17.14 32.18
C SER A 436 -6.34 -17.32 31.01
N GLU A 437 -7.23 -16.36 30.77
CA GLU A 437 -8.18 -16.41 29.66
C GLU A 437 -7.98 -15.22 28.76
N LEU A 438 -8.09 -15.45 27.44
CA LEU A 438 -7.84 -14.41 26.45
C LEU A 438 -8.95 -13.37 26.52
N ARG A 439 -8.68 -12.26 27.21
CA ARG A 439 -9.55 -11.11 27.25
C ARG A 439 -8.72 -9.85 27.03
N THR A 440 -9.28 -8.89 26.31
CA THR A 440 -8.58 -7.66 25.97
C THR A 440 -9.24 -6.47 26.64
N ARG A 441 -8.43 -5.47 26.95
CA ARG A 441 -8.89 -4.22 27.56
C ARG A 441 -8.52 -3.06 26.63
N THR A 442 -8.77 -1.84 27.10
CA THR A 442 -8.44 -0.62 26.36
C THR A 442 -7.48 0.21 27.18
N VAL A 443 -6.35 0.58 26.58
CA VAL A 443 -5.33 1.37 27.27
C VAL A 443 -5.16 2.69 26.51
N ASP A 444 -4.29 3.54 27.05
CA ASP A 444 -4.15 4.89 26.54
C ASP A 444 -2.69 5.35 26.62
N MET A 445 -2.32 6.27 25.73
CA MET A 445 -1.04 6.95 25.75
C MET A 445 -1.27 8.44 25.62
N ASP A 446 -0.47 9.23 26.32
CA ASP A 446 -0.68 10.68 26.39
C ASP A 446 0.62 11.43 26.16
N PHE A 447 0.47 12.70 25.78
CA PHE A 447 1.59 13.62 25.63
C PHE A 447 1.05 15.04 25.66
N SER A 448 1.58 15.86 26.55
CA SER A 448 1.10 17.23 26.73
C SER A 448 2.19 18.21 26.37
N TYR A 449 1.84 19.22 25.56
CA TYR A 449 2.82 20.23 25.16
C TYR A 449 3.24 21.10 26.35
N GLY A 450 2.28 21.47 27.19
CA GLY A 450 2.60 22.36 28.31
C GLY A 450 3.53 21.73 29.32
N SER A 451 3.30 20.46 29.66
CA SER A 451 4.13 19.76 30.62
C SER A 451 5.41 19.24 29.96
N ALA A 460 -4.83 37.88 21.83
CA ALA A 460 -5.40 37.57 20.53
C ALA A 460 -5.02 38.61 19.49
N TYR A 461 -5.42 39.87 19.73
CA TYR A 461 -5.12 40.94 18.81
C TYR A 461 -3.64 41.28 18.75
N HIS A 462 -2.85 40.84 19.73
CA HIS A 462 -1.43 41.17 19.75
C HIS A 462 -0.70 40.56 18.57
N ARG A 463 -1.05 39.33 18.18
CA ARG A 463 -0.35 38.66 17.09
C ARG A 463 -0.78 39.19 15.73
N LEU A 464 -2.05 39.59 15.59
CA LEU A 464 -2.54 40.05 14.29
C LEU A 464 -1.83 41.33 13.86
N LEU A 465 -1.75 42.32 14.74
CA LEU A 465 -1.16 43.60 14.38
C LEU A 465 0.31 43.46 13.99
N LEU A 466 1.03 42.58 14.68
CA LEU A 466 2.42 42.34 14.32
C LEU A 466 2.53 41.80 12.90
N ASP A 467 1.67 40.84 12.54
CA ASP A 467 1.70 40.30 11.18
C ASP A 467 1.30 41.36 10.15
N CYS A 468 0.40 42.27 10.52
CA CYS A 468 0.10 43.39 9.62
C CYS A 468 1.32 44.28 9.43
N MET A 469 2.06 44.57 10.51
CA MET A 469 3.23 45.44 10.41
C MET A 469 4.32 44.82 9.56
N LEU A 470 4.69 43.56 9.84
CA LEU A 470 5.71 42.91 9.02
C LEU A 470 5.23 42.71 7.60
N GLY A 471 3.97 42.34 7.42
CA GLY A 471 3.41 42.12 6.10
C GLY A 471 3.30 40.68 5.67
N ASP A 472 3.24 39.74 6.60
CA ASP A 472 3.05 38.32 6.29
C ASP A 472 1.58 37.99 6.44
N GLN A 473 1.01 37.35 5.43
CA GLN A 473 -0.41 37.04 5.39
C GLN A 473 -0.59 35.53 5.40
N THR A 474 -0.64 34.94 6.60
CA THR A 474 -0.99 33.55 6.78
C THR A 474 -2.16 33.34 7.73
N LEU A 475 -2.47 34.32 8.58
CA LEU A 475 -3.67 34.25 9.41
C LEU A 475 -4.88 34.87 8.75
N PHE A 476 -4.70 35.53 7.60
CA PHE A 476 -5.77 36.21 6.89
C PHE A 476 -6.15 35.42 5.66
N THR A 477 -7.45 35.18 5.48
CA THR A 477 -7.93 34.37 4.39
C THR A 477 -7.76 35.09 3.05
N ARG A 478 -7.54 34.30 2.00
CA ARG A 478 -7.45 34.83 0.65
C ARG A 478 -8.84 35.14 0.11
N ALA A 479 -8.87 35.91 -0.98
CA ALA A 479 -10.13 36.22 -1.64
C ALA A 479 -10.67 35.04 -2.44
N ASP A 480 -9.89 33.98 -2.61
CA ASP A 480 -10.31 32.81 -3.37
C ASP A 480 -11.08 31.80 -2.52
N GLU A 481 -10.65 31.59 -1.28
CA GLU A 481 -11.31 30.62 -0.40
C GLU A 481 -12.42 31.23 0.43
N VAL A 482 -12.62 32.55 0.37
CA VAL A 482 -13.77 33.15 1.04
C VAL A 482 -15.06 32.78 0.32
N GLU A 483 -15.05 32.80 -1.02
CA GLU A 483 -16.22 32.47 -1.80
C GLU A 483 -16.40 30.96 -2.01
N GLU A 484 -15.40 30.15 -1.66
CA GLU A 484 -15.53 28.70 -1.77
C GLU A 484 -16.13 28.06 -0.54
N ALA A 485 -16.09 28.74 0.61
CA ALA A 485 -16.77 28.25 1.80
C ALA A 485 -18.23 28.65 1.84
N TRP A 486 -18.60 29.73 1.14
CA TRP A 486 -20.00 30.11 1.06
C TRP A 486 -20.78 29.19 0.13
N ARG A 487 -20.10 28.55 -0.83
CA ARG A 487 -20.77 27.68 -1.78
C ARG A 487 -21.17 26.35 -1.15
N VAL A 488 -20.35 25.84 -0.24
CA VAL A 488 -20.62 24.53 0.35
C VAL A 488 -21.89 24.56 1.20
N VAL A 489 -22.07 25.61 1.99
CA VAL A 489 -23.15 25.67 2.96
C VAL A 489 -24.37 26.37 2.38
N THR A 490 -24.39 26.54 1.06
CA THR A 490 -25.50 27.24 0.41
C THR A 490 -26.84 26.52 0.57
N PRO A 491 -26.96 25.21 0.33
CA PRO A 491 -28.30 24.59 0.42
C PRO A 491 -28.93 24.66 1.80
N VAL A 492 -28.19 24.26 2.84
CA VAL A 492 -28.76 24.26 4.19
C VAL A 492 -29.11 25.69 4.62
N LEU A 493 -28.28 26.66 4.25
CA LEU A 493 -28.62 28.06 4.53
C LEU A 493 -29.96 28.44 3.91
N SER A 494 -30.06 28.34 2.58
CA SER A 494 -31.27 28.77 1.88
C SER A 494 -32.49 28.01 2.38
N ALA A 495 -32.30 26.77 2.85
CA ALA A 495 -33.40 26.09 3.52
C ALA A 495 -33.74 26.77 4.84
N TRP A 496 -32.74 27.20 5.60
CA TRP A 496 -33.01 27.67 6.96
C TRP A 496 -33.47 29.12 7.05
N ASP A 497 -33.10 30.01 6.13
CA ASP A 497 -33.67 31.36 6.22
C ASP A 497 -35.14 31.42 5.82
N ALA A 498 -35.65 30.39 5.16
CA ALA A 498 -37.05 30.40 4.75
C ALA A 498 -37.95 30.43 5.99
N PRO A 499 -38.95 31.30 6.04
CA PRO A 499 -39.82 31.37 7.22
C PRO A 499 -40.65 30.11 7.38
N SER A 500 -40.93 29.78 8.64
CA SER A 500 -41.67 28.58 8.97
C SER A 500 -42.43 28.79 10.27
N ASP A 501 -43.07 27.73 10.75
CA ASP A 501 -43.83 27.82 11.99
C ASP A 501 -42.89 27.94 13.18
N PRO A 502 -43.05 28.96 14.02
CA PRO A 502 -42.17 29.10 15.18
C PRO A 502 -42.56 28.17 16.32
N LEU A 503 -42.80 26.89 16.00
CA LEU A 503 -43.09 25.89 17.03
C LEU A 503 -42.48 24.54 16.72
N SER A 504 -41.71 24.42 15.64
CA SER A 504 -41.06 23.16 15.27
C SER A 504 -39.55 23.22 15.43
N MET A 505 -39.04 24.22 16.14
CA MET A 505 -37.60 24.32 16.35
C MET A 505 -37.17 23.41 17.49
N PRO A 506 -36.23 22.49 17.27
CA PRO A 506 -35.77 21.63 18.37
C PRO A 506 -35.16 22.44 19.49
N LEU A 507 -35.39 22.01 20.72
CA LEU A 507 -34.91 22.70 21.91
C LEU A 507 -34.17 21.73 22.82
N TYR A 508 -33.20 22.26 23.56
CA TYR A 508 -32.47 21.49 24.55
C TYR A 508 -32.23 22.37 25.77
N GLU A 509 -32.03 21.74 26.92
CA GLU A 509 -31.80 22.49 28.14
C GLU A 509 -30.40 23.07 28.16
N ALA A 510 -30.25 24.17 28.90
CA ALA A 510 -28.95 24.82 29.06
C ALA A 510 -28.09 23.97 29.98
N GLY A 511 -27.24 23.13 29.39
CA GLY A 511 -26.45 22.19 30.16
C GLY A 511 -26.53 20.79 29.58
N THR A 512 -27.12 20.69 28.39
CA THR A 512 -27.29 19.42 27.69
C THR A 512 -26.48 19.44 26.41
N TRP A 513 -25.86 18.31 26.08
CA TRP A 513 -24.90 18.28 24.98
C TRP A 513 -25.54 18.61 23.64
N GLU A 514 -26.71 18.03 23.34
CA GLU A 514 -27.30 18.18 22.01
C GLU A 514 -28.79 17.94 22.11
N PRO A 515 -29.57 18.46 21.16
CA PRO A 515 -30.98 18.08 21.08
C PRO A 515 -31.15 16.65 20.62
N ALA A 516 -32.29 16.07 20.95
CA ALA A 516 -32.55 14.67 20.62
C ALA A 516 -32.59 14.41 19.13
N GLU A 517 -32.85 15.44 18.32
CA GLU A 517 -32.89 15.24 16.87
C GLU A 517 -31.51 14.99 16.28
N ALA A 518 -30.47 15.56 16.89
CA ALA A 518 -29.11 15.40 16.36
C ALA A 518 -28.50 14.04 16.71
N GLU A 519 -29.10 13.28 17.62
CA GLU A 519 -28.57 11.97 17.96
C GLU A 519 -28.90 10.92 16.90
N TRP A 520 -29.95 11.13 16.11
CA TRP A 520 -30.32 10.19 15.05
C TRP A 520 -29.53 10.40 13.77
N LEU A 521 -28.85 11.54 13.63
CA LEU A 521 -28.09 11.81 12.40
C LEU A 521 -26.90 10.86 12.28
N ILE A 522 -26.26 10.53 13.39
CA ILE A 522 -25.06 9.70 13.36
C ILE A 522 -25.40 8.27 13.74
N ASN A 523 -26.38 8.10 14.63
CA ASN A 523 -26.77 6.76 15.07
C ASN A 523 -27.37 5.93 13.95
N LYS A 524 -27.96 6.57 12.95
CA LYS A 524 -28.55 5.83 11.83
C LYS A 524 -27.49 5.08 11.03
N ASP A 525 -26.27 5.60 10.97
CA ASP A 525 -25.19 4.93 10.26
C ASP A 525 -24.53 3.82 11.07
N GLY A 526 -24.92 3.64 12.33
CA GLY A 526 -24.32 2.65 13.19
C GLY A 526 -23.21 3.15 14.10
N ARG A 527 -23.07 4.47 14.25
CA ARG A 527 -22.05 5.08 15.08
C ARG A 527 -22.71 5.88 16.20
N ARG A 528 -21.91 6.63 16.95
CA ARG A 528 -22.43 7.51 17.98
C ARG A 528 -21.41 8.61 18.25
N TRP A 529 -21.90 9.72 18.82
CA TRP A 529 -21.05 10.85 19.15
C TRP A 529 -20.02 10.45 20.21
N ARG A 530 -19.09 11.36 20.46
CA ARG A 530 -18.02 11.14 21.42
C ARG A 530 -18.33 11.88 22.71
N ARG A 531 -18.21 11.19 23.85
CA ARG A 531 -18.45 11.79 25.15
C ARG A 531 -17.20 12.53 25.58
N LEU A 532 -17.25 13.86 25.52
CA LEU A 532 -16.11 14.69 25.88
C LEU A 532 -16.19 15.13 27.33
N ARG B 40 13.06 -39.15 -14.83
CA ARG B 40 12.66 -39.29 -16.23
C ARG B 40 12.13 -40.69 -16.50
N THR B 41 12.79 -41.70 -15.91
CA THR B 41 12.39 -43.09 -16.09
C THR B 41 12.12 -43.73 -14.72
N PRO B 42 11.08 -44.54 -14.62
CA PRO B 42 10.75 -45.20 -13.35
C PRO B 42 11.64 -46.43 -13.13
N GLU B 43 11.34 -47.14 -12.05
CA GLU B 43 12.08 -48.32 -11.63
C GLU B 43 11.28 -49.59 -11.93
N PRO B 44 11.96 -50.73 -12.06
CA PRO B 44 11.24 -51.99 -12.30
C PRO B 44 10.29 -52.31 -11.16
N LEU B 45 9.15 -52.90 -11.50
CA LEU B 45 8.12 -53.23 -10.52
C LEU B 45 7.24 -54.32 -11.10
N ILE B 46 6.31 -54.80 -10.26
CA ILE B 46 5.33 -55.81 -10.64
C ILE B 46 3.94 -55.25 -10.33
N LEU B 47 3.04 -55.34 -11.30
CA LEU B 47 1.72 -54.76 -11.19
C LEU B 47 0.66 -55.85 -11.01
N THR B 48 -0.39 -55.50 -10.27
CA THR B 48 -1.46 -56.42 -9.93
C THR B 48 -2.82 -55.76 -10.12
N ILE B 49 -3.02 -55.14 -11.29
CA ILE B 49 -4.26 -54.43 -11.61
C ILE B 49 -5.41 -55.44 -11.67
N PHE B 50 -6.64 -54.91 -11.71
CA PHE B 50 -7.90 -55.65 -11.81
C PHE B 50 -8.35 -56.16 -10.45
N GLY B 51 -9.61 -55.93 -10.12
CA GLY B 51 -10.19 -56.45 -8.89
C GLY B 51 -11.48 -57.20 -9.11
N ALA B 52 -12.13 -56.98 -10.25
CA ALA B 52 -13.39 -57.65 -10.55
C ALA B 52 -13.54 -58.07 -12.01
N SER B 53 -12.54 -57.86 -12.86
CA SER B 53 -12.59 -58.21 -14.27
C SER B 53 -13.79 -57.57 -14.96
N GLY B 54 -13.80 -56.24 -14.95
CA GLY B 54 -14.85 -55.47 -15.57
C GLY B 54 -14.37 -54.72 -16.81
N ASP B 55 -15.33 -54.05 -17.44
CA ASP B 55 -15.06 -53.26 -18.65
C ASP B 55 -14.61 -51.84 -18.29
N LEU B 56 -13.60 -51.75 -17.43
CA LEU B 56 -13.05 -50.47 -17.02
C LEU B 56 -11.52 -50.43 -17.05
N THR B 57 -10.87 -51.55 -17.34
CA THR B 57 -9.41 -51.62 -17.34
C THR B 57 -8.86 -52.14 -18.65
N GLN B 58 -9.52 -53.11 -19.29
CA GLN B 58 -8.99 -53.73 -20.50
C GLN B 58 -8.80 -52.72 -21.62
N ARG B 59 -9.75 -51.81 -21.80
CA ARG B 59 -9.70 -50.80 -22.84
C ARG B 59 -9.37 -49.41 -22.31
N LYS B 60 -8.95 -49.29 -21.05
CA LYS B 60 -8.72 -47.97 -20.47
C LYS B 60 -7.34 -47.86 -19.83
N LEU B 61 -6.83 -48.94 -19.26
CA LEU B 61 -5.62 -48.89 -18.44
C LEU B 61 -4.44 -49.58 -19.10
N VAL B 62 -4.57 -50.85 -19.46
CA VAL B 62 -3.47 -51.58 -20.06
C VAL B 62 -3.10 -51.10 -21.47
N PRO B 63 -4.01 -50.53 -22.27
CA PRO B 63 -3.54 -49.90 -23.52
C PRO B 63 -2.60 -48.73 -23.27
N ALA B 64 -2.80 -48.00 -22.18
CA ALA B 64 -1.94 -46.85 -21.89
C ALA B 64 -0.50 -47.29 -21.61
N ILE B 65 -0.33 -48.36 -20.84
CA ILE B 65 1.01 -48.86 -20.53
C ILE B 65 1.69 -49.34 -21.81
N TYR B 66 0.97 -50.10 -22.63
CA TYR B 66 1.54 -50.61 -23.87
C TYR B 66 1.87 -49.49 -24.84
N GLN B 67 1.00 -48.47 -24.92
CA GLN B 67 1.23 -47.37 -25.85
C GLN B 67 2.49 -46.60 -25.50
N MET B 68 2.70 -46.31 -24.21
CA MET B 68 3.89 -45.57 -23.79
C MET B 68 5.12 -46.44 -23.64
N LYS B 69 4.99 -47.77 -23.75
CA LYS B 69 6.15 -48.64 -23.76
C LYS B 69 6.92 -48.59 -25.07
N ARG B 70 6.31 -48.03 -26.11
CA ARG B 70 6.93 -47.95 -27.43
C ARG B 70 7.71 -46.67 -27.66
N GLU B 71 7.74 -45.77 -26.68
CA GLU B 71 8.44 -44.49 -26.82
C GLU B 71 9.64 -44.39 -25.87
N ARG B 72 10.10 -45.51 -25.32
CA ARG B 72 11.24 -45.55 -24.41
C ARG B 72 11.04 -44.62 -23.22
N ARG B 73 9.81 -44.57 -22.71
CA ARG B 73 9.51 -43.76 -21.54
C ARG B 73 9.78 -44.50 -20.23
N LEU B 74 9.52 -45.79 -20.19
CA LEU B 74 9.73 -46.62 -19.02
C LEU B 74 10.42 -47.91 -19.42
N PRO B 75 11.25 -48.47 -18.54
CA PRO B 75 11.96 -49.70 -18.90
C PRO B 75 11.00 -50.87 -19.01
N PRO B 76 11.30 -51.85 -19.86
CA PRO B 76 10.44 -53.04 -19.99
C PRO B 76 10.79 -54.12 -18.97
N GLU B 77 10.67 -53.79 -17.70
CA GLU B 77 11.01 -54.68 -16.59
C GLU B 77 9.84 -54.82 -15.64
N LEU B 78 8.65 -55.05 -16.19
CA LEU B 78 7.45 -55.24 -15.39
C LEU B 78 6.65 -56.41 -15.94
N THR B 79 5.83 -57.00 -15.08
CA THR B 79 4.97 -58.13 -15.44
C THR B 79 3.58 -57.86 -14.89
N VAL B 80 2.63 -57.59 -15.78
CA VAL B 80 1.25 -57.34 -15.37
C VAL B 80 0.63 -58.63 -14.86
N VAL B 81 -0.03 -58.56 -13.72
CA VAL B 81 -0.70 -59.71 -13.11
C VAL B 81 -2.19 -59.37 -12.98
N GLY B 82 -3.03 -60.27 -13.48
CA GLY B 82 -4.47 -60.08 -13.42
C GLY B 82 -5.06 -60.84 -12.24
N PHE B 83 -5.85 -60.12 -11.44
CA PHE B 83 -6.52 -60.68 -10.28
C PHE B 83 -8.01 -60.42 -10.39
N ALA B 84 -8.81 -61.47 -10.25
CA ALA B 84 -10.25 -61.36 -10.39
C ALA B 84 -10.91 -62.55 -9.72
N ARG B 85 -12.25 -62.57 -9.74
CA ARG B 85 -13.03 -63.66 -9.19
C ARG B 85 -13.42 -64.70 -10.24
N ARG B 86 -13.00 -64.51 -11.49
CA ARG B 86 -13.33 -65.43 -12.57
C ARG B 86 -12.19 -66.42 -12.79
N ASP B 87 -12.49 -67.47 -13.56
CA ASP B 87 -11.52 -68.50 -13.89
C ASP B 87 -11.23 -68.45 -15.38
N TRP B 88 -9.94 -68.39 -15.73
CA TRP B 88 -9.51 -68.31 -17.12
C TRP B 88 -8.18 -69.03 -17.25
N SER B 89 -7.49 -68.81 -18.36
CA SER B 89 -6.17 -69.37 -18.62
C SER B 89 -5.18 -68.23 -18.89
N HIS B 90 -3.91 -68.60 -19.04
CA HIS B 90 -2.88 -67.61 -19.29
C HIS B 90 -2.95 -67.02 -20.69
N ASP B 91 -3.68 -67.66 -21.60
CA ASP B 91 -3.83 -67.16 -22.96
C ASP B 91 -5.18 -66.48 -23.20
N HIS B 92 -6.21 -66.85 -22.44
CA HIS B 92 -7.51 -66.20 -22.60
C HIS B 92 -7.43 -64.73 -22.20
N PHE B 93 -6.67 -64.42 -21.15
CA PHE B 93 -6.48 -63.02 -20.76
C PHE B 93 -5.78 -62.23 -21.85
N ARG B 94 -4.75 -62.81 -22.47
CA ARG B 94 -4.04 -62.13 -23.55
C ARG B 94 -4.96 -61.92 -24.75
N GLU B 95 -5.78 -62.93 -25.09
CA GLU B 95 -6.71 -62.78 -26.19
C GLU B 95 -7.75 -61.69 -25.90
N GLN B 96 -8.25 -61.63 -24.67
CA GLN B 96 -9.19 -60.59 -24.30
C GLN B 96 -8.56 -59.21 -24.38
N MET B 97 -7.30 -59.09 -23.93
CA MET B 97 -6.62 -57.80 -24.02
C MET B 97 -6.38 -57.39 -25.46
N ARG B 98 -6.04 -58.35 -26.33
CA ARG B 98 -5.86 -58.06 -27.74
C ARG B 98 -7.19 -57.68 -28.40
N LYS B 99 -8.30 -58.21 -27.90
CA LYS B 99 -9.60 -57.86 -28.45
C LYS B 99 -9.94 -56.39 -28.26
N GLY B 100 -9.25 -55.69 -27.36
CA GLY B 100 -9.55 -54.30 -27.10
C GLY B 100 -8.40 -53.35 -27.37
N ILE B 101 -7.17 -53.86 -27.40
CA ILE B 101 -6.02 -52.99 -27.63
C ILE B 101 -6.06 -52.39 -29.03
N GLU B 102 -6.33 -53.21 -30.04
CA GLU B 102 -6.32 -52.74 -31.41
C GLU B 102 -7.63 -52.10 -31.85
N GLU B 103 -8.71 -52.29 -31.09
CA GLU B 103 -10.01 -51.74 -31.47
C GLU B 103 -10.27 -50.36 -30.89
N PHE B 104 -9.41 -49.87 -29.98
CA PHE B 104 -9.62 -48.57 -29.38
C PHE B 104 -8.32 -47.77 -29.24
N SER B 105 -7.25 -48.16 -29.92
CA SER B 105 -5.97 -47.46 -29.82
C SER B 105 -5.25 -47.60 -31.16
N THR B 106 -3.96 -47.31 -31.17
CA THR B 106 -3.16 -47.41 -32.39
C THR B 106 -2.97 -48.85 -32.85
N GLY B 107 -3.26 -49.83 -32.01
CA GLY B 107 -3.10 -51.22 -32.38
C GLY B 107 -1.67 -51.69 -32.30
N ILE B 108 -1.45 -52.90 -32.80
CA ILE B 108 -0.13 -53.51 -32.80
C ILE B 108 0.75 -52.87 -33.87
N LEU B 121 2.29 -60.50 -18.66
CA LEU B 121 0.83 -60.55 -18.61
C LEU B 121 0.35 -61.92 -18.13
N PHE B 122 0.81 -62.32 -16.94
CA PHE B 122 0.42 -63.59 -16.35
C PHE B 122 -0.82 -63.40 -15.50
N TYR B 123 -1.89 -64.12 -15.83
CA TYR B 123 -3.15 -64.01 -15.12
C TYR B 123 -3.16 -64.93 -13.91
N CYS B 124 -3.85 -64.50 -12.86
CA CYS B 124 -4.07 -65.29 -11.67
C CYS B 124 -5.56 -65.39 -11.38
N SER B 125 -5.97 -66.51 -10.80
CA SER B 125 -7.36 -66.78 -10.50
C SER B 125 -7.55 -66.94 -8.99
N GLY B 126 -8.77 -67.33 -8.61
CA GLY B 126 -9.10 -67.53 -7.21
C GLY B 126 -10.24 -66.62 -6.77
N ASN B 127 -10.17 -66.18 -5.52
CA ASN B 127 -11.17 -65.30 -4.93
C ASN B 127 -10.49 -64.14 -4.24
N MET B 128 -11.18 -63.00 -4.21
CA MET B 128 -10.63 -61.82 -3.56
C MET B 128 -10.61 -61.97 -2.05
N ASP B 129 -11.64 -62.61 -1.48
CA ASP B 129 -11.76 -62.75 -0.04
C ASP B 129 -10.77 -63.74 0.55
N ASP B 130 -10.12 -64.56 -0.27
CA ASP B 130 -9.14 -65.55 0.20
C ASP B 130 -7.85 -65.37 -0.60
N PRO B 131 -7.02 -64.41 -0.23
CA PRO B 131 -5.77 -64.17 -0.96
C PRO B 131 -4.61 -65.07 -0.54
N GLU B 132 -4.85 -66.13 0.22
CA GLU B 132 -3.77 -67.01 0.65
C GLU B 132 -3.10 -67.68 -0.54
N SER B 133 -3.89 -68.20 -1.48
CA SER B 133 -3.32 -68.81 -2.68
C SER B 133 -2.66 -67.76 -3.57
N TYR B 134 -3.27 -66.57 -3.68
CA TYR B 134 -2.73 -65.51 -4.51
C TYR B 134 -1.42 -64.95 -3.96
N LEU B 135 -1.17 -65.09 -2.66
CA LEU B 135 0.00 -64.48 -2.05
C LEU B 135 1.29 -65.01 -2.66
N LYS B 136 1.36 -66.33 -2.91
CA LYS B 136 2.55 -66.94 -3.50
C LYS B 136 2.54 -66.66 -5.00
N LEU B 137 3.05 -65.50 -5.38
CA LEU B 137 3.12 -65.10 -6.77
C LEU B 137 4.44 -65.57 -7.39
N THR B 150 13.29 -57.98 -12.15
CA THR B 150 12.47 -57.08 -11.36
C THR B 150 12.76 -57.25 -9.87
N ARG B 151 12.86 -56.13 -9.16
CA ARG B 151 13.11 -56.16 -7.72
C ARG B 151 11.78 -56.37 -6.98
N GLY B 152 11.80 -56.23 -5.66
CA GLY B 152 10.61 -56.42 -4.86
C GLY B 152 9.74 -55.18 -4.79
N ASN B 153 9.10 -54.82 -5.91
CA ASN B 153 8.23 -53.66 -5.99
C ASN B 153 6.85 -54.09 -6.45
N ARG B 154 5.81 -53.55 -5.82
CA ARG B 154 4.44 -53.86 -6.16
C ARG B 154 3.61 -52.59 -6.18
N VAL B 155 2.62 -52.56 -7.06
CA VAL B 155 1.62 -51.49 -7.13
C VAL B 155 0.26 -52.13 -7.28
N PHE B 156 -0.65 -51.84 -6.34
CA PHE B 156 -1.97 -52.44 -6.31
C PHE B 156 -2.99 -51.52 -6.96
N TYR B 157 -4.16 -52.09 -7.28
CA TYR B 157 -5.23 -51.36 -7.92
C TYR B 157 -6.58 -51.91 -7.46
N LEU B 158 -7.57 -51.04 -7.40
CA LEU B 158 -8.92 -51.41 -6.98
C LEU B 158 -9.93 -50.81 -7.95
N ALA B 159 -10.78 -51.64 -8.53
CA ALA B 159 -11.76 -51.21 -9.51
C ALA B 159 -13.11 -51.87 -9.23
N VAL B 160 -13.53 -51.85 -7.96
CA VAL B 160 -14.78 -52.54 -7.56
C VAL B 160 -15.78 -51.53 -6.96
N SER B 161 -16.88 -52.03 -6.40
CA SER B 161 -17.92 -51.15 -5.81
C SER B 161 -17.42 -50.48 -4.53
N PRO B 162 -17.94 -49.29 -4.16
CA PRO B 162 -17.50 -48.58 -2.95
C PRO B 162 -17.70 -49.42 -1.67
N ASN B 163 -18.78 -50.18 -1.61
CA ASN B 163 -19.07 -51.00 -0.40
C ASN B 163 -17.94 -52.01 -0.17
N PHE B 164 -17.08 -52.22 -1.17
CA PHE B 164 -16.02 -53.25 -1.05
C PHE B 164 -14.72 -52.66 -0.52
N PHE B 165 -14.51 -51.35 -0.65
CA PHE B 165 -13.21 -50.81 -0.23
C PHE B 165 -12.81 -51.26 1.17
N PRO B 166 -13.66 -51.19 2.20
CA PRO B 166 -13.22 -51.63 3.54
C PRO B 166 -12.93 -53.12 3.57
N PRO B 167 -13.80 -54.00 3.04
CA PRO B 167 -13.41 -55.41 2.97
C PRO B 167 -12.12 -55.65 2.19
N GLY B 168 -11.91 -54.94 1.08
CA GLY B 168 -10.75 -55.19 0.24
C GLY B 168 -9.46 -54.58 0.75
N ILE B 169 -9.55 -53.63 1.68
CA ILE B 169 -8.36 -52.99 2.22
C ILE B 169 -8.06 -53.42 3.65
N LYS B 170 -9.03 -53.97 4.38
CA LYS B 170 -8.75 -54.45 5.73
C LYS B 170 -7.98 -55.77 5.69
N GLN B 171 -8.37 -56.68 4.80
CA GLN B 171 -7.70 -57.98 4.73
C GLN B 171 -6.36 -57.92 4.01
N LEU B 172 -6.12 -56.87 3.21
CA LEU B 172 -4.84 -56.76 2.53
C LEU B 172 -3.69 -56.56 3.51
N GLY B 173 -3.91 -55.74 4.54
CA GLY B 173 -2.88 -55.54 5.54
C GLY B 173 -2.77 -56.66 6.55
N ALA B 174 -3.79 -57.51 6.65
CA ALA B 174 -3.72 -58.64 7.58
C ALA B 174 -2.71 -59.69 7.11
N ALA B 175 -2.62 -59.90 5.80
CA ALA B 175 -1.70 -60.88 5.25
C ALA B 175 -0.26 -60.38 5.19
N GLY B 176 -0.02 -59.10 5.50
CA GLY B 176 1.32 -58.56 5.47
C GLY B 176 1.82 -58.13 4.11
N MET B 177 0.94 -58.10 3.10
CA MET B 177 1.37 -57.66 1.77
C MET B 177 1.79 -56.20 1.77
N LEU B 178 1.24 -55.39 2.66
CA LEU B 178 1.61 -53.99 2.81
C LEU B 178 2.33 -53.86 4.16
N SER B 179 3.64 -54.11 4.15
CA SER B 179 4.48 -53.99 5.34
C SER B 179 5.79 -53.29 5.03
N ASP B 180 5.83 -52.50 3.96
CA ASP B 180 7.01 -51.86 3.44
C ASP B 180 6.76 -50.38 3.18
N PRO B 181 7.76 -49.54 3.44
CA PRO B 181 7.55 -48.09 3.23
C PRO B 181 7.40 -47.70 1.76
N VAL B 182 8.30 -48.17 0.89
CA VAL B 182 8.42 -47.59 -0.44
C VAL B 182 8.38 -48.65 -1.54
N LYS B 183 7.72 -49.78 -1.29
CA LYS B 183 7.62 -50.84 -2.28
C LYS B 183 6.18 -51.19 -2.65
N SER B 184 5.18 -50.54 -2.07
CA SER B 184 3.78 -50.89 -2.33
C SER B 184 2.93 -49.63 -2.47
N ARG B 185 2.01 -49.66 -3.43
CA ARG B 185 1.06 -48.58 -3.66
C ARG B 185 -0.35 -49.15 -3.66
N ILE B 186 -1.28 -48.40 -3.06
CA ILE B 186 -2.62 -48.90 -2.78
C ILE B 186 -3.66 -47.98 -3.45
N VAL B 187 -3.33 -47.49 -4.64
CA VAL B 187 -4.20 -46.53 -5.33
C VAL B 187 -5.65 -47.01 -5.34
N ILE B 188 -6.58 -46.04 -5.25
CA ILE B 188 -8.00 -46.34 -5.12
C ILE B 188 -8.75 -45.60 -6.23
N GLU B 189 -9.97 -46.06 -6.49
CA GLU B 189 -10.84 -45.50 -7.51
C GLU B 189 -11.61 -44.32 -6.91
N LYS B 190 -12.63 -43.84 -7.64
CA LYS B 190 -13.50 -42.74 -7.26
C LYS B 190 -14.94 -43.22 -7.26
N PRO B 191 -15.79 -42.72 -6.34
CA PRO B 191 -15.58 -41.69 -5.33
C PRO B 191 -14.94 -42.18 -4.02
N PHE B 192 -14.58 -41.23 -3.16
CA PHE B 192 -14.01 -41.50 -1.84
C PHE B 192 -14.97 -40.92 -0.82
N GLY B 193 -15.97 -41.71 -0.44
CA GLY B 193 -16.98 -41.27 0.51
C GLY B 193 -18.14 -40.56 -0.14
N ARG B 194 -19.20 -40.35 0.66
CA ARG B 194 -20.39 -39.66 0.19
C ARG B 194 -20.79 -38.48 1.05
N ASP B 195 -20.23 -38.33 2.25
CA ASP B 195 -20.45 -37.15 3.08
C ASP B 195 -19.26 -37.00 4.02
N LEU B 196 -19.32 -36.00 4.89
CA LEU B 196 -18.21 -35.73 5.79
C LEU B 196 -17.96 -36.90 6.73
N SER B 197 -19.03 -37.51 7.26
CA SER B 197 -18.87 -38.62 8.20
C SER B 197 -18.41 -39.88 7.50
N SER B 198 -18.81 -40.08 6.24
CA SER B 198 -18.44 -41.31 5.53
C SER B 198 -16.98 -41.29 5.08
N ALA B 199 -16.42 -40.12 4.82
CA ALA B 199 -15.01 -40.04 4.40
C ALA B 199 -14.07 -40.25 5.57
N GLN B 200 -14.42 -39.74 6.76
CA GLN B 200 -13.56 -39.91 7.93
C GLN B 200 -13.41 -41.37 8.30
N SER B 201 -14.50 -42.14 8.21
CA SER B 201 -14.44 -43.56 8.53
C SER B 201 -13.50 -44.30 7.58
N LEU B 202 -13.55 -43.96 6.29
CA LEU B 202 -12.64 -44.58 5.34
C LEU B 202 -11.19 -44.15 5.57
N ASN B 203 -10.99 -42.90 5.98
CA ASN B 203 -9.63 -42.45 6.31
C ASN B 203 -9.08 -43.17 7.52
N ARG B 204 -9.94 -43.49 8.50
CA ARG B 204 -9.47 -44.19 9.69
C ARG B 204 -8.94 -45.59 9.35
N VAL B 205 -9.63 -46.30 8.46
CA VAL B 205 -9.19 -47.64 8.08
C VAL B 205 -7.87 -47.59 7.34
N VAL B 206 -7.70 -46.59 6.46
CA VAL B 206 -6.46 -46.46 5.70
C VAL B 206 -5.28 -46.21 6.62
N GLN B 207 -5.46 -45.34 7.61
CA GLN B 207 -4.37 -44.97 8.51
C GLN B 207 -3.87 -46.13 9.35
N SER B 208 -4.66 -47.19 9.50
CA SER B 208 -4.29 -48.32 10.33
C SER B 208 -3.59 -49.43 9.56
N VAL B 209 -3.38 -49.27 8.25
CA VAL B 209 -2.75 -50.31 7.45
C VAL B 209 -1.54 -49.74 6.71
N CYS B 210 -1.75 -48.69 5.93
CA CYS B 210 -0.71 -48.13 5.09
C CYS B 210 -0.13 -46.86 5.71
N LYS B 211 0.85 -46.29 5.02
CA LYS B 211 1.48 -45.04 5.42
C LYS B 211 0.90 -43.88 4.61
N GLU B 212 1.44 -42.69 4.82
CA GLU B 212 0.95 -41.52 4.12
C GLU B 212 1.34 -41.52 2.65
N ASN B 213 2.61 -41.79 2.36
CA ASN B 213 3.11 -41.79 0.99
C ASN B 213 2.96 -43.15 0.29
N GLN B 214 1.77 -43.73 0.44
CA GLN B 214 1.43 -44.99 -0.20
C GLN B 214 0.05 -45.01 -0.82
N VAL B 215 -0.81 -44.04 -0.52
CA VAL B 215 -2.20 -44.04 -0.95
C VAL B 215 -2.38 -42.96 -2.01
N TYR B 216 -2.97 -43.34 -3.15
CA TYR B 216 -3.26 -42.41 -4.23
C TYR B 216 -4.75 -42.49 -4.53
N ARG B 217 -5.43 -41.34 -4.47
CA ARG B 217 -6.87 -41.27 -4.70
C ARG B 217 -7.13 -40.66 -6.06
N ILE B 218 -7.82 -41.40 -6.92
CA ILE B 218 -8.11 -40.94 -8.27
C ILE B 218 -9.26 -39.93 -8.23
N ASP B 219 -9.05 -38.77 -8.83
CA ASP B 219 -9.98 -37.65 -8.75
C ASP B 219 -9.87 -36.85 -10.05
N HIS B 220 -10.32 -35.60 -10.01
CA HIS B 220 -10.20 -34.68 -11.13
C HIS B 220 -8.80 -34.70 -11.72
N TYR B 221 -8.70 -34.39 -13.00
CA TYR B 221 -7.43 -34.32 -13.72
C TYR B 221 -7.22 -32.90 -14.22
N LEU B 222 -6.05 -32.32 -13.89
CA LEU B 222 -5.70 -30.99 -14.36
C LEU B 222 -4.55 -30.97 -15.36
N GLY B 223 -3.71 -32.01 -15.37
CA GLY B 223 -2.68 -32.16 -16.39
C GLY B 223 -1.28 -31.78 -15.97
N LYS B 224 -1.12 -31.06 -14.87
CA LYS B 224 0.17 -30.69 -14.31
C LYS B 224 0.88 -29.64 -15.17
N GLU B 225 0.34 -29.39 -16.36
CA GLU B 225 0.81 -28.30 -17.20
C GLU B 225 -0.02 -27.04 -17.06
N THR B 226 -1.32 -27.19 -16.76
CA THR B 226 -2.14 -26.03 -16.45
C THR B 226 -1.80 -25.48 -15.06
N VAL B 227 -1.48 -26.37 -14.12
CA VAL B 227 -1.15 -25.93 -12.76
C VAL B 227 0.11 -25.09 -12.76
N GLN B 228 1.14 -25.52 -13.51
CA GLN B 228 2.40 -24.79 -13.54
C GLN B 228 2.34 -23.53 -14.40
N ASN B 229 1.29 -23.37 -15.22
CA ASN B 229 1.16 -22.15 -16.00
C ASN B 229 0.70 -20.98 -15.15
N LEU B 230 -0.17 -21.23 -14.17
CA LEU B 230 -0.63 -20.18 -13.27
C LEU B 230 0.40 -19.80 -12.22
N MET B 231 1.21 -20.75 -11.75
CA MET B 231 2.19 -20.44 -10.71
C MET B 231 3.26 -19.48 -11.24
N VAL B 232 3.72 -19.68 -12.47
CA VAL B 232 4.73 -18.79 -13.04
C VAL B 232 4.13 -17.43 -13.33
N PHE B 233 2.90 -17.39 -13.82
CA PHE B 233 2.27 -16.11 -14.16
C PHE B 233 2.10 -15.24 -12.91
N ARG B 234 1.62 -15.83 -11.82
CA ARG B 234 1.34 -15.05 -10.61
C ARG B 234 2.64 -14.64 -9.91
N PHE B 235 3.57 -15.58 -9.74
CA PHE B 235 4.66 -15.43 -8.78
C PHE B 235 5.99 -15.06 -9.42
N ALA B 236 6.03 -14.82 -10.73
CA ALA B 236 7.25 -14.37 -11.39
C ALA B 236 7.13 -12.98 -11.95
N ASN B 237 6.03 -12.28 -11.68
CA ASN B 237 5.78 -10.94 -12.17
C ASN B 237 5.54 -10.01 -11.00
N ALA B 238 6.14 -8.82 -11.05
CA ALA B 238 6.00 -7.81 -10.01
C ALA B 238 4.97 -6.75 -10.38
N ILE B 239 3.94 -7.12 -11.11
CA ILE B 239 2.95 -6.16 -11.60
C ILE B 239 1.53 -6.63 -11.29
N PHE B 240 1.40 -7.89 -10.86
CA PHE B 240 0.10 -8.49 -10.64
C PHE B 240 -0.18 -8.84 -9.18
N GLU B 241 0.84 -8.99 -8.35
CA GLU B 241 0.65 -9.36 -6.95
C GLU B 241 0.16 -8.20 -6.08
N PRO B 242 0.62 -6.97 -6.27
CA PRO B 242 0.08 -5.87 -5.45
C PRO B 242 -1.42 -5.66 -5.59
N LEU B 243 -2.01 -6.00 -6.74
CA LEU B 243 -3.43 -5.81 -6.97
C LEU B 243 -4.27 -7.02 -6.56
N TRP B 244 -3.65 -8.05 -6.01
CA TRP B 244 -4.34 -9.30 -5.67
C TRP B 244 -4.74 -9.32 -4.20
N ASN B 245 -5.63 -8.40 -3.81
CA ASN B 245 -6.08 -8.33 -2.42
C ASN B 245 -7.41 -7.59 -2.37
N ARG B 246 -7.89 -7.34 -1.16
CA ARG B 246 -9.23 -6.79 -0.95
C ARG B 246 -9.35 -5.31 -1.28
N GLN B 247 -8.23 -4.57 -1.35
CA GLN B 247 -8.30 -3.14 -1.54
C GLN B 247 -8.61 -2.74 -2.98
N PHE B 248 -8.47 -3.65 -3.94
CA PHE B 248 -8.66 -3.32 -5.34
C PHE B 248 -9.63 -4.23 -6.09
N VAL B 249 -9.98 -5.40 -5.55
CA VAL B 249 -10.80 -6.36 -6.25
C VAL B 249 -12.25 -6.24 -5.79
N ASP B 250 -13.19 -6.41 -6.73
CA ASP B 250 -14.61 -6.35 -6.44
C ASP B 250 -15.19 -7.73 -6.14
N HIS B 251 -15.08 -8.65 -7.09
CA HIS B 251 -15.54 -10.02 -6.89
C HIS B 251 -14.88 -10.90 -7.95
N VAL B 252 -15.00 -12.22 -7.75
CA VAL B 252 -14.42 -13.21 -8.65
C VAL B 252 -15.52 -14.18 -9.07
N GLN B 253 -15.34 -14.76 -10.27
CA GLN B 253 -16.28 -15.72 -10.82
C GLN B 253 -15.52 -16.91 -11.39
N ILE B 254 -16.11 -18.10 -11.24
CA ILE B 254 -15.55 -19.33 -11.79
C ILE B 254 -16.68 -20.10 -12.47
N THR B 255 -16.43 -20.55 -13.70
CA THR B 255 -17.45 -21.20 -14.51
C THR B 255 -16.88 -22.43 -15.19
N VAL B 256 -17.63 -23.54 -15.13
CA VAL B 256 -17.31 -24.75 -15.87
C VAL B 256 -18.59 -25.21 -16.57
N ALA B 257 -18.55 -25.26 -17.91
CA ALA B 257 -19.73 -25.57 -18.71
C ALA B 257 -19.52 -26.86 -19.49
N GLU B 258 -20.63 -27.44 -19.93
CA GLU B 258 -20.60 -28.69 -20.68
C GLU B 258 -21.78 -28.70 -21.65
N THR B 259 -21.65 -29.55 -22.68
CA THR B 259 -22.67 -29.64 -23.73
C THR B 259 -23.23 -31.06 -23.87
N VAL B 260 -23.01 -31.92 -22.89
CA VAL B 260 -23.43 -33.31 -22.97
C VAL B 260 -24.31 -33.64 -21.76
N GLY B 261 -25.34 -34.44 -22.00
CA GLY B 261 -26.20 -34.92 -20.93
C GLY B 261 -25.55 -36.02 -20.13
N VAL B 262 -26.38 -36.86 -19.52
CA VAL B 262 -25.89 -37.98 -18.73
C VAL B 262 -25.34 -39.10 -19.59
N GLU B 263 -25.49 -39.01 -20.91
CA GLU B 263 -24.97 -40.00 -21.86
C GLU B 263 -25.61 -41.34 -21.56
N GLU B 264 -24.86 -42.38 -21.21
CA GLU B 264 -25.41 -43.71 -21.00
C GLU B 264 -25.20 -44.23 -19.59
N ARG B 265 -24.57 -43.47 -18.70
CA ARG B 265 -24.33 -43.95 -17.34
C ARG B 265 -25.66 -44.20 -16.62
N ALA B 266 -26.39 -43.12 -16.32
CA ALA B 266 -27.76 -43.19 -15.82
C ALA B 266 -27.90 -43.96 -14.51
N GLY B 267 -26.79 -44.45 -13.96
CA GLY B 267 -26.83 -45.21 -12.73
C GLY B 267 -25.94 -44.60 -11.67
N TYR B 268 -24.90 -43.89 -12.09
CA TYR B 268 -24.02 -43.18 -11.16
C TYR B 268 -24.51 -41.76 -10.92
N TYR B 269 -25.04 -41.10 -11.95
CA TYR B 269 -25.53 -39.74 -11.78
C TYR B 269 -26.83 -39.71 -10.96
N GLU B 270 -27.59 -40.80 -10.98
CA GLU B 270 -28.85 -40.85 -10.25
C GLU B 270 -28.65 -40.79 -8.74
N SER B 271 -27.46 -41.14 -8.24
CA SER B 271 -27.17 -41.10 -6.82
C SER B 271 -26.08 -40.09 -6.47
N ALA B 272 -25.65 -39.26 -7.41
CA ALA B 272 -24.59 -38.29 -7.18
C ALA B 272 -25.09 -36.85 -7.29
N GLY B 273 -25.66 -36.47 -8.43
CA GLY B 273 -26.04 -35.10 -8.65
C GLY B 273 -24.83 -34.23 -8.95
N ALA B 274 -25.05 -32.97 -9.31
CA ALA B 274 -23.94 -32.07 -9.61
C ALA B 274 -23.49 -31.29 -8.38
N LEU B 275 -23.24 -32.00 -7.28
CA LEU B 275 -22.66 -31.40 -6.10
C LEU B 275 -21.53 -32.29 -5.59
N ARG B 276 -21.68 -33.61 -5.77
CA ARG B 276 -20.62 -34.56 -5.51
C ARG B 276 -19.84 -34.93 -6.76
N ASP B 277 -20.25 -34.43 -7.93
CA ASP B 277 -19.65 -34.80 -9.20
C ASP B 277 -18.61 -33.80 -9.66
N MET B 278 -18.89 -32.50 -9.57
CA MET B 278 -17.97 -31.50 -10.11
C MET B 278 -17.62 -30.41 -9.09
N VAL B 279 -18.56 -30.10 -8.20
CA VAL B 279 -18.36 -28.96 -7.30
C VAL B 279 -17.28 -29.26 -6.27
N GLN B 280 -17.31 -30.45 -5.67
CA GLN B 280 -16.34 -30.76 -4.63
C GLN B 280 -14.96 -31.05 -5.21
N ASN B 281 -14.90 -31.77 -6.34
CA ASN B 281 -13.62 -32.18 -6.89
C ASN B 281 -12.98 -31.08 -7.73
N HIS B 282 -13.67 -30.65 -8.80
CA HIS B 282 -13.05 -29.77 -9.78
C HIS B 282 -13.06 -28.31 -9.33
N LEU B 283 -14.24 -27.77 -9.05
CA LEU B 283 -14.37 -26.34 -8.78
C LEU B 283 -13.71 -25.92 -7.47
N MET B 284 -13.35 -26.86 -6.60
CA MET B 284 -12.67 -26.52 -5.36
C MET B 284 -11.15 -26.44 -5.52
N GLN B 285 -10.61 -26.85 -6.66
CA GLN B 285 -9.18 -26.73 -6.92
C GLN B 285 -8.82 -25.53 -7.78
N LEU B 286 -9.74 -25.07 -8.64
CA LEU B 286 -9.54 -23.79 -9.31
C LEU B 286 -9.72 -22.63 -8.32
N PHE B 287 -10.55 -22.84 -7.30
CA PHE B 287 -10.76 -21.81 -6.28
C PHE B 287 -9.58 -21.68 -5.33
N CYS B 288 -8.90 -22.79 -5.02
CA CYS B 288 -7.78 -22.75 -4.09
C CYS B 288 -6.54 -22.13 -4.71
N LEU B 289 -6.34 -22.30 -6.01
CA LEU B 289 -5.17 -21.72 -6.68
C LEU B 289 -5.29 -20.21 -6.87
N THR B 290 -6.50 -19.66 -6.82
CA THR B 290 -6.73 -18.24 -7.03
C THR B 290 -6.72 -17.44 -5.74
N ALA B 291 -6.76 -18.10 -4.58
CA ALA B 291 -6.85 -17.41 -3.30
C ALA B 291 -5.75 -17.79 -2.32
N MET B 292 -4.71 -18.49 -2.77
CA MET B 292 -3.66 -18.98 -1.88
C MET B 292 -2.49 -18.01 -1.84
N ASP B 293 -1.73 -18.07 -0.74
CA ASP B 293 -0.56 -17.24 -0.52
C ASP B 293 0.66 -17.84 -1.22
N PRO B 294 1.66 -17.02 -1.53
CA PRO B 294 2.86 -17.53 -2.21
C PRO B 294 3.57 -18.58 -1.37
N PRO B 295 4.05 -19.64 -1.98
CA PRO B 295 4.79 -20.68 -1.25
C PRO B 295 6.28 -20.37 -1.22
N ASN B 296 6.99 -21.16 -0.42
CA ASN B 296 8.45 -21.06 -0.37
C ASN B 296 9.10 -21.71 -1.59
N ALA B 297 8.52 -22.80 -2.10
CA ALA B 297 9.06 -23.50 -3.25
C ALA B 297 7.89 -24.12 -4.02
N ILE B 298 8.22 -24.70 -5.18
CA ILE B 298 7.22 -25.30 -6.05
C ILE B 298 7.22 -26.79 -5.73
N ASP B 299 7.80 -27.15 -4.60
CA ASP B 299 7.80 -28.54 -4.15
C ASP B 299 6.37 -29.04 -3.98
N ALA B 300 6.20 -30.36 -4.17
CA ALA B 300 4.85 -30.93 -4.18
C ALA B 300 4.15 -30.75 -2.84
N ASP B 301 4.86 -30.95 -1.74
CA ASP B 301 4.28 -30.84 -0.41
C ASP B 301 4.35 -29.42 0.15
N SER B 302 4.91 -28.47 -0.58
CA SER B 302 4.96 -27.08 -0.15
C SER B 302 3.83 -26.24 -0.73
N ILE B 303 3.02 -26.79 -1.63
CA ILE B 303 1.89 -26.08 -2.20
C ILE B 303 0.61 -26.59 -1.55
N ARG B 304 0.62 -27.86 -1.15
CA ARG B 304 -0.54 -28.43 -0.49
C ARG B 304 -0.80 -27.77 0.87
N ASN B 305 0.26 -27.34 1.56
CA ASN B 305 0.07 -26.62 2.82
C ASN B 305 -0.67 -25.31 2.60
N GLU B 306 -0.27 -24.55 1.58
CA GLU B 306 -0.95 -23.29 1.29
C GLU B 306 -2.36 -23.50 0.78
N LYS B 307 -2.60 -24.61 0.06
CA LYS B 307 -3.95 -24.91 -0.39
C LYS B 307 -4.85 -25.30 0.78
N VAL B 308 -4.31 -26.03 1.76
CA VAL B 308 -5.09 -26.42 2.92
C VAL B 308 -5.36 -25.22 3.82
N LYS B 309 -4.38 -24.32 3.98
CA LYS B 309 -4.54 -23.19 4.87
C LYS B 309 -5.66 -22.25 4.44
N VAL B 310 -6.07 -22.29 3.18
CA VAL B 310 -7.15 -21.44 2.69
C VAL B 310 -8.52 -22.05 2.96
N LEU B 311 -8.63 -23.38 2.83
CA LEU B 311 -9.89 -24.07 3.04
C LEU B 311 -10.36 -24.01 4.50
N GLN B 312 -9.49 -23.62 5.43
CA GLN B 312 -9.84 -23.54 6.84
C GLN B 312 -10.46 -22.21 7.22
N ALA B 313 -10.51 -21.24 6.30
CA ALA B 313 -11.12 -19.95 6.54
C ALA B 313 -12.30 -19.68 5.59
N THR B 314 -12.75 -20.69 4.87
CA THR B 314 -13.80 -20.54 3.86
C THR B 314 -15.14 -21.02 4.42
N ARG B 315 -16.18 -20.24 4.18
CA ARG B 315 -17.52 -20.58 4.63
C ARG B 315 -18.54 -20.05 3.63
N LEU B 316 -19.72 -20.66 3.64
CA LEU B 316 -20.83 -20.14 2.86
C LEU B 316 -21.37 -18.87 3.51
N ALA B 317 -21.77 -17.92 2.66
CA ALA B 317 -22.43 -16.72 3.15
C ALA B 317 -23.90 -17.00 3.41
N ASP B 318 -24.44 -16.39 4.47
CA ASP B 318 -25.84 -16.56 4.84
C ASP B 318 -26.16 -18.03 5.10
N ILE B 319 -25.51 -18.57 6.13
CA ILE B 319 -25.73 -19.96 6.51
C ILE B 319 -27.15 -20.17 7.04
N ASN B 320 -27.71 -19.18 7.74
CA ASN B 320 -29.03 -19.34 8.35
C ASN B 320 -30.10 -19.57 7.29
N ASN B 321 -30.10 -18.76 6.24
CA ASN B 321 -31.08 -18.86 5.16
C ASN B 321 -30.37 -19.42 3.93
N LEU B 322 -30.68 -20.67 3.57
CA LEU B 322 -30.01 -21.32 2.47
C LEU B 322 -30.71 -21.04 1.15
N GLU B 323 -30.95 -19.76 0.86
CA GLU B 323 -31.45 -19.32 -0.44
C GLU B 323 -30.65 -18.19 -1.04
N ASN B 324 -29.79 -17.54 -0.27
CA ASN B 324 -28.87 -16.53 -0.79
C ASN B 324 -27.50 -17.11 -1.09
N ALA B 325 -27.33 -18.43 -0.95
CA ALA B 325 -26.03 -19.06 -1.18
C ALA B 325 -26.15 -20.38 -1.93
N GLY B 326 -27.20 -20.55 -2.72
CA GLY B 326 -27.31 -21.78 -3.49
C GLY B 326 -28.59 -21.95 -4.29
N ILE B 327 -28.45 -22.37 -5.54
CA ILE B 327 -29.58 -22.70 -6.40
C ILE B 327 -29.28 -24.02 -7.10
N ARG B 328 -30.32 -24.74 -7.48
CA ARG B 328 -30.20 -25.98 -8.22
C ARG B 328 -31.11 -25.92 -9.45
N GLY B 329 -30.98 -26.92 -10.32
CA GLY B 329 -31.78 -26.92 -11.53
C GLY B 329 -31.76 -28.26 -12.21
N GLN B 330 -32.53 -28.34 -13.29
CA GLN B 330 -32.61 -29.53 -14.12
C GLN B 330 -33.00 -29.09 -15.52
N TYR B 331 -32.64 -29.90 -16.52
CA TYR B 331 -32.87 -29.54 -17.90
C TYR B 331 -33.98 -30.38 -18.51
N LYS B 332 -34.76 -29.77 -19.38
CA LYS B 332 -35.88 -30.39 -20.07
C LYS B 332 -35.60 -30.39 -21.58
N ALA B 333 -36.62 -30.76 -22.36
CA ALA B 333 -36.46 -30.91 -23.79
C ALA B 333 -36.15 -29.56 -24.45
N GLY B 334 -35.39 -29.61 -25.54
CA GLY B 334 -35.02 -28.39 -26.23
C GLY B 334 -34.18 -28.70 -27.44
N TRP B 335 -33.65 -27.64 -28.05
CA TRP B 335 -32.84 -27.74 -29.25
C TRP B 335 -31.39 -27.43 -28.90
N MET B 336 -30.49 -28.32 -29.32
CA MET B 336 -29.07 -28.17 -29.01
C MET B 336 -28.22 -28.03 -30.28
N GLY B 337 -28.32 -28.98 -31.21
CA GLY B 337 -27.59 -28.89 -32.46
C GLY B 337 -28.50 -28.98 -33.65
N GLY B 338 -29.68 -28.36 -33.55
CA GLY B 338 -30.71 -28.50 -34.55
C GLY B 338 -31.56 -29.73 -34.40
N LYS B 339 -31.36 -30.52 -33.34
CA LYS B 339 -32.08 -31.76 -33.10
C LYS B 339 -32.96 -31.63 -31.86
N PRO B 340 -34.07 -32.37 -31.80
CA PRO B 340 -34.94 -32.34 -30.61
C PRO B 340 -34.42 -33.21 -29.46
N VAL B 341 -33.53 -32.63 -28.68
CA VAL B 341 -32.93 -33.34 -27.53
C VAL B 341 -34.01 -33.62 -26.49
N PRO B 342 -34.10 -34.85 -25.98
CA PRO B 342 -35.10 -35.16 -24.97
C PRO B 342 -34.73 -34.59 -23.60
N GLY B 343 -35.72 -34.56 -22.72
CA GLY B 343 -35.54 -34.05 -21.37
C GLY B 343 -34.85 -35.04 -20.46
N TYR B 344 -34.60 -34.60 -19.23
CA TYR B 344 -33.88 -35.43 -18.27
C TYR B 344 -34.71 -36.63 -17.83
N ARG B 345 -35.98 -36.40 -17.46
CA ARG B 345 -36.83 -37.52 -17.05
C ARG B 345 -37.54 -38.15 -18.25
N GLU B 346 -36.76 -38.43 -19.30
CA GLU B 346 -37.22 -39.21 -20.44
C GLU B 346 -36.19 -40.21 -20.94
N GLU B 347 -34.94 -40.09 -20.54
CA GLU B 347 -33.87 -40.98 -20.95
C GLU B 347 -33.97 -42.32 -20.22
N PRO B 348 -33.48 -43.41 -20.83
CA PRO B 348 -33.55 -44.71 -20.17
C PRO B 348 -32.74 -44.74 -18.89
N GLY B 349 -33.23 -45.53 -17.92
CA GLY B 349 -32.56 -45.70 -16.65
C GLY B 349 -32.80 -44.61 -15.63
N VAL B 350 -33.64 -43.63 -15.93
CA VAL B 350 -33.92 -42.52 -15.03
C VAL B 350 -35.39 -42.58 -14.62
N ASP B 351 -35.65 -42.45 -13.33
CA ASP B 351 -37.01 -42.51 -12.83
C ASP B 351 -37.83 -41.36 -13.42
N PRO B 352 -39.10 -41.59 -13.76
CA PRO B 352 -39.91 -40.52 -14.37
C PRO B 352 -40.15 -39.33 -13.46
N SER B 353 -39.83 -39.42 -12.17
CA SER B 353 -39.96 -38.31 -11.23
C SER B 353 -38.74 -38.34 -10.32
N SER B 354 -37.71 -37.58 -10.69
CA SER B 354 -36.47 -37.53 -9.93
C SER B 354 -36.12 -36.09 -9.61
N THR B 355 -35.41 -35.90 -8.49
CA THR B 355 -35.03 -34.58 -8.00
C THR B 355 -33.51 -34.51 -7.84
N THR B 356 -32.78 -35.04 -8.82
CA THR B 356 -31.32 -34.95 -8.79
C THR B 356 -30.87 -33.70 -9.51
N PRO B 357 -30.07 -32.83 -8.89
CA PRO B 357 -29.65 -31.59 -9.55
C PRO B 357 -28.75 -31.86 -10.74
N THR B 358 -28.86 -30.96 -11.72
CA THR B 358 -27.94 -30.91 -12.85
C THR B 358 -27.17 -29.59 -12.92
N PHE B 359 -27.73 -28.51 -12.40
CA PHE B 359 -27.08 -27.21 -12.32
C PHE B 359 -26.89 -26.86 -10.85
N ALA B 360 -25.84 -26.10 -10.55
CA ALA B 360 -25.54 -25.75 -9.17
C ALA B 360 -24.70 -24.48 -9.13
N ALA B 361 -25.17 -23.49 -8.38
CA ALA B 361 -24.45 -22.24 -8.18
C ALA B 361 -24.32 -21.96 -6.68
N LEU B 362 -23.13 -21.53 -6.26
CA LEU B 362 -22.85 -21.29 -4.85
C LEU B 362 -22.14 -19.95 -4.71
N LYS B 363 -22.11 -19.46 -3.47
CA LYS B 363 -21.43 -18.21 -3.14
C LYS B 363 -20.68 -18.39 -1.83
N LEU B 364 -19.36 -18.24 -1.87
CA LEU B 364 -18.50 -18.44 -0.72
C LEU B 364 -17.84 -17.13 -0.32
N MET B 365 -17.31 -17.10 0.90
CA MET B 365 -16.61 -15.93 1.42
C MET B 365 -15.45 -16.37 2.29
N VAL B 366 -14.27 -15.79 2.06
CA VAL B 366 -13.06 -16.08 2.83
C VAL B 366 -12.87 -14.96 3.84
N ASP B 367 -12.36 -15.30 5.02
CA ASP B 367 -12.23 -14.36 6.13
C ASP B 367 -10.79 -14.39 6.65
N ASN B 368 -9.93 -13.56 6.07
CA ASN B 368 -8.57 -13.38 6.58
C ASN B 368 -8.12 -11.96 6.28
N TRP B 369 -6.82 -11.71 6.41
CA TRP B 369 -6.28 -10.37 6.24
C TRP B 369 -6.25 -9.91 4.79
N ARG B 370 -6.41 -10.82 3.83
CA ARG B 370 -6.29 -10.50 2.42
C ARG B 370 -7.61 -10.50 1.66
N TRP B 371 -8.49 -11.45 1.92
CA TRP B 371 -9.72 -11.62 1.16
C TRP B 371 -10.96 -11.28 1.99
N GLN B 372 -10.88 -10.26 2.84
CA GLN B 372 -12.03 -9.88 3.65
C GLN B 372 -12.98 -8.99 2.86
N GLY B 373 -14.24 -9.40 2.80
CA GLY B 373 -15.25 -8.63 2.11
C GLY B 373 -15.36 -8.87 0.62
N VAL B 374 -14.62 -9.84 0.08
CA VAL B 374 -14.65 -10.13 -1.35
C VAL B 374 -15.38 -11.46 -1.57
N PRO B 375 -16.55 -11.46 -2.18
CA PRO B 375 -17.27 -12.72 -2.42
C PRO B 375 -16.74 -13.47 -3.64
N PHE B 376 -17.03 -14.76 -3.66
CA PHE B 376 -16.69 -15.64 -4.77
C PHE B 376 -17.94 -16.31 -5.29
N TYR B 377 -18.07 -16.40 -6.62
CA TYR B 377 -19.23 -17.01 -7.26
C TYR B 377 -18.78 -18.21 -8.08
N LEU B 378 -19.44 -19.35 -7.87
CA LEU B 378 -19.12 -20.60 -8.55
C LEU B 378 -20.34 -21.09 -9.30
N ARG B 379 -20.16 -21.50 -10.56
CA ARG B 379 -21.26 -21.96 -11.38
C ARG B 379 -20.81 -23.13 -12.23
N THR B 380 -21.67 -24.15 -12.33
CA THR B 380 -21.40 -25.33 -13.16
C THR B 380 -22.74 -25.91 -13.60
N GLY B 381 -22.70 -26.68 -14.68
CA GLY B 381 -23.93 -27.26 -15.19
C GLY B 381 -23.67 -28.14 -16.39
N LYS B 382 -24.76 -28.68 -16.94
CA LYS B 382 -24.73 -29.55 -18.10
C LYS B 382 -25.70 -29.05 -19.15
N ARG B 383 -25.45 -29.46 -20.39
CA ARG B 383 -26.28 -29.09 -21.54
C ARG B 383 -26.33 -27.57 -21.73
N MET B 384 -25.22 -26.91 -21.41
CA MET B 384 -25.06 -25.49 -21.70
C MET B 384 -24.71 -25.31 -23.17
N PRO B 385 -24.93 -24.12 -23.73
CA PRO B 385 -24.71 -23.93 -25.18
C PRO B 385 -23.29 -24.23 -25.65
N LYS B 386 -22.28 -24.00 -24.81
CA LYS B 386 -20.91 -24.21 -25.25
C LYS B 386 -20.07 -24.75 -24.09
N LYS B 387 -18.92 -25.32 -24.44
CA LYS B 387 -18.00 -25.93 -23.48
C LYS B 387 -16.85 -24.97 -23.21
N VAL B 388 -16.84 -24.36 -22.02
CA VAL B 388 -15.82 -23.40 -21.63
C VAL B 388 -15.45 -23.60 -20.18
N SER B 389 -14.34 -22.97 -19.78
CA SER B 389 -13.92 -22.85 -18.40
C SER B 389 -13.10 -21.57 -18.27
N GLU B 390 -13.36 -20.79 -17.23
CA GLU B 390 -12.75 -19.47 -17.14
C GLU B 390 -12.70 -19.02 -15.69
N ILE B 391 -11.83 -18.04 -15.44
CA ILE B 391 -11.75 -17.33 -14.17
C ILE B 391 -11.70 -15.83 -14.47
N ALA B 392 -12.59 -15.06 -13.86
CA ALA B 392 -12.71 -13.64 -14.14
C ALA B 392 -12.55 -12.84 -12.86
N ILE B 393 -11.66 -11.85 -12.90
CA ILE B 393 -11.38 -10.97 -11.77
C ILE B 393 -11.75 -9.56 -12.19
N GLN B 394 -12.62 -8.91 -11.42
CA GLN B 394 -13.10 -7.56 -11.71
C GLN B 394 -12.62 -6.61 -10.62
N PHE B 395 -12.07 -5.48 -11.02
CA PHE B 395 -11.49 -4.52 -10.10
C PHE B 395 -12.48 -3.42 -9.76
N ARG B 396 -12.09 -2.58 -8.81
CA ARG B 396 -12.94 -1.52 -8.30
C ARG B 396 -13.07 -0.40 -9.33
N GLN B 397 -13.97 0.54 -9.05
CA GLN B 397 -14.10 1.73 -9.87
C GLN B 397 -13.12 2.80 -9.39
N VAL B 398 -12.73 3.68 -10.32
CA VAL B 398 -11.72 4.69 -9.99
C VAL B 398 -12.27 5.63 -8.92
N PRO B 399 -11.54 5.87 -7.83
CA PRO B 399 -12.03 6.79 -6.80
C PRO B 399 -11.99 8.25 -7.23
N LEU B 400 -12.64 8.55 -8.35
CA LEU B 400 -12.80 9.90 -8.88
C LEU B 400 -13.67 9.81 -10.12
N LEU B 401 -14.29 10.92 -10.48
CA LEU B 401 -15.07 11.03 -11.70
C LEU B 401 -14.37 11.98 -12.65
N ILE B 402 -14.19 11.53 -13.90
CA ILE B 402 -13.54 12.38 -14.89
C ILE B 402 -14.39 13.62 -15.11
N PHE B 403 -13.74 14.76 -15.28
CA PHE B 403 -14.41 16.06 -15.24
C PHE B 403 -13.89 16.94 -16.35
N GLN B 404 -14.79 17.41 -17.21
CA GLN B 404 -14.42 18.36 -18.27
C GLN B 404 -15.68 19.15 -18.63
N SER B 405 -15.77 20.38 -18.14
CA SER B 405 -16.92 21.23 -18.43
C SER B 405 -16.56 22.27 -19.48
N ALA B 410 -17.72 4.68 -17.19
CA ALA B 410 -16.43 4.04 -17.04
C ALA B 410 -16.58 2.61 -16.49
N ASN B 411 -16.62 1.65 -17.40
CA ASN B 411 -16.77 0.26 -17.00
C ASN B 411 -15.53 -0.22 -16.24
N PRO B 412 -15.69 -1.03 -15.19
CA PRO B 412 -14.53 -1.51 -14.45
C PRO B 412 -13.70 -2.49 -15.27
N ASN B 413 -12.42 -2.55 -14.94
CA ASN B 413 -11.48 -3.42 -15.64
C ASN B 413 -11.65 -4.87 -15.22
N VAL B 414 -11.42 -5.78 -16.16
CA VAL B 414 -11.57 -7.21 -15.93
C VAL B 414 -10.31 -7.91 -16.43
N LEU B 415 -9.83 -8.88 -15.64
CA LEU B 415 -8.70 -9.72 -16.01
C LEU B 415 -9.18 -11.16 -16.02
N SER B 416 -9.00 -11.85 -17.14
CA SER B 416 -9.51 -13.19 -17.33
C SER B 416 -8.39 -14.18 -17.55
N LEU B 417 -8.69 -15.46 -17.30
CA LEU B 417 -7.72 -16.54 -17.44
C LEU B 417 -8.46 -17.76 -18.01
N ARG B 418 -8.27 -18.02 -19.30
CA ARG B 418 -9.00 -19.11 -19.99
C ARG B 418 -8.25 -20.39 -19.75
N ILE B 419 -8.96 -21.51 -19.55
CA ILE B 419 -8.30 -22.84 -19.37
C ILE B 419 -8.84 -23.81 -20.44
N GLN B 420 -10.04 -24.35 -20.23
CA GLN B 420 -10.62 -25.35 -21.17
C GLN B 420 -10.77 -24.75 -22.57
N PRO B 421 -11.41 -23.57 -22.75
CA PRO B 421 -11.63 -23.02 -24.09
C PRO B 421 -10.29 -22.79 -24.78
N ASN B 422 -9.34 -22.16 -24.08
CA ASN B 422 -7.98 -21.91 -24.65
C ASN B 422 -7.03 -21.55 -23.50
N GLU B 423 -5.74 -21.85 -23.66
CA GLU B 423 -4.76 -21.44 -22.63
C GLU B 423 -4.20 -20.06 -23.02
N GLY B 424 -4.53 -19.02 -22.24
CA GLY B 424 -4.11 -17.68 -22.58
C GLY B 424 -4.47 -16.66 -21.53
N ILE B 425 -4.32 -15.38 -21.81
CA ILE B 425 -4.54 -14.26 -20.91
C ILE B 425 -5.29 -13.17 -21.67
N SER B 426 -6.13 -12.42 -20.95
CA SER B 426 -6.84 -11.29 -21.53
C SER B 426 -6.88 -10.17 -20.50
N LEU B 427 -7.07 -8.95 -21.01
CA LEU B 427 -7.07 -7.76 -20.14
C LEU B 427 -7.82 -6.64 -20.84
N ARG B 428 -8.82 -6.08 -20.17
CA ARG B 428 -9.66 -5.02 -20.72
C ARG B 428 -9.45 -3.73 -19.94
N PHE B 429 -9.35 -2.62 -20.66
CA PHE B 429 -9.21 -1.30 -20.05
C PHE B 429 -9.91 -0.29 -20.93
N GLU B 430 -9.74 0.99 -20.61
CA GLU B 430 -10.48 2.07 -21.26
C GLU B 430 -9.52 2.99 -22.01
N ALA B 431 -9.94 3.41 -23.21
CA ALA B 431 -9.18 4.32 -24.05
C ALA B 431 -10.11 5.38 -24.61
N LYS B 432 -9.54 6.53 -24.97
CA LYS B 432 -10.32 7.65 -25.46
C LYS B 432 -10.82 7.38 -26.87
N MET B 433 -12.07 7.77 -27.12
CA MET B 433 -12.63 7.68 -28.47
C MET B 433 -12.05 8.77 -29.35
N PRO B 434 -11.66 8.47 -30.58
CA PRO B 434 -11.09 9.50 -31.45
C PRO B 434 -12.14 10.54 -31.83
N GLY B 435 -11.72 11.79 -31.88
CA GLY B 435 -12.58 12.91 -32.21
C GLY B 435 -12.32 14.07 -31.28
N SER B 436 -13.20 15.07 -31.36
CA SER B 436 -13.08 16.26 -30.52
C SER B 436 -13.53 16.00 -29.08
N GLU B 437 -14.47 15.09 -28.87
CA GLU B 437 -14.93 14.76 -27.53
C GLU B 437 -14.03 13.69 -26.90
N LEU B 438 -14.19 13.50 -25.60
CA LEU B 438 -13.37 12.58 -24.84
C LEU B 438 -14.18 11.43 -24.27
N ARG B 439 -15.12 10.90 -25.06
CA ARG B 439 -15.81 9.68 -24.68
C ARG B 439 -14.82 8.51 -24.66
N THR B 440 -15.14 7.50 -23.88
CA THR B 440 -14.25 6.38 -23.63
C THR B 440 -14.72 5.12 -24.36
N ARG B 441 -13.77 4.26 -24.68
CA ARG B 441 -14.00 2.98 -25.34
C ARG B 441 -13.70 1.85 -24.36
N THR B 442 -13.76 0.61 -24.87
CA THR B 442 -13.40 -0.58 -24.09
C THR B 442 -12.51 -1.45 -24.98
N VAL B 443 -11.20 -1.18 -24.95
CA VAL B 443 -10.23 -1.93 -25.72
C VAL B 443 -9.69 -3.07 -24.87
N ASP B 444 -9.03 -4.05 -25.50
CA ASP B 444 -8.51 -5.20 -24.79
C ASP B 444 -7.21 -5.68 -25.42
N MET B 445 -6.45 -6.46 -24.65
CA MET B 445 -5.21 -7.08 -25.10
C MET B 445 -5.28 -8.58 -24.84
N ASP B 446 -4.65 -9.37 -25.72
CA ASP B 446 -4.76 -10.82 -25.68
C ASP B 446 -3.38 -11.45 -25.74
N PHE B 447 -3.36 -12.75 -25.43
CA PHE B 447 -2.16 -13.58 -25.52
C PHE B 447 -2.55 -15.06 -25.46
N SER B 448 -2.03 -15.87 -26.38
CA SER B 448 -2.39 -17.27 -26.47
C SER B 448 -1.14 -18.13 -26.41
N TYR B 449 -1.21 -19.22 -25.64
CA TYR B 449 -0.07 -20.12 -25.52
C TYR B 449 0.14 -20.94 -26.79
N GLY B 450 -0.95 -21.44 -27.38
CA GLY B 450 -0.87 -22.29 -28.55
C GLY B 450 -0.83 -21.57 -29.88
N SER B 451 -0.77 -20.25 -29.88
CA SER B 451 -0.73 -19.48 -31.12
C SER B 451 0.35 -18.40 -31.05
N ASP B 459 -3.75 -37.97 -22.91
CA ASP B 459 -5.05 -38.32 -22.34
C ASP B 459 -4.99 -38.33 -20.81
N ALA B 460 -6.15 -38.56 -20.18
CA ALA B 460 -6.19 -38.60 -18.73
C ALA B 460 -5.64 -39.92 -18.21
N TYR B 461 -6.26 -41.04 -18.60
CA TYR B 461 -5.77 -42.34 -18.18
C TYR B 461 -4.64 -42.79 -19.11
N HIS B 462 -3.70 -41.88 -19.36
CA HIS B 462 -2.42 -42.19 -19.97
C HIS B 462 -1.29 -41.43 -19.33
N ARG B 463 -1.58 -40.39 -18.55
CA ARG B 463 -0.61 -39.62 -17.79
C ARG B 463 -0.90 -39.65 -16.29
N LEU B 464 -2.17 -39.69 -15.90
CA LEU B 464 -2.49 -39.88 -14.49
C LEU B 464 -2.09 -41.26 -14.00
N LEU B 465 -2.00 -42.23 -14.90
CA LEU B 465 -1.68 -43.61 -14.54
C LEU B 465 -0.19 -43.89 -14.53
N LEU B 466 0.59 -43.19 -15.35
CA LEU B 466 2.02 -43.45 -15.46
C LEU B 466 2.85 -42.74 -14.38
N ASP B 467 2.21 -41.95 -13.51
CA ASP B 467 2.94 -41.28 -12.44
C ASP B 467 2.93 -42.07 -11.13
N CYS B 468 1.98 -43.00 -10.96
CA CYS B 468 2.00 -43.86 -9.79
C CYS B 468 3.22 -44.76 -9.77
N MET B 469 3.80 -45.07 -10.94
CA MET B 469 5.00 -45.88 -10.99
C MET B 469 6.18 -45.17 -10.32
N LEU B 470 6.18 -43.84 -10.36
CA LEU B 470 7.27 -43.04 -9.80
C LEU B 470 6.88 -42.27 -8.55
N GLY B 471 5.65 -41.78 -8.45
CA GLY B 471 5.23 -41.01 -7.30
C GLY B 471 5.23 -39.52 -7.58
N ASP B 472 4.05 -38.89 -7.49
CA ASP B 472 3.91 -37.48 -7.82
C ASP B 472 3.69 -36.61 -6.59
N GLN B 473 2.72 -36.96 -5.74
CA GLN B 473 2.31 -36.15 -4.59
C GLN B 473 1.76 -34.79 -5.01
N THR B 474 1.44 -34.61 -6.29
CA THR B 474 0.90 -33.34 -6.79
C THR B 474 -0.46 -33.48 -7.44
N LEU B 475 -0.66 -34.49 -8.30
CA LEU B 475 -1.95 -34.71 -8.94
C LEU B 475 -2.94 -35.44 -8.04
N PHE B 476 -2.49 -36.02 -6.93
CA PHE B 476 -3.33 -36.79 -6.03
C PHE B 476 -3.55 -36.00 -4.75
N THR B 477 -4.81 -35.89 -4.34
CA THR B 477 -5.17 -35.09 -3.18
C THR B 477 -4.71 -35.76 -1.89
N ARG B 478 -4.55 -34.95 -0.85
CA ARG B 478 -4.10 -35.42 0.45
C ARG B 478 -5.30 -35.86 1.29
N ALA B 479 -5.03 -36.33 2.51
CA ALA B 479 -6.08 -36.78 3.41
C ALA B 479 -6.67 -35.65 4.26
N ASP B 480 -6.10 -34.45 4.19
CA ASP B 480 -6.61 -33.32 4.96
C ASP B 480 -7.63 -32.52 4.15
N GLU B 481 -7.26 -32.13 2.92
CA GLU B 481 -8.18 -31.35 2.09
C GLU B 481 -9.39 -32.16 1.65
N VAL B 482 -9.29 -33.48 1.60
CA VAL B 482 -10.45 -34.30 1.28
C VAL B 482 -11.53 -34.11 2.35
N GLU B 483 -11.13 -34.15 3.62
CA GLU B 483 -12.07 -33.94 4.71
C GLU B 483 -12.41 -32.47 4.91
N GLU B 484 -11.57 -31.55 4.42
CA GLU B 484 -11.86 -30.13 4.59
C GLU B 484 -12.80 -29.60 3.52
N ALA B 485 -12.82 -30.20 2.33
CA ALA B 485 -13.74 -29.79 1.29
C ALA B 485 -15.15 -30.32 1.50
N TRP B 486 -15.30 -31.38 2.29
CA TRP B 486 -16.61 -31.94 2.61
C TRP B 486 -17.33 -31.15 3.69
N ARG B 487 -16.63 -30.27 4.40
CA ARG B 487 -17.21 -29.51 5.50
C ARG B 487 -17.91 -28.25 5.03
N VAL B 488 -17.34 -27.55 4.04
CA VAL B 488 -17.93 -26.28 3.60
C VAL B 488 -19.25 -26.50 2.89
N VAL B 489 -19.42 -27.62 2.19
CA VAL B 489 -20.62 -27.88 1.42
C VAL B 489 -21.62 -28.75 2.19
N THR B 490 -21.48 -28.83 3.51
CA THR B 490 -22.35 -29.67 4.33
C THR B 490 -23.74 -29.05 4.51
N PRO B 491 -23.88 -27.76 4.84
CA PRO B 491 -25.24 -27.21 5.01
C PRO B 491 -26.11 -27.36 3.77
N VAL B 492 -25.56 -27.19 2.57
CA VAL B 492 -26.36 -27.30 1.36
C VAL B 492 -26.57 -28.75 0.92
N LEU B 493 -25.70 -29.66 1.36
CA LEU B 493 -25.87 -31.07 1.01
C LEU B 493 -27.00 -31.71 1.80
N SER B 494 -27.18 -31.33 3.05
CA SER B 494 -28.24 -31.89 3.87
C SER B 494 -29.61 -31.35 3.47
N ALA B 495 -29.70 -30.05 3.18
CA ALA B 495 -30.99 -29.46 2.83
C ALA B 495 -31.52 -29.99 1.51
N TRP B 496 -30.65 -30.23 0.54
CA TRP B 496 -31.07 -30.72 -0.77
C TRP B 496 -31.35 -32.21 -0.79
N ASP B 497 -31.08 -32.93 0.29
CA ASP B 497 -31.33 -34.36 0.35
C ASP B 497 -32.67 -34.72 1.00
N ALA B 498 -33.25 -33.78 1.73
CA ALA B 498 -34.57 -34.02 2.36
C ALA B 498 -35.64 -34.15 1.26
N PRO B 499 -36.56 -35.14 1.36
CA PRO B 499 -37.62 -35.31 0.36
C PRO B 499 -38.43 -34.02 0.20
N SER B 500 -38.77 -33.66 -1.03
CA SER B 500 -39.56 -32.42 -1.29
C SER B 500 -40.51 -32.65 -2.47
N ASP B 501 -41.60 -31.88 -2.53
CA ASP B 501 -42.57 -32.03 -3.62
C ASP B 501 -41.82 -32.04 -4.93
N PRO B 502 -41.95 -33.09 -5.76
CA PRO B 502 -41.26 -33.14 -7.05
C PRO B 502 -41.95 -32.31 -8.14
N LEU B 503 -42.33 -31.08 -7.78
CA LEU B 503 -42.89 -30.15 -8.75
C LEU B 503 -42.35 -28.74 -8.57
N SER B 504 -41.34 -28.54 -7.72
CA SER B 504 -40.77 -27.23 -7.45
C SER B 504 -39.31 -27.13 -7.87
N MET B 505 -38.84 -28.03 -8.70
CA MET B 505 -37.45 -27.97 -9.19
C MET B 505 -37.34 -26.92 -10.28
N PRO B 506 -36.34 -26.02 -10.21
CA PRO B 506 -36.22 -24.97 -11.24
C PRO B 506 -35.70 -25.50 -12.57
N LEU B 507 -36.59 -26.02 -13.39
CA LEU B 507 -36.21 -26.56 -14.70
C LEU B 507 -35.72 -25.45 -15.62
N TYR B 508 -34.91 -25.83 -16.60
CA TYR B 508 -34.46 -24.92 -17.65
C TYR B 508 -34.36 -25.67 -18.96
N GLU B 509 -34.39 -24.91 -20.05
CA GLU B 509 -34.35 -25.49 -21.39
C GLU B 509 -32.94 -25.99 -21.71
N ALA B 510 -32.88 -27.10 -22.46
CA ALA B 510 -31.61 -27.66 -22.88
C ALA B 510 -31.03 -26.79 -24.00
N GLY B 511 -30.17 -25.87 -23.62
CA GLY B 511 -29.59 -24.94 -24.57
C GLY B 511 -29.46 -23.53 -24.02
N THR B 512 -29.91 -23.32 -22.80
CA THR B 512 -29.80 -22.04 -22.11
C THR B 512 -28.83 -22.16 -20.94
N TRP B 513 -28.46 -21.00 -20.38
CA TRP B 513 -27.40 -20.97 -19.36
C TRP B 513 -27.94 -21.32 -17.98
N GLU B 514 -28.87 -20.52 -17.46
CA GLU B 514 -29.32 -20.60 -16.09
C GLU B 514 -30.80 -20.95 -16.03
N PRO B 515 -31.28 -21.48 -14.88
CA PRO B 515 -32.70 -21.82 -14.76
C PRO B 515 -33.58 -20.61 -14.45
N ALA B 516 -33.05 -19.41 -14.66
CA ALA B 516 -33.73 -18.12 -14.47
C ALA B 516 -34.00 -17.79 -13.01
N GLU B 517 -33.69 -18.70 -12.09
CA GLU B 517 -33.76 -18.39 -10.67
C GLU B 517 -32.39 -18.16 -10.06
N ALA B 518 -31.32 -18.59 -10.73
CA ALA B 518 -29.96 -18.28 -10.31
C ALA B 518 -29.51 -16.90 -10.77
N GLU B 519 -30.30 -16.22 -11.61
CA GLU B 519 -29.97 -14.87 -12.02
C GLU B 519 -30.23 -13.86 -10.92
N TRP B 520 -31.22 -14.10 -10.07
CA TRP B 520 -31.49 -13.22 -8.94
C TRP B 520 -30.46 -13.36 -7.84
N LEU B 521 -29.69 -14.46 -7.82
CA LEU B 521 -28.68 -14.66 -6.79
C LEU B 521 -27.60 -13.59 -6.87
N ILE B 522 -27.20 -13.21 -8.07
CA ILE B 522 -26.13 -12.24 -8.27
C ILE B 522 -26.69 -10.85 -8.56
N ASN B 523 -27.81 -10.77 -9.27
CA ASN B 523 -28.40 -9.48 -9.60
C ASN B 523 -28.89 -8.73 -8.37
N LYS B 524 -29.13 -9.44 -7.26
CA LYS B 524 -29.57 -8.78 -6.03
C LYS B 524 -28.49 -7.85 -5.49
N ASP B 525 -27.22 -8.20 -5.67
CA ASP B 525 -26.12 -7.38 -5.20
C ASP B 525 -25.73 -6.27 -6.16
N GLY B 526 -26.34 -6.22 -7.35
CA GLY B 526 -26.00 -5.23 -8.33
C GLY B 526 -25.01 -5.64 -9.39
N ARG B 527 -24.84 -6.94 -9.62
CA ARG B 527 -23.90 -7.46 -10.59
C ARG B 527 -24.63 -8.30 -11.64
N ARG B 528 -23.87 -8.92 -12.54
CA ARG B 528 -24.43 -9.75 -13.59
C ARG B 528 -23.46 -10.87 -13.92
N TRP B 529 -24.00 -12.01 -14.35
CA TRP B 529 -23.18 -13.10 -14.84
C TRP B 529 -22.51 -12.69 -16.15
N ARG B 530 -21.33 -13.25 -16.40
CA ARG B 530 -20.63 -12.98 -17.65
C ARG B 530 -21.26 -13.75 -18.80
N ARG B 531 -21.39 -13.09 -19.95
CA ARG B 531 -22.09 -13.70 -21.08
C ARG B 531 -21.36 -14.94 -21.58
N LEU B 532 -20.04 -14.87 -21.69
CA LEU B 532 -19.20 -15.98 -22.14
C LEU B 532 -19.59 -16.47 -23.53
N ARG C 40 -17.79 25.75 -31.66
CA ARG C 40 -16.39 26.16 -31.61
C ARG C 40 -16.08 27.18 -32.70
N THR C 41 -17.08 27.93 -33.12
CA THR C 41 -16.91 28.92 -34.16
C THR C 41 -16.24 30.17 -33.58
N PRO C 42 -15.09 30.58 -34.11
CA PRO C 42 -14.44 31.80 -33.60
C PRO C 42 -15.28 33.04 -33.87
N GLU C 43 -15.18 34.00 -32.96
CA GLU C 43 -15.88 35.26 -33.13
C GLU C 43 -15.24 36.08 -34.25
N PRO C 44 -16.03 36.91 -34.94
CA PRO C 44 -15.45 37.77 -35.97
C PRO C 44 -14.45 38.76 -35.39
N LEU C 45 -13.40 39.05 -36.15
CA LEU C 45 -12.33 39.91 -35.69
C LEU C 45 -11.59 40.45 -36.91
N ILE C 46 -10.61 41.32 -36.65
CA ILE C 46 -9.77 41.89 -37.69
C ILE C 46 -8.32 41.53 -37.38
N LEU C 47 -7.66 40.86 -38.31
CA LEU C 47 -6.28 40.46 -38.11
C LEU C 47 -5.33 41.61 -38.39
N THR C 48 -4.25 41.68 -37.63
CA THR C 48 -3.28 42.77 -37.70
C THR C 48 -1.86 42.21 -37.71
N ILE C 49 -1.61 41.25 -38.61
CA ILE C 49 -0.31 40.60 -38.68
C ILE C 49 0.79 41.64 -38.80
N PHE C 50 1.82 41.50 -37.97
CA PHE C 50 2.93 42.44 -37.90
C PHE C 50 4.15 41.84 -38.58
N GLY C 51 4.81 42.61 -39.43
CA GLY C 51 5.99 42.15 -40.12
C GLY C 51 5.72 40.99 -41.07
N ALA C 52 4.68 41.12 -41.88
CA ALA C 52 4.30 40.08 -42.83
C ALA C 52 5.22 40.04 -44.04
N SER C 53 6.16 40.97 -44.18
CA SER C 53 7.05 41.01 -45.32
C SER C 53 8.01 39.82 -45.37
N GLY C 54 8.13 39.06 -44.28
CA GLY C 54 9.04 37.93 -44.24
C GLY C 54 8.50 36.73 -45.00
N ASP C 55 9.33 35.69 -45.05
CA ASP C 55 9.00 34.46 -45.77
C ASP C 55 8.31 33.43 -44.87
N LEU C 56 7.61 33.89 -43.83
CA LEU C 56 6.91 33.00 -42.91
C LEU C 56 5.40 33.20 -42.92
N THR C 57 4.93 34.44 -43.12
CA THR C 57 3.51 34.72 -43.05
C THR C 57 2.80 34.32 -44.34
N GLN C 58 3.20 34.93 -45.47
CA GLN C 58 2.55 34.63 -46.74
C GLN C 58 2.87 33.21 -47.21
N ARG C 59 4.05 32.70 -46.89
CA ARG C 59 4.43 31.37 -47.34
C ARG C 59 3.72 30.28 -46.56
N LYS C 60 3.56 30.48 -45.24
CA LYS C 60 3.05 29.43 -44.37
C LYS C 60 1.77 29.81 -43.65
N LEU C 61 1.72 30.99 -43.03
CA LEU C 61 0.56 31.35 -42.22
C LEU C 61 -0.66 31.63 -43.08
N VAL C 62 -0.49 32.43 -44.14
CA VAL C 62 -1.63 32.81 -44.99
C VAL C 62 -2.31 31.61 -45.63
N PRO C 63 -1.59 30.63 -46.21
CA PRO C 63 -2.29 29.45 -46.73
C PRO C 63 -3.06 28.68 -45.67
N ALA C 64 -2.57 28.63 -44.43
CA ALA C 64 -3.31 27.96 -43.38
C ALA C 64 -4.64 28.65 -43.10
N ILE C 65 -4.62 29.98 -43.03
CA ILE C 65 -5.86 30.73 -42.80
C ILE C 65 -6.80 30.55 -43.99
N TYR C 66 -6.26 30.54 -45.21
CA TYR C 66 -7.08 30.33 -46.38
C TYR C 66 -7.76 28.95 -46.34
N GLN C 67 -6.99 27.91 -46.02
CA GLN C 67 -7.55 26.56 -45.96
C GLN C 67 -8.60 26.44 -44.86
N MET C 68 -8.35 27.07 -43.72
CA MET C 68 -9.38 27.08 -42.66
C MET C 68 -10.63 27.81 -43.12
N LYS C 69 -10.47 28.90 -43.89
CA LYS C 69 -11.63 29.64 -44.37
C LYS C 69 -12.41 28.87 -45.42
N ARG C 70 -11.73 27.97 -46.16
CA ARG C 70 -12.45 27.13 -47.11
C ARG C 70 -13.48 26.25 -46.40
N GLU C 71 -13.15 25.76 -45.21
CA GLU C 71 -14.07 24.95 -44.43
C GLU C 71 -15.10 25.85 -43.76
N ARG C 72 -15.98 25.23 -42.95
CA ARG C 72 -17.03 25.94 -42.25
C ARG C 72 -16.67 26.26 -40.81
N ARG C 73 -15.38 26.47 -40.53
CA ARG C 73 -14.92 26.75 -39.17
C ARG C 73 -14.68 28.25 -38.96
N LEU C 74 -13.84 28.86 -39.78
CA LEU C 74 -13.54 30.27 -39.62
C LEU C 74 -14.77 31.12 -39.93
N PRO C 75 -14.99 32.20 -39.20
CA PRO C 75 -16.15 33.05 -39.48
C PRO C 75 -16.01 33.73 -40.82
N PRO C 76 -17.11 34.00 -41.52
CA PRO C 76 -17.01 34.71 -42.80
C PRO C 76 -16.56 36.14 -42.69
N GLU C 77 -16.68 36.76 -41.50
CA GLU C 77 -16.29 38.15 -41.30
C GLU C 77 -14.92 38.17 -40.60
N LEU C 78 -13.87 38.08 -41.40
CA LEU C 78 -12.49 38.09 -40.90
C LEU C 78 -11.66 38.95 -41.85
N THR C 79 -11.29 40.14 -41.38
CA THR C 79 -10.48 41.06 -42.17
C THR C 79 -9.01 40.94 -41.78
N VAL C 80 -8.14 40.83 -42.77
CA VAL C 80 -6.71 40.69 -42.56
C VAL C 80 -6.03 41.98 -43.01
N VAL C 81 -5.19 42.54 -42.14
CA VAL C 81 -4.46 43.77 -42.42
C VAL C 81 -2.98 43.44 -42.48
N GLY C 82 -2.32 43.89 -43.54
CA GLY C 82 -0.91 43.60 -43.75
C GLY C 82 -0.03 44.73 -43.23
N PHE C 83 1.08 44.33 -42.60
CA PHE C 83 2.09 45.26 -42.11
C PHE C 83 3.46 44.80 -42.56
N ALA C 84 4.33 45.76 -42.87
CA ALA C 84 5.64 45.44 -43.40
C ALA C 84 6.56 46.64 -43.18
N ARG C 85 7.75 46.57 -43.78
CA ARG C 85 8.74 47.63 -43.70
C ARG C 85 8.80 48.49 -44.96
N ARG C 86 8.45 47.93 -46.11
CA ARG C 86 8.53 48.63 -47.39
C ARG C 86 7.14 49.05 -47.82
N ASP C 87 7.07 49.83 -48.90
CA ASP C 87 5.81 50.28 -49.47
C ASP C 87 5.89 50.13 -50.98
N TRP C 88 5.06 49.24 -51.54
CA TRP C 88 5.00 49.04 -52.97
C TRP C 88 3.68 49.53 -53.57
N SER C 89 2.55 49.03 -53.07
CA SER C 89 1.22 49.42 -53.55
C SER C 89 0.20 48.75 -52.65
N HIS C 90 -1.07 49.03 -52.91
CA HIS C 90 -2.16 48.39 -52.19
C HIS C 90 -2.62 47.10 -52.85
N ASP C 91 -2.14 46.80 -54.06
CA ASP C 91 -2.48 45.57 -54.75
C ASP C 91 -1.30 44.63 -54.95
N HIS C 92 -0.06 45.13 -54.86
CA HIS C 92 1.10 44.26 -54.96
C HIS C 92 1.15 43.25 -53.82
N PHE C 93 0.54 43.57 -52.67
CA PHE C 93 0.44 42.59 -51.60
C PHE C 93 -0.45 41.42 -51.96
N ARG C 94 -1.41 41.61 -52.87
CA ARG C 94 -2.30 40.53 -53.28
C ARG C 94 -1.67 39.59 -54.30
N GLU C 95 -0.53 39.95 -54.88
CA GLU C 95 0.15 39.07 -55.81
C GLU C 95 1.15 38.15 -55.14
N GLN C 96 1.63 38.50 -53.95
CA GLN C 96 2.49 37.58 -53.21
C GLN C 96 1.71 36.37 -52.72
N MET C 97 0.40 36.52 -52.53
CA MET C 97 -0.46 35.38 -52.21
C MET C 97 -0.46 34.37 -53.35
N ARG C 98 -0.53 34.86 -54.59
CA ARG C 98 -0.59 33.97 -55.74
C ARG C 98 0.67 33.13 -55.89
N LYS C 99 1.83 33.67 -55.49
CA LYS C 99 3.08 32.93 -55.56
C LYS C 99 3.34 32.10 -54.31
N GLY C 100 2.47 32.16 -53.30
CA GLY C 100 2.71 31.45 -52.07
C GLY C 100 1.67 30.39 -51.75
N ILE C 101 0.53 30.42 -52.44
CA ILE C 101 -0.55 29.47 -52.23
C ILE C 101 -0.81 28.60 -53.45
N GLU C 102 -0.74 29.20 -54.65
CA GLU C 102 -1.05 28.45 -55.87
C GLU C 102 -0.04 27.32 -56.13
N GLU C 103 1.14 27.38 -55.53
CA GLU C 103 2.19 26.40 -55.80
C GLU C 103 2.72 25.72 -54.55
N PHE C 104 2.16 25.99 -53.36
CA PHE C 104 2.69 25.43 -52.13
C PHE C 104 1.72 24.46 -51.45
N SER C 105 0.50 24.89 -51.13
CA SER C 105 -0.38 24.07 -50.30
C SER C 105 -1.46 23.36 -51.11
N THR C 106 -2.36 24.13 -51.75
CA THR C 106 -3.50 23.54 -52.45
C THR C 106 -3.85 24.24 -53.75
N GLY C 107 -3.10 25.24 -54.18
CA GLY C 107 -3.53 25.99 -55.34
C GLY C 107 -4.76 26.85 -55.01
N ILE C 108 -5.55 27.12 -56.04
CA ILE C 108 -6.77 27.90 -55.87
C ILE C 108 -8.00 27.01 -56.13
N LEU C 121 -7.71 42.48 -46.71
CA LEU C 121 -6.40 42.59 -47.35
C LEU C 121 -6.03 44.06 -47.56
N PHE C 122 -5.15 44.57 -46.71
CA PHE C 122 -4.72 45.96 -46.78
C PHE C 122 -3.19 45.99 -46.66
N TYR C 123 -2.64 47.20 -46.55
CA TYR C 123 -1.19 47.36 -46.46
C TYR C 123 -0.89 48.69 -45.78
N CYS C 124 0.34 48.78 -45.25
CA CYS C 124 0.82 50.00 -44.61
C CYS C 124 2.34 50.03 -44.69
N SER C 125 2.91 51.17 -44.33
CA SER C 125 4.35 51.39 -44.38
C SER C 125 4.85 52.00 -43.09
N GLY C 126 4.38 51.45 -41.96
CA GLY C 126 4.81 51.94 -40.67
C GLY C 126 6.25 51.60 -40.36
N ASN C 127 6.86 52.43 -39.52
CA ASN C 127 8.25 52.23 -39.10
C ASN C 127 8.28 51.19 -37.98
N MET C 128 9.46 50.97 -37.40
CA MET C 128 9.62 50.01 -36.32
C MET C 128 9.81 50.67 -34.96
N ASP C 129 10.69 51.66 -34.86
CA ASP C 129 10.94 52.37 -33.60
C ASP C 129 10.68 53.85 -33.83
N ASP C 130 9.41 54.24 -33.73
CA ASP C 130 9.02 55.64 -33.80
C ASP C 130 7.65 55.82 -33.16
N PRO C 131 7.54 56.64 -32.10
CA PRO C 131 6.21 56.90 -31.52
C PRO C 131 5.20 57.45 -32.51
N GLU C 132 5.64 58.32 -33.42
CA GLU C 132 4.71 58.94 -34.35
C GLU C 132 4.18 57.95 -35.38
N SER C 133 5.01 56.99 -35.79
CA SER C 133 4.65 56.07 -36.86
C SER C 133 3.43 55.22 -36.50
N TYR C 134 3.25 54.90 -35.22
CA TYR C 134 2.11 54.10 -34.80
C TYR C 134 0.80 54.86 -34.83
N LEU C 135 0.85 56.20 -34.90
CA LEU C 135 -0.38 56.98 -34.97
C LEU C 135 -1.11 56.81 -36.28
N LYS C 136 -0.41 56.37 -37.34
CA LYS C 136 -1.07 56.15 -38.62
C LYS C 136 -2.06 54.99 -38.57
N LEU C 137 -1.91 54.08 -37.61
CA LEU C 137 -2.81 52.95 -37.47
C LEU C 137 -4.14 53.38 -36.87
N THR C 150 -17.36 44.02 -39.07
CA THR C 150 -16.74 43.17 -38.05
C THR C 150 -17.15 43.63 -36.65
N ARG C 151 -16.16 43.88 -35.80
CA ARG C 151 -16.39 44.32 -34.43
C ARG C 151 -15.11 44.96 -33.91
N GLY C 152 -15.07 45.25 -32.61
CA GLY C 152 -13.90 45.83 -32.01
C GLY C 152 -12.93 44.78 -31.49
N ASN C 153 -12.46 43.91 -32.38
CA ASN C 153 -11.53 42.85 -32.03
C ASN C 153 -10.33 42.88 -32.95
N ARG C 154 -9.15 42.60 -32.39
CA ARG C 154 -7.92 42.57 -33.16
C ARG C 154 -7.01 41.49 -32.60
N VAL C 155 -6.05 41.06 -33.42
CA VAL C 155 -5.03 40.10 -33.02
C VAL C 155 -3.72 40.47 -33.71
N PHE C 156 -2.67 40.65 -32.93
CA PHE C 156 -1.35 41.00 -33.46
C PHE C 156 -0.47 39.76 -33.54
N TYR C 157 0.50 39.82 -34.45
CA TYR C 157 1.42 38.70 -34.69
C TYR C 157 2.83 39.29 -34.87
N LEU C 158 3.58 39.34 -33.78
CA LEU C 158 4.91 39.93 -33.78
C LEU C 158 5.94 38.85 -34.08
N ALA C 159 6.48 38.86 -35.31
CA ALA C 159 7.53 37.92 -35.69
C ALA C 159 8.40 38.61 -36.74
N VAL C 160 9.49 39.24 -36.27
CA VAL C 160 10.42 39.91 -37.18
C VAL C 160 11.85 39.43 -36.93
N SER C 161 12.24 39.32 -35.67
CA SER C 161 13.63 39.06 -35.30
C SER C 161 13.67 38.76 -33.80
N PRO C 162 14.72 38.09 -33.33
CA PRO C 162 14.83 37.80 -31.89
C PRO C 162 15.42 38.91 -31.04
N ASN C 163 15.50 40.14 -31.55
CA ASN C 163 16.02 41.25 -30.77
C ASN C 163 15.16 42.50 -30.87
N PHE C 164 13.94 42.37 -31.39
CA PHE C 164 13.04 43.52 -31.56
C PHE C 164 11.80 43.45 -30.70
N PHE C 165 11.65 42.43 -29.86
CA PHE C 165 10.46 42.32 -29.02
C PHE C 165 10.31 43.46 -28.02
N PRO C 166 11.33 43.83 -27.24
CA PRO C 166 11.13 44.87 -26.21
C PRO C 166 10.69 46.20 -26.79
N PRO C 167 11.42 46.80 -27.75
CA PRO C 167 10.98 48.12 -28.23
C PRO C 167 9.64 48.07 -28.94
N GLY C 168 9.39 47.01 -29.72
CA GLY C 168 8.11 46.91 -30.40
C GLY C 168 6.95 46.80 -29.42
N ILE C 169 7.10 45.97 -28.39
CA ILE C 169 6.06 45.82 -27.38
C ILE C 169 5.85 47.14 -26.65
N LYS C 170 6.94 47.82 -26.27
CA LYS C 170 6.81 49.07 -25.53
C LYS C 170 6.09 50.13 -26.37
N GLN C 171 6.46 50.27 -27.63
CA GLN C 171 5.84 51.30 -28.47
C GLN C 171 4.42 50.93 -28.85
N LEU C 172 4.11 49.63 -28.98
CA LEU C 172 2.74 49.24 -29.26
C LEU C 172 1.83 49.43 -28.05
N GLY C 173 2.35 49.22 -26.84
CA GLY C 173 1.57 49.47 -25.65
C GLY C 173 1.49 50.92 -25.24
N ALA C 174 2.43 51.75 -25.69
CA ALA C 174 2.39 53.18 -25.35
C ALA C 174 1.22 53.88 -26.02
N ALA C 175 0.85 53.46 -27.24
CA ALA C 175 -0.24 54.10 -27.96
C ALA C 175 -1.61 53.83 -27.35
N GLY C 176 -1.72 52.89 -26.41
CA GLY C 176 -2.99 52.59 -25.78
C GLY C 176 -3.83 51.55 -26.47
N MET C 177 -3.26 50.74 -27.35
CA MET C 177 -4.01 49.71 -28.03
C MET C 177 -4.41 48.55 -27.12
N LEU C 178 -3.88 48.49 -25.90
CA LEU C 178 -4.23 47.48 -24.92
C LEU C 178 -4.73 48.19 -23.66
N SER C 179 -6.04 48.38 -23.57
CA SER C 179 -6.62 49.11 -22.45
C SER C 179 -7.86 48.45 -21.86
N ASP C 180 -8.32 47.34 -22.41
CA ASP C 180 -9.52 46.66 -21.93
C ASP C 180 -9.25 45.16 -21.91
N PRO C 181 -10.01 44.39 -21.12
CA PRO C 181 -9.71 42.96 -20.96
C PRO C 181 -9.63 42.17 -22.25
N VAL C 182 -10.68 42.17 -23.05
CA VAL C 182 -10.76 41.33 -24.26
C VAL C 182 -11.11 42.22 -25.45
N LYS C 183 -10.08 42.79 -26.08
CA LYS C 183 -10.22 43.33 -27.42
C LYS C 183 -9.06 42.98 -28.35
N SER C 184 -7.88 42.63 -27.83
CA SER C 184 -6.72 42.38 -28.67
C SER C 184 -5.83 41.35 -27.99
N ARG C 185 -5.12 40.58 -28.80
CA ARG C 185 -4.18 39.58 -28.32
C ARG C 185 -2.85 39.77 -29.04
N ILE C 186 -1.76 39.44 -28.34
CA ILE C 186 -0.41 39.55 -28.87
C ILE C 186 0.26 38.19 -28.74
N VAL C 187 0.86 37.72 -29.83
CA VAL C 187 1.58 36.45 -29.86
C VAL C 187 3.04 36.72 -30.20
N ILE C 188 3.94 36.03 -29.51
CA ILE C 188 5.37 36.26 -29.65
C ILE C 188 6.01 35.01 -30.25
N GLU C 189 6.79 35.20 -31.31
CA GLU C 189 7.46 34.10 -31.97
C GLU C 189 8.68 33.65 -31.17
N LYS C 190 9.00 32.36 -31.28
CA LYS C 190 10.14 31.82 -30.57
C LYS C 190 11.45 32.34 -31.16
N PRO C 191 12.54 32.38 -30.38
CA PRO C 191 12.67 31.98 -28.96
C PRO C 191 12.21 33.06 -27.98
N PHE C 192 11.98 32.69 -26.73
CA PHE C 192 11.59 33.61 -25.68
C PHE C 192 12.68 33.57 -24.59
N GLY C 193 13.70 34.40 -24.76
CA GLY C 193 14.81 34.44 -23.84
C GLY C 193 15.94 33.50 -24.24
N ARG C 194 17.09 33.70 -23.59
CA ARG C 194 18.26 32.87 -23.87
C ARG C 194 18.80 32.26 -22.58
N ASP C 195 18.68 32.98 -21.47
CA ASP C 195 19.08 32.50 -20.16
C ASP C 195 17.96 32.79 -19.17
N LEU C 196 18.19 32.42 -17.91
CA LEU C 196 17.21 32.73 -16.87
C LEU C 196 17.08 34.24 -16.67
N SER C 197 18.21 34.95 -16.69
CA SER C 197 18.17 36.40 -16.51
C SER C 197 17.52 37.09 -17.71
N SER C 198 17.83 36.63 -18.92
CA SER C 198 17.28 37.24 -20.13
C SER C 198 15.80 36.91 -20.34
N ALA C 199 15.27 35.91 -19.65
CA ALA C 199 13.86 35.59 -19.75
C ALA C 199 13.03 36.27 -18.67
N GLN C 200 13.62 36.58 -17.52
CA GLN C 200 12.90 37.28 -16.47
C GLN C 200 12.65 38.74 -16.84
N SER C 201 13.61 39.36 -17.53
CA SER C 201 13.46 40.77 -17.89
C SER C 201 12.36 40.97 -18.92
N LEU C 202 12.23 40.04 -19.88
CA LEU C 202 11.19 40.17 -20.88
C LEU C 202 9.80 40.02 -20.28
N ASN C 203 9.67 39.24 -19.20
CA ASN C 203 8.38 39.09 -18.55
C ASN C 203 7.95 40.39 -17.86
N ARG C 204 8.91 41.15 -17.32
CA ARG C 204 8.59 42.41 -16.67
C ARG C 204 8.05 43.43 -17.66
N VAL C 205 8.63 43.47 -18.86
CA VAL C 205 8.15 44.40 -19.89
C VAL C 205 6.72 44.03 -20.30
N VAL C 206 6.44 42.74 -20.43
CA VAL C 206 5.10 42.30 -20.81
C VAL C 206 4.08 42.71 -19.74
N GLN C 207 4.44 42.52 -18.47
CA GLN C 207 3.52 42.84 -17.38
C GLN C 207 3.31 44.34 -17.22
N SER C 208 4.21 45.17 -17.75
CA SER C 208 4.09 46.61 -17.63
C SER C 208 3.21 47.24 -18.70
N VAL C 209 2.83 46.48 -19.73
CA VAL C 209 1.99 46.98 -20.81
C VAL C 209 0.62 46.31 -20.80
N CYS C 210 0.59 44.98 -20.70
CA CYS C 210 -0.67 44.25 -20.65
C CYS C 210 -0.65 43.25 -19.51
N LYS C 211 -1.67 42.39 -19.45
CA LYS C 211 -1.80 41.38 -18.40
C LYS C 211 -1.78 39.99 -19.04
N GLU C 212 -1.96 38.99 -18.19
CA GLU C 212 -2.08 37.61 -18.68
C GLU C 212 -3.41 37.43 -19.43
N ASN C 213 -3.56 36.25 -20.03
CA ASN C 213 -4.75 35.86 -20.78
C ASN C 213 -4.81 36.62 -22.12
N GLN C 214 -3.92 37.59 -22.31
CA GLN C 214 -3.83 38.34 -23.55
C GLN C 214 -2.55 38.08 -24.32
N VAL C 215 -1.64 37.27 -23.79
CA VAL C 215 -0.36 36.98 -24.42
C VAL C 215 -0.25 35.48 -24.65
N TYR C 216 0.23 35.10 -25.83
CA TYR C 216 0.43 33.70 -26.20
C TYR C 216 1.86 33.53 -26.69
N ARG C 217 2.57 32.58 -26.08
CA ARG C 217 3.97 32.30 -26.43
C ARG C 217 4.04 31.02 -27.24
N ILE C 218 4.68 31.09 -28.40
CA ILE C 218 4.84 29.93 -29.27
C ILE C 218 6.22 29.35 -29.00
N ASP C 219 6.26 28.14 -28.46
CA ASP C 219 7.51 27.46 -28.16
C ASP C 219 7.67 26.16 -28.94
N HIS C 220 6.68 25.28 -28.89
CA HIS C 220 6.72 24.01 -29.59
C HIS C 220 5.30 23.63 -29.99
N TYR C 221 5.11 22.39 -30.42
CA TYR C 221 3.79 21.91 -30.84
C TYR C 221 3.64 20.46 -30.40
N LEU C 222 2.95 20.24 -29.29
CA LEU C 222 2.51 18.92 -28.87
C LEU C 222 1.02 18.81 -29.18
N GLY C 223 0.65 17.77 -29.92
CA GLY C 223 -0.71 17.67 -30.42
C GLY C 223 -1.72 17.61 -29.30
N LYS C 224 -2.90 18.19 -29.56
CA LYS C 224 -3.98 18.16 -28.58
C LYS C 224 -4.50 16.76 -28.35
N GLU C 225 -4.50 15.92 -29.40
CA GLU C 225 -4.95 14.54 -29.24
C GLU C 225 -4.00 13.75 -28.35
N THR C 226 -2.69 13.98 -28.49
CA THR C 226 -1.71 13.22 -27.71
C THR C 226 -1.87 13.48 -26.21
N VAL C 227 -2.05 14.74 -25.83
CA VAL C 227 -2.16 15.08 -24.40
C VAL C 227 -3.40 14.44 -23.80
N GLN C 228 -4.53 14.55 -24.50
CA GLN C 228 -5.78 13.95 -24.00
C GLN C 228 -5.69 12.43 -23.98
N ASN C 229 -5.05 11.85 -24.99
CA ASN C 229 -4.85 10.40 -24.99
C ASN C 229 -4.03 9.95 -23.79
N LEU C 230 -3.00 10.71 -23.44
CA LEU C 230 -2.20 10.39 -22.26
C LEU C 230 -3.01 10.56 -20.98
N MET C 231 -3.79 11.64 -20.87
CA MET C 231 -4.52 11.90 -19.63
C MET C 231 -5.62 10.88 -19.40
N VAL C 232 -6.34 10.48 -20.45
CA VAL C 232 -7.44 9.52 -20.27
C VAL C 232 -6.90 8.16 -19.83
N PHE C 233 -5.76 7.76 -20.38
CA PHE C 233 -5.21 6.44 -20.08
C PHE C 233 -4.82 6.32 -18.61
N ARG C 234 -4.17 7.36 -18.06
CA ARG C 234 -3.66 7.27 -16.69
C ARG C 234 -4.79 7.34 -15.66
N PHE C 235 -5.71 8.29 -15.83
CA PHE C 235 -6.63 8.68 -14.76
C PHE C 235 -8.00 8.05 -14.88
N ALA C 236 -8.25 7.21 -15.88
CA ALA C 236 -9.53 6.52 -16.01
C ALA C 236 -9.40 5.03 -15.78
N ASN C 237 -8.28 4.56 -15.24
CA ASN C 237 -8.04 3.14 -15.02
C ASN C 237 -7.63 2.93 -13.56
N ALA C 238 -8.03 1.77 -13.02
CA ALA C 238 -7.81 1.44 -11.63
C ALA C 238 -6.67 0.44 -11.43
N ILE C 239 -5.86 0.18 -12.45
CA ILE C 239 -4.78 -0.78 -12.36
C ILE C 239 -3.42 -0.16 -12.60
N PHE C 240 -3.35 1.11 -13.00
CA PHE C 240 -2.09 1.74 -13.35
C PHE C 240 -1.64 2.82 -12.39
N GLU C 241 -2.55 3.36 -11.58
CA GLU C 241 -2.18 4.42 -10.63
C GLU C 241 -1.48 3.89 -9.39
N PRO C 242 -1.93 2.78 -8.79
CA PRO C 242 -1.19 2.25 -7.62
C PRO C 242 0.27 1.93 -7.90
N LEU C 243 0.61 1.55 -9.12
CA LEU C 243 1.98 1.20 -9.47
C LEU C 243 2.81 2.40 -9.92
N TRP C 244 2.24 3.60 -9.92
CA TRP C 244 2.92 4.79 -10.40
C TRP C 244 3.52 5.58 -9.23
N ASN C 245 4.49 4.95 -8.55
CA ASN C 245 5.11 5.57 -7.39
C ASN C 245 6.46 4.91 -7.14
N ARG C 246 7.13 5.34 -6.07
CA ARG C 246 8.51 4.94 -5.81
C ARG C 246 8.64 3.51 -5.31
N GLN C 247 7.56 2.90 -4.84
CA GLN C 247 7.66 1.57 -4.24
C GLN C 247 7.79 0.47 -5.28
N PHE C 248 7.44 0.72 -6.53
CA PHE C 248 7.44 -0.33 -7.55
C PHE C 248 8.24 0.00 -8.81
N VAL C 249 8.68 1.25 -9.00
CA VAL C 249 9.35 1.65 -10.23
C VAL C 249 10.85 1.73 -9.99
N ASP C 250 11.62 1.37 -11.02
CA ASP C 250 13.08 1.38 -10.96
C ASP C 250 13.66 2.66 -11.55
N HIS C 251 13.36 2.96 -12.81
CA HIS C 251 13.78 4.20 -13.45
C HIS C 251 12.94 4.41 -14.70
N VAL C 252 13.03 5.62 -15.25
CA VAL C 252 12.26 6.04 -16.41
C VAL C 252 13.21 6.61 -17.45
N GLN C 253 12.92 6.35 -18.72
CA GLN C 253 13.72 6.85 -19.85
C GLN C 253 12.81 7.55 -20.85
N ILE C 254 13.30 8.67 -21.39
CA ILE C 254 12.59 9.42 -22.42
C ILE C 254 13.56 9.70 -23.56
N THR C 255 13.11 9.45 -24.79
CA THR C 255 13.98 9.54 -25.96
C THR C 255 13.26 10.24 -27.10
N VAL C 256 13.95 11.18 -27.75
CA VAL C 256 13.48 11.83 -28.97
C VAL C 256 14.62 11.82 -29.98
N ALA C 257 14.37 11.21 -31.14
CA ALA C 257 15.41 11.03 -32.15
C ALA C 257 14.96 11.59 -33.49
N GLU C 258 15.93 12.04 -34.28
CA GLU C 258 15.69 12.56 -35.61
C GLU C 258 16.72 11.99 -36.57
N THR C 259 16.48 12.19 -37.87
CA THR C 259 17.36 11.67 -38.91
C THR C 259 17.83 12.75 -39.88
N VAL C 260 17.81 14.02 -39.47
CA VAL C 260 18.17 15.11 -40.34
C VAL C 260 19.21 15.98 -39.66
N GLY C 261 20.01 16.66 -40.49
CA GLY C 261 21.02 17.59 -40.00
C GLY C 261 20.44 18.98 -39.83
N VAL C 262 21.35 19.97 -39.82
CA VAL C 262 20.92 21.36 -39.67
C VAL C 262 20.20 21.89 -40.90
N GLU C 263 20.27 21.18 -42.03
CA GLU C 263 19.58 21.57 -43.28
C GLU C 263 20.10 22.95 -43.67
N GLU C 264 19.22 23.93 -43.91
CA GLU C 264 19.64 25.26 -44.33
C GLU C 264 19.70 26.27 -43.21
N ARG C 265 19.22 25.93 -42.01
CA ARG C 265 19.21 26.86 -40.89
C ARG C 265 20.54 26.85 -40.13
N ALA C 266 21.64 26.99 -40.87
CA ALA C 266 22.96 27.00 -40.25
C ALA C 266 23.18 28.27 -39.43
N GLY C 267 22.52 29.36 -39.80
CA GLY C 267 22.69 30.62 -39.07
C GLY C 267 22.00 30.64 -37.73
N TYR C 268 20.97 29.81 -37.53
CA TYR C 268 20.25 29.78 -36.26
C TYR C 268 20.80 28.73 -35.31
N TYR C 269 21.11 27.53 -35.82
CA TYR C 269 21.60 26.46 -34.96
C TYR C 269 22.99 26.75 -34.40
N GLU C 270 23.73 27.68 -35.00
CA GLU C 270 25.06 28.02 -34.51
C GLU C 270 24.99 28.63 -33.11
N SER C 271 24.00 29.48 -32.86
CA SER C 271 23.85 30.17 -31.59
C SER C 271 22.73 29.59 -30.73
N ALA C 272 22.27 28.38 -31.05
CA ALA C 272 21.18 27.74 -30.31
C ALA C 272 21.65 26.51 -29.56
N GLY C 273 22.25 25.55 -30.25
CA GLY C 273 22.68 24.32 -29.63
C GLY C 273 21.52 23.35 -29.44
N ALA C 274 21.86 22.16 -28.92
CA ALA C 274 20.88 21.13 -28.66
C ALA C 274 20.31 21.18 -27.25
N LEU C 275 20.76 22.12 -26.42
CA LEU C 275 20.21 22.30 -25.08
C LEU C 275 19.05 23.28 -25.07
N ARG C 276 19.09 24.31 -25.91
CA ARG C 276 17.99 25.25 -26.03
C ARG C 276 16.92 24.78 -26.99
N ASP C 277 17.17 23.72 -27.75
CA ASP C 277 16.19 23.10 -28.63
C ASP C 277 15.85 21.71 -28.12
N MET C 278 14.56 21.45 -27.95
CA MET C 278 14.01 20.14 -27.64
C MET C 278 14.41 19.60 -26.28
N VAL C 279 15.12 20.37 -25.45
CA VAL C 279 15.45 19.92 -24.11
C VAL C 279 14.75 20.81 -23.09
N GLN C 280 14.58 22.09 -23.44
CA GLN C 280 13.81 23.00 -22.61
C GLN C 280 12.36 23.10 -23.05
N ASN C 281 12.09 22.89 -24.34
CA ASN C 281 10.75 22.99 -24.89
C ASN C 281 10.04 21.65 -24.94
N HIS C 282 10.63 20.66 -25.64
CA HIS C 282 9.95 19.41 -25.90
C HIS C 282 10.10 18.43 -24.75
N LEU C 283 11.35 18.11 -24.37
CA LEU C 283 11.59 17.07 -23.38
C LEU C 283 11.12 17.47 -21.98
N MET C 284 10.93 18.77 -21.72
CA MET C 284 10.39 19.19 -20.43
C MET C 284 8.88 18.96 -20.34
N GLN C 285 8.17 19.05 -21.46
CA GLN C 285 6.72 18.84 -21.43
C GLN C 285 6.38 17.35 -21.33
N LEU C 286 7.17 16.49 -21.98
CA LEU C 286 6.96 15.06 -21.83
C LEU C 286 7.33 14.58 -20.43
N PHE C 287 8.28 15.26 -19.79
CA PHE C 287 8.69 14.87 -18.44
C PHE C 287 7.65 15.30 -17.40
N CYS C 288 7.00 16.45 -17.62
CA CYS C 288 6.04 16.95 -16.66
C CYS C 288 4.73 16.18 -16.67
N LEU C 289 4.38 15.55 -17.79
CA LEU C 289 3.14 14.79 -17.88
C LEU C 289 3.24 13.39 -17.27
N THR C 290 4.45 12.92 -16.97
CA THR C 290 4.65 11.60 -16.40
C THR C 290 4.83 11.62 -14.89
N ALA C 291 5.28 12.74 -14.32
CA ALA C 291 5.57 12.82 -12.90
C ALA C 291 4.57 13.67 -12.13
N MET C 292 3.46 14.06 -12.74
CA MET C 292 2.51 14.96 -12.11
C MET C 292 1.39 14.20 -11.42
N ASP C 293 0.76 14.87 -10.46
CA ASP C 293 -0.34 14.38 -9.64
C ASP C 293 -1.67 14.54 -10.37
N PRO C 294 -2.68 13.75 -10.01
CA PRO C 294 -3.97 13.84 -10.71
C PRO C 294 -4.64 15.18 -10.47
N PRO C 295 -5.14 15.82 -11.53
CA PRO C 295 -5.85 17.10 -11.36
C PRO C 295 -7.24 16.89 -10.79
N ASN C 296 -7.79 17.96 -10.24
CA ASN C 296 -9.18 17.94 -9.78
C ASN C 296 -10.14 17.79 -10.94
N ALA C 297 -9.88 18.49 -12.04
CA ALA C 297 -10.72 18.43 -13.23
C ALA C 297 -9.88 18.75 -14.45
N ILE C 298 -10.19 18.11 -15.56
CA ILE C 298 -9.48 18.37 -16.82
C ILE C 298 -9.87 19.77 -17.29
N ASP C 299 -8.93 20.70 -17.24
CA ASP C 299 -9.20 22.09 -17.56
C ASP C 299 -7.91 22.75 -18.03
N ALA C 300 -8.06 23.90 -18.68
CA ALA C 300 -6.90 24.61 -19.20
C ALA C 300 -5.96 25.07 -18.09
N ASP C 301 -6.52 25.61 -17.01
CA ASP C 301 -5.74 26.15 -15.90
C ASP C 301 -5.75 25.24 -14.68
N SER C 302 -6.13 23.96 -14.86
CA SER C 302 -6.05 22.99 -13.79
C SER C 302 -4.95 21.97 -13.98
N ILE C 303 -4.43 21.82 -15.20
CA ILE C 303 -3.29 20.95 -15.44
C ILE C 303 -1.98 21.71 -15.32
N ARG C 304 -1.97 22.98 -15.69
CA ARG C 304 -0.77 23.80 -15.54
C ARG C 304 -0.39 24.00 -14.08
N ASN C 305 -1.37 24.07 -13.18
CA ASN C 305 -1.07 24.18 -11.76
C ASN C 305 -0.34 22.96 -11.23
N GLU C 306 -0.71 21.76 -11.69
CA GLU C 306 -0.01 20.55 -11.30
C GLU C 306 1.30 20.36 -12.03
N LYS C 307 1.43 20.91 -13.25
CA LYS C 307 2.70 20.84 -13.95
C LYS C 307 3.74 21.78 -13.35
N VAL C 308 3.33 22.95 -12.86
CA VAL C 308 4.27 23.86 -12.21
C VAL C 308 4.75 23.28 -10.89
N LYS C 309 3.87 22.61 -10.16
CA LYS C 309 4.22 22.07 -8.85
C LYS C 309 5.28 20.97 -8.94
N VAL C 310 5.47 20.37 -10.11
CA VAL C 310 6.48 19.33 -10.27
C VAL C 310 7.85 19.93 -10.58
N LEU C 311 7.89 20.97 -11.42
CA LEU C 311 9.15 21.60 -11.79
C LEU C 311 9.82 22.29 -10.62
N GLN C 312 9.12 22.50 -9.51
CA GLN C 312 9.69 23.13 -8.33
C GLN C 312 10.42 22.14 -7.43
N ALA C 313 10.40 20.86 -7.77
CA ALA C 313 11.09 19.84 -6.99
C ALA C 313 12.24 19.15 -7.72
N THR C 314 12.27 19.22 -9.05
CA THR C 314 13.33 18.54 -9.79
C THR C 314 14.64 19.30 -9.66
N ARG C 315 15.73 18.57 -9.87
CA ARG C 315 17.08 19.12 -9.80
C ARG C 315 18.04 18.13 -10.44
N LEU C 316 19.10 18.65 -11.04
CA LEU C 316 20.14 17.80 -11.59
C LEU C 316 20.85 17.04 -10.47
N ALA C 317 21.05 15.75 -10.69
CA ALA C 317 21.75 14.92 -9.72
C ALA C 317 23.25 15.20 -9.77
N ASP C 318 23.88 15.25 -8.60
CA ASP C 318 25.33 15.48 -8.47
C ASP C 318 25.67 16.81 -9.15
N ILE C 319 25.20 17.89 -8.51
CA ILE C 319 25.41 19.23 -9.03
C ILE C 319 26.89 19.61 -8.99
N ASN C 320 27.62 19.13 -7.98
CA ASN C 320 29.01 19.56 -7.79
C ASN C 320 29.89 19.15 -8.97
N ASN C 321 29.74 17.92 -9.45
CA ASN C 321 30.54 17.39 -10.54
C ASN C 321 29.65 17.24 -11.76
N LEU C 322 29.78 18.16 -12.71
CA LEU C 322 28.94 18.18 -13.91
C LEU C 322 29.46 17.20 -14.98
N GLU C 323 29.69 15.96 -14.56
CA GLU C 323 30.04 14.89 -15.49
C GLU C 323 29.24 13.62 -15.25
N ASN C 324 28.54 13.50 -14.11
CA ASN C 324 27.60 12.42 -13.87
C ASN C 324 26.17 12.84 -14.17
N ALA C 325 25.97 14.02 -14.76
CA ALA C 325 24.63 14.51 -15.05
C ALA C 325 24.52 15.18 -16.42
N GLY C 326 25.47 14.96 -17.32
CA GLY C 326 25.39 15.56 -18.62
C GLY C 326 26.51 15.23 -19.58
N ILE C 327 26.15 14.87 -20.82
CA ILE C 327 27.09 14.56 -21.88
C ILE C 327 26.66 15.33 -23.12
N ARG C 328 27.63 15.65 -23.97
CA ARG C 328 27.37 16.35 -25.22
C ARG C 328 28.10 15.65 -26.35
N GLY C 329 27.70 15.96 -27.58
CA GLY C 329 28.30 15.31 -28.74
C GLY C 329 28.13 16.14 -29.99
N GLN C 330 28.68 15.61 -31.08
CA GLN C 330 28.63 16.26 -32.38
C GLN C 330 28.96 15.22 -33.44
N TYR C 331 28.19 15.22 -34.53
CA TYR C 331 28.32 14.14 -35.50
C TYR C 331 29.34 14.49 -36.57
N LYS C 332 29.88 13.43 -37.20
CA LYS C 332 30.84 13.58 -38.28
C LYS C 332 30.39 12.81 -39.51
N ALA C 333 31.27 12.67 -40.50
CA ALA C 333 30.92 12.02 -41.75
C ALA C 333 30.55 10.56 -41.52
N GLY C 334 29.59 10.07 -42.30
CA GLY C 334 29.14 8.71 -42.14
C GLY C 334 28.23 8.28 -43.27
N TRP C 335 27.48 7.20 -43.01
CA TRP C 335 26.58 6.61 -43.99
C TRP C 335 25.14 6.79 -43.52
N MET C 336 24.30 7.31 -44.41
CA MET C 336 22.90 7.55 -44.08
C MET C 336 22.06 7.24 -45.31
N GLY C 337 21.22 6.20 -45.20
CA GLY C 337 20.37 5.81 -46.32
C GLY C 337 21.14 5.36 -47.55
N GLY C 338 22.29 4.72 -47.34
CA GLY C 338 23.11 4.28 -48.45
C GLY C 338 23.76 5.40 -49.23
N LYS C 339 23.90 6.58 -48.63
CA LYS C 339 24.50 7.73 -49.27
C LYS C 339 25.43 8.43 -48.29
N PRO C 340 26.62 8.82 -48.76
CA PRO C 340 27.51 9.61 -47.90
C PRO C 340 26.86 10.90 -47.44
N VAL C 341 27.18 11.31 -46.22
CA VAL C 341 26.71 12.58 -45.66
C VAL C 341 27.89 13.34 -45.08
N PRO C 342 27.90 14.66 -45.16
CA PRO C 342 29.04 15.43 -44.63
C PRO C 342 28.98 15.58 -43.12
N GLY C 343 30.12 15.96 -42.55
CA GLY C 343 30.18 16.23 -41.12
C GLY C 343 29.61 17.59 -40.78
N TYR C 344 29.57 17.85 -39.46
CA TYR C 344 28.98 19.11 -39.00
C TYR C 344 29.82 20.31 -39.43
N ARG C 345 31.13 20.24 -39.25
CA ARG C 345 32.01 21.33 -39.68
C ARG C 345 32.51 21.11 -41.10
N GLU C 346 31.58 20.80 -42.00
CA GLU C 346 31.88 20.73 -43.43
C GLU C 346 30.75 21.27 -44.28
N GLU C 347 29.69 21.79 -43.69
CA GLU C 347 28.46 22.32 -44.24
C GLU C 347 28.53 23.83 -44.37
N PRO C 348 27.81 24.42 -45.32
CA PRO C 348 27.86 25.87 -45.49
C PRO C 348 27.34 26.61 -44.27
N GLY C 349 27.98 27.75 -43.97
CA GLY C 349 27.55 28.62 -42.90
C GLY C 349 28.01 28.22 -41.51
N VAL C 350 28.79 27.15 -41.38
CA VAL C 350 29.24 26.64 -40.09
C VAL C 350 30.73 26.87 -39.97
N ASP C 351 31.16 27.46 -38.87
CA ASP C 351 32.58 27.69 -38.64
C ASP C 351 33.31 26.35 -38.57
N PRO C 352 34.49 26.23 -39.19
CA PRO C 352 35.17 24.92 -39.25
C PRO C 352 35.79 24.50 -37.93
N SER C 353 35.57 25.27 -36.86
CA SER C 353 36.07 24.92 -35.54
C SER C 353 35.00 25.18 -34.49
N SER C 354 33.75 24.84 -34.81
CA SER C 354 32.64 25.10 -33.90
C SER C 354 32.58 24.04 -32.79
N THR C 355 32.02 24.45 -31.66
CA THR C 355 31.80 23.57 -30.52
C THR C 355 30.34 23.52 -30.11
N THR C 356 29.44 23.53 -31.09
CA THR C 356 28.01 23.50 -30.81
C THR C 356 27.54 22.05 -30.70
N PRO C 357 26.82 21.69 -29.64
CA PRO C 357 26.38 20.31 -29.48
C PRO C 357 25.11 20.01 -30.28
N THR C 358 25.07 18.81 -30.85
CA THR C 358 23.87 18.29 -31.50
C THR C 358 23.34 17.07 -30.75
N PHE C 359 23.70 16.95 -29.48
CA PHE C 359 23.33 15.80 -28.65
C PHE C 359 23.36 16.25 -27.19
N ALA C 360 22.52 15.61 -26.38
CA ALA C 360 22.45 15.96 -24.96
C ALA C 360 21.78 14.82 -24.21
N ALA C 361 22.38 14.44 -23.08
CA ALA C 361 21.83 13.43 -22.18
C ALA C 361 21.94 13.94 -20.76
N LEU C 362 20.83 13.98 -20.04
CA LEU C 362 20.78 14.52 -18.68
C LEU C 362 20.23 13.47 -17.73
N LYS C 363 20.23 13.81 -16.44
CA LYS C 363 19.70 12.92 -15.40
C LYS C 363 19.16 13.81 -14.28
N LEU C 364 17.85 13.73 -14.03
CA LEU C 364 17.19 14.55 -13.04
C LEU C 364 16.67 13.68 -11.90
N MET C 365 16.26 14.35 -10.82
CA MET C 365 15.71 13.66 -9.66
C MET C 365 14.63 14.54 -9.03
N VAL C 366 13.50 13.94 -8.69
CA VAL C 366 12.39 14.63 -8.03
C VAL C 366 12.39 14.25 -6.56
N ASP C 367 12.05 15.21 -5.69
CA ASP C 367 12.14 15.03 -4.24
C ASP C 367 10.78 15.36 -3.61
N ASN C 368 9.92 14.36 -3.52
CA ASN C 368 8.65 14.48 -2.80
C ASN C 368 8.27 13.11 -2.25
N TRP C 369 7.03 12.99 -1.77
CA TRP C 369 6.57 11.75 -1.16
C TRP C 369 6.32 10.65 -2.18
N ARG C 370 6.31 10.96 -3.48
CA ARG C 370 5.95 9.99 -4.51
C ARG C 370 7.13 9.51 -5.34
N TRP C 371 8.05 10.39 -5.72
CA TRP C 371 9.17 10.05 -6.58
C TRP C 371 10.51 10.14 -5.85
N GLN C 372 10.54 9.70 -4.60
CA GLN C 372 11.75 9.79 -3.78
C GLN C 372 12.68 8.63 -4.11
N GLY C 373 13.79 8.92 -4.77
CA GLY C 373 14.79 7.92 -5.09
C GLY C 373 14.72 7.31 -6.48
N VAL C 374 13.89 7.84 -7.37
CA VAL C 374 13.71 7.32 -8.71
C VAL C 374 14.35 8.29 -9.70
N PRO C 375 15.39 7.89 -10.42
CA PRO C 375 16.01 8.79 -11.40
C PRO C 375 15.28 8.78 -12.74
N PHE C 376 15.51 9.86 -13.49
CA PHE C 376 14.97 10.02 -14.82
C PHE C 376 16.11 10.27 -15.80
N TYR C 377 16.05 9.62 -16.96
CA TYR C 377 17.09 9.74 -17.99
C TYR C 377 16.48 10.34 -19.24
N LEU C 378 17.09 11.41 -19.75
CA LEU C 378 16.62 12.12 -20.93
C LEU C 378 17.69 12.05 -22.02
N ARG C 379 17.26 11.80 -23.26
CA ARG C 379 18.20 11.67 -24.36
C ARG C 379 17.58 12.27 -25.62
N THR C 380 18.38 13.03 -26.37
CA THR C 380 17.96 13.61 -27.64
C THR C 380 19.19 13.78 -28.52
N GLY C 381 18.96 13.90 -29.82
CA GLY C 381 20.07 14.05 -30.74
C GLY C 381 19.59 14.20 -32.17
N LYS C 382 20.57 14.30 -33.06
CA LYS C 382 20.33 14.44 -34.49
C LYS C 382 21.15 13.41 -35.25
N ARG C 383 20.70 13.12 -36.48
CA ARG C 383 21.33 12.14 -37.35
C ARG C 383 21.37 10.75 -36.73
N MET C 384 20.37 10.43 -35.92
CA MET C 384 20.20 9.08 -35.40
C MET C 384 19.70 8.16 -36.50
N PRO C 385 19.87 6.85 -36.34
CA PRO C 385 19.45 5.93 -37.42
C PRO C 385 17.96 6.00 -37.75
N LYS C 386 17.10 6.29 -36.79
CA LYS C 386 15.66 6.30 -37.06
C LYS C 386 14.98 7.38 -36.22
N LYS C 387 13.78 7.76 -36.66
CA LYS C 387 12.98 8.79 -36.00
C LYS C 387 11.99 8.12 -35.07
N VAL C 388 12.18 8.31 -33.76
CA VAL C 388 11.40 7.60 -32.75
C VAL C 388 11.25 8.50 -31.52
N SER C 389 10.07 8.48 -30.91
CA SER C 389 9.83 9.08 -29.61
C SER C 389 9.08 8.08 -28.75
N GLU C 390 9.47 7.96 -27.48
CA GLU C 390 8.92 6.91 -26.64
C GLU C 390 9.22 7.21 -25.17
N ILE C 391 8.31 6.78 -24.30
CA ILE C 391 8.49 6.82 -22.85
C ILE C 391 8.43 5.40 -22.32
N ALA C 392 9.41 5.02 -21.50
CA ALA C 392 9.53 3.65 -21.01
C ALA C 392 9.65 3.66 -19.49
N ILE C 393 8.86 2.81 -18.84
CA ILE C 393 8.86 2.67 -17.38
C ILE C 393 9.21 1.24 -17.03
N GLN C 394 10.21 1.05 -16.18
CA GLN C 394 10.68 -0.27 -15.79
C GLN C 394 10.48 -0.47 -14.29
N PHE C 395 9.93 -1.63 -13.93
CA PHE C 395 9.58 -1.93 -12.55
C PHE C 395 10.69 -2.73 -11.87
N ARG C 396 10.44 -3.11 -10.62
CA ARG C 396 11.44 -3.76 -9.78
C ARG C 396 11.55 -5.24 -10.13
N GLN C 397 12.25 -6.00 -9.29
CA GLN C 397 12.40 -7.44 -9.44
C GLN C 397 11.69 -8.15 -8.29
N VAL C 398 11.12 -9.31 -8.58
CA VAL C 398 10.33 -10.02 -7.56
C VAL C 398 11.26 -10.49 -6.44
N PRO C 399 10.85 -10.38 -5.17
CA PRO C 399 11.71 -10.83 -4.07
C PRO C 399 12.10 -12.29 -4.12
N LEU C 400 11.10 -13.18 -4.14
CA LEU C 400 11.38 -14.61 -4.15
C LEU C 400 12.12 -15.00 -5.43
N LEU C 401 13.20 -15.75 -5.27
CA LEU C 401 14.06 -16.14 -6.38
C LEU C 401 14.03 -17.65 -6.58
N ILE C 402 12.85 -18.25 -6.43
CA ILE C 402 12.69 -19.68 -6.67
C ILE C 402 12.46 -20.01 -8.15
N PHE C 403 12.41 -18.99 -9.00
CA PHE C 403 12.23 -19.18 -10.43
C PHE C 403 13.53 -18.89 -11.17
N GLN C 404 13.85 -19.74 -12.13
CA GLN C 404 15.06 -19.58 -12.93
C GLN C 404 14.74 -18.83 -14.23
N SER C 405 15.79 -18.51 -14.98
CA SER C 405 15.62 -17.78 -16.23
C SER C 405 15.76 -18.71 -17.43
N ALA C 410 14.98 -13.73 -14.54
CA ALA C 410 13.69 -13.06 -14.60
C ALA C 410 13.86 -11.58 -14.90
N ASN C 411 13.72 -11.22 -16.17
CA ASN C 411 13.87 -9.83 -16.57
C ASN C 411 12.72 -8.99 -16.01
N PRO C 412 12.99 -7.74 -15.62
CA PRO C 412 11.92 -6.89 -15.08
C PRO C 412 10.94 -6.47 -16.17
N ASN C 413 9.71 -6.18 -15.75
CA ASN C 413 8.66 -5.78 -16.67
C ASN C 413 8.86 -4.34 -17.11
N VAL C 414 8.44 -4.06 -18.35
CA VAL C 414 8.55 -2.73 -18.93
C VAL C 414 7.19 -2.34 -19.50
N LEU C 415 6.83 -1.06 -19.35
CA LEU C 415 5.61 -0.51 -19.93
C LEU C 415 5.99 0.68 -20.80
N SER C 416 5.62 0.63 -22.07
CA SER C 416 6.02 1.65 -23.04
C SER C 416 4.82 2.43 -23.52
N LEU C 417 5.10 3.62 -24.07
CA LEU C 417 4.08 4.51 -24.63
C LEU C 417 4.67 5.15 -25.88
N ARG C 418 4.43 4.53 -27.04
CA ARG C 418 4.94 5.05 -28.29
C ARG C 418 4.17 6.30 -28.71
N ILE C 419 4.88 7.27 -29.28
CA ILE C 419 4.29 8.56 -29.58
C ILE C 419 4.44 8.94 -31.05
N GLN C 420 5.67 9.05 -31.54
CA GLN C 420 5.91 9.65 -32.84
C GLN C 420 5.55 8.75 -34.02
N PRO C 421 6.15 7.54 -34.16
CA PRO C 421 5.89 6.76 -35.39
C PRO C 421 4.43 6.33 -35.49
N ASN C 422 3.93 5.68 -34.45
CA ASN C 422 2.51 5.38 -34.33
C ASN C 422 2.18 5.19 -32.86
N GLU C 423 1.08 5.81 -32.43
CA GLU C 423 0.72 5.82 -31.02
C GLU C 423 0.16 4.47 -30.61
N GLY C 424 0.35 4.12 -29.35
CA GLY C 424 -0.12 2.84 -28.86
C GLY C 424 0.41 2.57 -27.47
N ILE C 425 0.27 1.30 -27.06
CA ILE C 425 0.65 0.87 -25.72
C ILE C 425 1.23 -0.55 -25.83
N SER C 426 2.29 -0.80 -25.08
CA SER C 426 2.94 -2.10 -25.05
C SER C 426 3.16 -2.53 -23.60
N LEU C 427 3.26 -3.84 -23.39
CA LEU C 427 3.44 -4.37 -22.04
C LEU C 427 4.14 -5.72 -22.14
N ARG C 428 5.26 -5.85 -21.42
CA ARG C 428 6.07 -7.07 -21.44
C ARG C 428 5.99 -7.76 -20.08
N PHE C 429 5.81 -9.07 -20.10
CA PHE C 429 5.79 -9.88 -18.89
C PHE C 429 6.38 -11.25 -19.20
N GLU C 430 6.40 -12.13 -18.20
CA GLU C 430 7.08 -13.41 -18.28
C GLU C 430 6.08 -14.55 -18.24
N ALA C 431 6.27 -15.53 -19.12
CA ALA C 431 5.43 -16.71 -19.20
C ALA C 431 6.30 -17.95 -19.30
N LYS C 432 5.75 -19.09 -18.88
CA LYS C 432 6.53 -20.32 -18.84
C LYS C 432 6.75 -20.86 -20.24
N MET C 433 7.98 -21.27 -20.52
CA MET C 433 8.31 -21.92 -21.78
C MET C 433 7.80 -23.35 -21.77
N PRO C 434 7.04 -23.78 -22.76
CA PRO C 434 6.46 -25.12 -22.71
C PRO C 434 7.52 -26.21 -22.76
N GLY C 435 7.23 -27.31 -22.07
CA GLY C 435 8.15 -28.43 -21.97
C GLY C 435 7.88 -29.22 -20.71
N SER C 436 8.96 -29.78 -20.15
CA SER C 436 8.88 -30.54 -18.91
C SER C 436 9.69 -29.95 -17.77
N GLU C 437 10.51 -28.94 -18.03
CA GLU C 437 11.33 -28.31 -17.01
C GLU C 437 10.93 -26.85 -16.86
N LEU C 438 11.24 -26.28 -15.69
CA LEU C 438 10.86 -24.91 -15.38
C LEU C 438 11.81 -23.95 -16.07
N ARG C 439 11.30 -23.16 -17.01
CA ARG C 439 12.07 -22.14 -17.69
C ARG C 439 11.11 -21.07 -18.19
N THR C 440 11.44 -19.82 -17.94
CA THR C 440 10.56 -18.70 -18.27
C THR C 440 10.92 -18.10 -19.62
N ARG C 441 9.95 -17.40 -20.20
CA ARG C 441 10.06 -16.74 -21.48
C ARG C 441 9.66 -15.28 -21.33
N THR C 442 9.81 -14.51 -22.41
CA THR C 442 9.38 -13.12 -22.42
C THR C 442 8.38 -12.93 -23.56
N VAL C 443 7.21 -12.41 -23.23
CA VAL C 443 6.12 -12.23 -24.17
C VAL C 443 5.73 -10.75 -24.19
N ASP C 444 4.75 -10.42 -25.03
CA ASP C 444 4.41 -9.03 -25.26
C ASP C 444 2.92 -8.90 -25.58
N MET C 445 2.36 -7.74 -25.24
CA MET C 445 0.98 -7.39 -25.58
C MET C 445 0.98 -5.99 -26.19
N ASP C 446 0.14 -5.79 -27.21
CA ASP C 446 0.15 -4.56 -27.98
C ASP C 446 -1.26 -4.00 -28.12
N PHE C 447 -1.32 -2.72 -28.49
CA PHE C 447 -2.56 -2.04 -28.81
C PHE C 447 -2.21 -0.78 -29.60
N SER C 448 -2.81 -0.61 -30.77
CA SER C 448 -2.51 0.51 -31.66
C SER C 448 -3.74 1.39 -31.83
N TYR C 449 -3.55 2.70 -31.70
CA TYR C 449 -4.65 3.64 -31.86
C TYR C 449 -5.10 3.71 -33.32
N GLY C 450 -4.15 3.85 -34.23
CA GLY C 450 -4.50 4.01 -35.64
C GLY C 450 -5.15 2.77 -36.23
N SER C 451 -4.59 1.60 -35.94
CA SER C 451 -5.13 0.35 -36.45
C SER C 451 -6.31 -0.12 -35.61
N ALA C 460 0.84 20.97 -38.88
CA ALA C 460 1.48 21.35 -37.63
C ALA C 460 1.10 22.78 -37.24
N TYR C 461 1.36 23.72 -38.15
CA TYR C 461 1.05 25.12 -37.91
C TYR C 461 -0.37 25.43 -38.38
N HIS C 462 -1.32 24.61 -37.93
CA HIS C 462 -2.73 24.75 -38.30
C HIS C 462 -3.62 25.02 -37.09
N ARG C 463 -3.45 24.25 -36.01
CA ARG C 463 -4.24 24.47 -34.81
C ARG C 463 -3.73 25.68 -34.04
N LEU C 464 -2.43 25.98 -34.14
CA LEU C 464 -1.87 27.14 -33.47
C LEU C 464 -2.46 28.43 -33.99
N LEU C 465 -2.88 28.45 -35.26
CA LEU C 465 -3.55 29.60 -35.84
C LEU C 465 -5.06 29.58 -35.61
N LEU C 466 -5.56 28.57 -34.88
CA LEU C 466 -6.98 28.48 -34.56
C LEU C 466 -7.28 28.74 -33.09
N ASP C 467 -6.44 28.25 -32.17
CA ASP C 467 -6.67 28.53 -30.76
C ASP C 467 -6.49 30.02 -30.46
N CYS C 468 -5.67 30.72 -31.23
CA CYS C 468 -5.51 32.16 -31.01
C CYS C 468 -6.79 32.91 -31.37
N MET C 469 -7.38 32.59 -32.52
CA MET C 469 -8.62 33.25 -32.93
C MET C 469 -9.77 32.87 -32.00
N LEU C 470 -9.97 31.56 -31.77
CA LEU C 470 -11.04 31.13 -30.88
C LEU C 470 -10.80 31.58 -29.45
N GLY C 471 -9.56 31.47 -28.97
CA GLY C 471 -9.23 31.84 -27.61
C GLY C 471 -9.11 30.65 -26.69
N ASP C 472 -7.87 30.22 -26.44
CA ASP C 472 -7.62 29.08 -25.56
C ASP C 472 -6.19 29.17 -25.07
N GLN C 473 -5.94 28.58 -23.90
CA GLN C 473 -4.65 28.63 -23.24
C GLN C 473 -4.22 27.24 -22.78
N THR C 474 -4.34 26.26 -23.67
CA THR C 474 -3.92 24.90 -23.38
C THR C 474 -2.66 24.48 -24.13
N LEU C 475 -2.49 24.92 -25.37
CA LEU C 475 -1.28 24.63 -26.14
C LEU C 475 -0.16 25.63 -25.91
N PHE C 476 -0.42 26.71 -25.17
CA PHE C 476 0.54 27.78 -24.98
C PHE C 476 1.02 27.78 -23.53
N THR C 477 2.33 27.94 -23.37
CA THR C 477 2.94 27.88 -22.04
C THR C 477 2.61 29.12 -21.22
N ARG C 478 2.81 29.02 -19.92
CA ARG C 478 2.53 30.09 -18.98
C ARG C 478 3.81 30.85 -18.64
N ALA C 479 3.66 31.91 -17.85
CA ALA C 479 4.82 32.71 -17.45
C ALA C 479 5.63 32.02 -16.36
N ASP C 480 4.98 31.27 -15.48
CA ASP C 480 5.72 30.60 -14.40
C ASP C 480 6.57 29.46 -14.92
N GLU C 481 6.08 28.73 -15.93
CA GLU C 481 6.81 27.57 -16.42
C GLU C 481 8.02 27.96 -17.26
N VAL C 482 7.98 29.13 -17.90
CA VAL C 482 9.13 29.59 -18.68
C VAL C 482 10.32 29.84 -17.78
N GLU C 483 10.11 30.51 -16.66
CA GLU C 483 11.19 30.84 -15.75
C GLU C 483 11.57 29.68 -14.83
N GLU C 484 10.77 28.62 -14.78
CA GLU C 484 11.08 27.48 -13.94
C GLU C 484 11.83 26.39 -14.69
N ALA C 485 11.65 26.29 -16.01
CA ALA C 485 12.42 25.35 -16.80
C ALA C 485 13.84 25.87 -17.06
N TRP C 486 14.02 27.19 -17.09
CA TRP C 486 15.35 27.76 -17.27
C TRP C 486 16.23 27.59 -16.03
N ARG C 487 15.62 27.42 -14.85
CA ARG C 487 16.40 27.29 -13.63
C ARG C 487 17.01 25.90 -13.51
N VAL C 488 16.30 24.87 -13.96
CA VAL C 488 16.78 23.50 -13.79
C VAL C 488 18.06 23.26 -14.57
N VAL C 489 18.11 23.73 -15.81
CA VAL C 489 19.22 23.41 -16.70
C VAL C 489 20.30 24.50 -16.63
N THR C 490 20.20 25.39 -15.64
CA THR C 490 21.16 26.48 -15.53
C THR C 490 22.58 26.01 -15.27
N PRO C 491 22.86 25.10 -14.30
CA PRO C 491 24.25 24.69 -14.10
C PRO C 491 24.90 24.06 -15.32
N VAL C 492 24.16 23.25 -16.08
CA VAL C 492 24.71 22.63 -17.28
C VAL C 492 24.90 23.67 -18.37
N LEU C 493 23.92 24.57 -18.54
CA LEU C 493 24.00 25.58 -19.59
C LEU C 493 25.17 26.53 -19.37
N SER C 494 25.40 26.93 -18.12
CA SER C 494 26.47 27.89 -17.83
C SER C 494 27.85 27.28 -17.90
N ALA C 495 27.97 25.96 -17.87
CA ALA C 495 29.27 25.30 -17.93
C ALA C 495 29.70 25.02 -19.37
N TRP C 496 28.78 24.50 -20.19
CA TRP C 496 29.10 24.22 -21.58
C TRP C 496 29.32 25.48 -22.40
N ASP C 497 28.88 26.64 -21.90
CA ASP C 497 29.03 27.90 -22.63
C ASP C 497 30.45 28.45 -22.55
N ALA C 498 31.22 28.06 -21.55
CA ALA C 498 32.57 28.58 -21.40
C ALA C 498 33.46 28.13 -22.56
N PRO C 499 34.41 28.96 -22.98
CA PRO C 499 35.30 28.57 -24.07
C PRO C 499 36.21 27.41 -23.68
N SER C 500 36.55 26.60 -24.68
CA SER C 500 37.39 25.44 -24.47
C SER C 500 38.05 25.06 -25.79
N ASP C 501 39.05 24.20 -25.71
CA ASP C 501 39.75 23.76 -26.91
C ASP C 501 38.83 22.94 -27.81
N PRO C 502 38.93 23.12 -29.13
CA PRO C 502 38.03 22.41 -30.04
C PRO C 502 38.28 20.91 -30.15
N LEU C 503 39.38 20.40 -29.60
CA LEU C 503 39.73 18.99 -29.73
C LEU C 503 39.31 18.16 -28.53
N SER C 504 38.38 18.67 -27.73
CA SER C 504 37.81 17.91 -26.61
C SER C 504 36.34 17.60 -26.83
N MET C 505 35.81 17.84 -28.02
CA MET C 505 34.41 17.58 -28.31
C MET C 505 34.20 16.10 -28.59
N PRO C 506 33.32 15.42 -27.85
CA PRO C 506 32.97 14.05 -28.23
C PRO C 506 32.32 14.01 -29.60
N LEU C 507 32.62 12.96 -30.35
CA LEU C 507 32.15 12.82 -31.72
C LEU C 507 31.56 11.44 -31.94
N TYR C 508 30.58 11.37 -32.84
CA TYR C 508 29.98 10.10 -33.24
C TYR C 508 29.67 10.15 -34.73
N GLU C 509 29.57 8.98 -35.34
CA GLU C 509 29.31 8.89 -36.77
C GLU C 509 27.86 9.22 -37.08
N ALA C 510 27.63 9.69 -38.31
CA ALA C 510 26.29 10.00 -38.78
C ALA C 510 25.59 8.69 -39.12
N GLY C 511 24.85 8.16 -38.14
CA GLY C 511 24.20 6.87 -38.29
C GLY C 511 24.38 6.02 -37.06
N THR C 512 25.02 6.59 -36.04
CA THR C 512 25.29 5.92 -34.77
C THR C 512 24.46 6.58 -33.67
N TRP C 513 23.92 5.78 -32.77
CA TRP C 513 22.99 6.29 -31.76
C TRP C 513 23.63 7.37 -30.89
N GLU C 514 24.65 7.00 -30.12
CA GLU C 514 25.21 7.88 -29.11
C GLU C 514 26.73 7.85 -29.17
N PRO C 515 27.39 8.91 -28.73
CA PRO C 515 28.85 8.86 -28.56
C PRO C 515 29.24 7.90 -27.44
N ALA C 516 30.45 7.36 -27.55
CA ALA C 516 30.92 6.38 -26.57
C ALA C 516 30.99 6.93 -25.16
N GLU C 517 31.11 8.26 -25.00
CA GLU C 517 31.16 8.85 -23.67
C GLU C 517 29.80 8.84 -22.99
N ALA C 518 28.72 8.72 -23.74
CA ALA C 518 27.37 8.74 -23.17
C ALA C 518 26.89 7.36 -22.73
N GLU C 519 27.67 6.31 -23.00
CA GLU C 519 27.29 4.97 -22.58
C GLU C 519 27.77 4.62 -21.19
N TRP C 520 28.61 5.46 -20.58
CA TRP C 520 29.05 5.25 -19.21
C TRP C 520 28.21 6.01 -18.19
N LEU C 521 27.41 6.97 -18.65
CA LEU C 521 26.55 7.72 -17.74
C LEU C 521 25.49 6.81 -17.09
N ILE C 522 24.98 5.84 -17.83
CA ILE C 522 23.95 4.96 -17.32
C ILE C 522 24.49 3.57 -16.96
N ASN C 523 25.54 3.10 -17.62
CA ASN C 523 26.07 1.76 -17.35
C ASN C 523 26.74 1.66 -15.99
N LYS C 524 27.19 2.78 -15.41
CA LYS C 524 27.86 2.72 -14.12
C LYS C 524 26.91 2.44 -12.97
N ASP C 525 25.60 2.52 -13.20
CA ASP C 525 24.61 2.14 -12.20
C ASP C 525 24.07 0.74 -12.41
N GLY C 526 24.54 0.02 -13.43
CA GLY C 526 24.06 -1.31 -13.72
C GLY C 526 22.81 -1.30 -14.57
N ARG C 527 22.81 -0.51 -15.64
CA ARG C 527 21.66 -0.36 -16.51
C ARG C 527 22.13 -0.27 -17.95
N ARG C 528 21.19 -0.11 -18.87
CA ARG C 528 21.50 -0.01 -20.29
C ARG C 528 20.43 0.84 -20.98
N TRP C 529 20.86 1.57 -22.01
CA TRP C 529 19.91 2.28 -22.86
C TRP C 529 19.06 1.29 -23.64
N ARG C 530 17.84 1.73 -23.99
CA ARG C 530 16.96 0.86 -24.75
C ARG C 530 17.41 0.78 -26.21
N ARG C 531 17.00 -0.30 -26.88
CA ARG C 531 17.46 -0.65 -28.21
C ARG C 531 16.43 -0.32 -29.28
N LEU C 532 15.77 0.83 -29.16
CA LEU C 532 14.75 1.28 -30.11
C LEU C 532 15.14 1.08 -31.58
N ARG D 40 -8.84 -25.93 34.30
CA ARG D 40 -7.74 -26.86 34.08
C ARG D 40 -7.52 -27.74 35.30
N THR D 41 -7.26 -29.03 35.05
CA THR D 41 -7.03 -29.98 36.13
C THR D 41 -6.28 -31.20 35.60
N PRO D 42 -5.15 -31.56 36.20
CA PRO D 42 -4.41 -32.74 35.73
C PRO D 42 -5.12 -34.04 36.06
N GLU D 43 -4.49 -35.17 35.72
CA GLU D 43 -5.06 -36.49 35.94
C GLU D 43 -4.09 -37.35 36.74
N PRO D 44 -4.60 -38.35 37.46
CA PRO D 44 -3.70 -39.21 38.24
C PRO D 44 -2.71 -39.94 37.35
N LEU D 45 -1.49 -40.07 37.84
CA LEU D 45 -0.40 -40.72 37.12
C LEU D 45 0.74 -40.97 38.11
N ILE D 46 1.87 -41.46 37.62
CA ILE D 46 3.02 -41.79 38.46
C ILE D 46 4.29 -41.33 37.75
N LEU D 47 5.19 -40.71 38.50
CA LEU D 47 6.47 -40.27 37.97
C LEU D 47 7.55 -41.32 38.23
N THR D 48 8.47 -41.43 37.27
CA THR D 48 9.55 -42.42 37.33
C THR D 48 10.88 -41.74 36.98
N ILE D 49 11.17 -40.64 37.67
CA ILE D 49 12.35 -39.84 37.37
C ILE D 49 13.61 -40.71 37.44
N PHE D 50 14.33 -40.81 36.33
CA PHE D 50 15.55 -41.59 36.27
C PHE D 50 16.70 -40.86 36.94
N GLY D 51 17.45 -41.59 37.76
CA GLY D 51 18.61 -41.01 38.41
C GLY D 51 18.31 -39.86 39.34
N ALA D 52 17.19 -39.94 40.05
CA ALA D 52 16.81 -38.90 41.01
C ALA D 52 17.50 -39.11 42.36
N SER D 53 18.82 -39.22 42.32
CA SER D 53 19.60 -39.42 43.53
C SER D 53 20.79 -38.47 43.58
N GLY D 54 21.29 -38.08 42.41
CA GLY D 54 22.45 -37.20 42.34
C GLY D 54 22.15 -35.77 42.70
N ASP D 55 21.36 -35.09 41.89
CA ASP D 55 21.03 -33.69 42.09
C ASP D 55 19.88 -33.31 41.16
N LEU D 56 19.52 -32.03 41.20
CA LEU D 56 18.57 -31.41 40.26
C LEU D 56 17.15 -31.96 40.41
N THR D 57 16.93 -32.90 41.32
CA THR D 57 15.60 -33.49 41.51
C THR D 57 15.07 -33.30 42.92
N GLN D 58 15.86 -33.62 43.94
CA GLN D 58 15.36 -33.57 45.31
C GLN D 58 15.11 -32.12 45.75
N ARG D 59 16.00 -31.21 45.39
CA ARG D 59 15.88 -29.82 45.82
C ARG D 59 15.05 -28.96 44.88
N LYS D 60 14.75 -29.44 43.67
CA LYS D 60 14.02 -28.65 42.69
C LYS D 60 12.69 -29.27 42.28
N LEU D 61 12.70 -30.54 41.84
CA LEU D 61 11.48 -31.17 41.36
C LEU D 61 10.50 -31.41 42.51
N VAL D 62 10.98 -32.02 43.60
CA VAL D 62 10.09 -32.34 44.71
C VAL D 62 9.48 -31.10 45.35
N PRO D 63 10.23 -30.02 45.65
CA PRO D 63 9.57 -28.82 46.18
C PRO D 63 8.55 -28.24 45.22
N ALA D 64 8.83 -28.27 43.92
CA ALA D 64 7.87 -27.76 42.94
C ALA D 64 6.57 -28.56 42.97
N ILE D 65 6.68 -29.88 42.98
CA ILE D 65 5.48 -30.71 43.04
C ILE D 65 4.74 -30.50 44.36
N TYR D 66 5.47 -30.38 45.46
CA TYR D 66 4.85 -30.16 46.76
C TYR D 66 4.08 -28.85 46.79
N GLN D 67 4.68 -27.78 46.27
CA GLN D 67 4.00 -26.49 46.26
C GLN D 67 2.82 -26.48 45.29
N MET D 68 2.93 -27.19 44.16
CA MET D 68 1.80 -27.30 43.26
C MET D 68 0.63 -28.04 43.92
N LYS D 69 0.93 -29.11 44.65
CA LYS D 69 -0.13 -29.84 45.34
C LYS D 69 -0.71 -29.04 46.50
N ARG D 70 0.11 -28.20 47.16
CA ARG D 70 -0.36 -27.43 48.29
C ARG D 70 -1.41 -26.40 47.88
N GLU D 71 -1.29 -25.85 46.67
CA GLU D 71 -2.20 -24.80 46.19
C GLU D 71 -3.45 -25.38 45.53
N ARG D 72 -3.76 -26.65 45.78
CA ARG D 72 -4.95 -27.31 45.24
C ARG D 72 -4.98 -27.23 43.71
N ARG D 73 -3.84 -27.54 43.09
CA ARG D 73 -3.74 -27.59 41.63
C ARG D 73 -3.70 -29.03 41.13
N LEU D 74 -2.75 -29.82 41.62
CA LEU D 74 -2.68 -31.23 41.27
C LEU D 74 -3.75 -32.02 42.04
N PRO D 75 -4.39 -33.00 41.39
CA PRO D 75 -5.33 -33.84 42.12
C PRO D 75 -4.61 -34.68 43.15
N PRO D 76 -5.28 -35.05 44.26
CA PRO D 76 -4.64 -35.81 45.34
C PRO D 76 -4.50 -37.30 45.04
N GLU D 77 -4.10 -37.62 43.80
CA GLU D 77 -3.82 -38.99 43.38
C GLU D 77 -2.55 -38.94 42.53
N LEU D 78 -1.41 -39.12 43.19
CA LEU D 78 -0.12 -39.03 42.50
C LEU D 78 0.92 -39.79 43.30
N THR D 79 1.84 -40.46 42.59
CA THR D 79 2.91 -41.22 43.21
C THR D 79 4.21 -40.92 42.50
N VAL D 80 5.29 -40.81 43.27
CA VAL D 80 6.63 -40.55 42.75
C VAL D 80 7.53 -41.72 43.11
N VAL D 81 8.22 -42.27 42.12
CA VAL D 81 9.10 -43.42 42.31
C VAL D 81 10.48 -43.06 41.82
N GLY D 82 11.49 -43.26 42.67
CA GLY D 82 12.86 -43.05 42.27
C GLY D 82 13.44 -44.25 41.54
N PHE D 83 14.48 -43.96 40.74
CA PHE D 83 15.12 -45.00 39.94
C PHE D 83 16.57 -44.56 39.70
N ALA D 84 17.50 -45.13 40.45
CA ALA D 84 18.90 -44.76 40.34
C ALA D 84 19.76 -45.95 40.73
N ARG D 85 21.07 -45.74 40.73
CA ARG D 85 22.03 -46.79 41.08
C ARG D 85 22.46 -46.67 42.54
N ARG D 86 21.50 -46.88 43.43
CA ARG D 86 21.73 -46.84 44.87
C ARG D 86 21.09 -48.05 45.53
N ASP D 87 21.52 -48.32 46.76
CA ASP D 87 21.03 -49.47 47.50
C ASP D 87 20.46 -49.06 48.85
N TRP D 88 19.63 -48.02 48.85
CA TRP D 88 19.02 -47.52 50.07
C TRP D 88 17.63 -48.13 50.25
N SER D 89 16.89 -47.63 51.23
CA SER D 89 15.52 -48.03 51.49
C SER D 89 14.60 -46.82 51.32
N HIS D 90 13.31 -47.03 51.60
CA HIS D 90 12.34 -45.95 51.45
C HIS D 90 12.62 -44.81 52.42
N ASP D 91 12.93 -45.15 53.68
CA ASP D 91 13.10 -44.13 54.71
C ASP D 91 14.21 -43.15 54.36
N HIS D 92 15.28 -43.64 53.73
CA HIS D 92 16.33 -42.75 53.27
C HIS D 92 15.79 -41.75 52.26
N PHE D 93 14.96 -42.21 51.32
CA PHE D 93 14.37 -41.30 50.35
C PHE D 93 13.47 -40.27 51.02
N ARG D 94 12.66 -40.71 52.00
CA ARG D 94 11.78 -39.76 52.69
C ARG D 94 12.60 -38.71 53.44
N GLU D 95 13.66 -39.13 54.13
CA GLU D 95 14.47 -38.17 54.88
C GLU D 95 15.21 -37.23 53.94
N GLN D 96 15.68 -37.73 52.79
CA GLN D 96 16.34 -36.86 51.82
C GLN D 96 15.36 -35.83 51.26
N MET D 97 14.15 -36.27 50.94
CA MET D 97 13.13 -35.33 50.44
C MET D 97 12.79 -34.28 51.48
N ARG D 98 12.63 -34.70 52.74
CA ARG D 98 12.31 -33.74 53.80
C ARG D 98 13.44 -32.73 53.98
N LYS D 99 14.69 -33.20 53.99
CA LYS D 99 15.83 -32.30 54.15
C LYS D 99 15.92 -31.32 52.98
N GLY D 100 15.72 -31.82 51.75
CA GLY D 100 15.78 -30.94 50.59
C GLY D 100 14.67 -29.90 50.60
N ILE D 101 13.46 -30.30 50.98
CA ILE D 101 12.35 -29.35 51.02
C ILE D 101 12.56 -28.31 52.10
N GLU D 102 13.00 -28.73 53.29
CA GLU D 102 13.19 -27.78 54.39
C GLU D 102 14.36 -26.83 54.13
N GLU D 103 15.44 -27.34 53.50
CA GLU D 103 16.65 -26.54 53.35
C GLU D 103 16.48 -25.42 52.33
N PHE D 104 15.86 -25.72 51.19
CA PHE D 104 15.82 -24.78 50.07
C PHE D 104 14.43 -24.26 49.74
N SER D 105 13.39 -24.71 50.45
CA SER D 105 12.04 -24.23 50.19
C SER D 105 11.39 -23.71 51.46
N THR D 106 10.08 -23.43 51.39
CA THR D 106 9.38 -22.92 52.57
C THR D 106 9.42 -23.92 53.71
N GLY D 107 9.21 -25.20 53.42
CA GLY D 107 9.25 -26.23 54.44
C GLY D 107 7.97 -27.04 54.53
N ILE D 108 7.71 -27.61 55.70
CA ILE D 108 6.51 -28.41 55.92
C ILE D 108 5.33 -27.50 56.25
N LEU D 121 4.49 -42.88 47.44
CA LEU D 121 5.89 -42.70 47.04
C LEU D 121 6.71 -43.91 47.44
N PHE D 122 7.49 -44.44 46.50
CA PHE D 122 8.29 -45.63 46.71
C PHE D 122 9.64 -45.46 46.03
N TYR D 123 10.55 -46.39 46.31
CA TYR D 123 11.88 -46.40 45.72
C TYR D 123 12.18 -47.80 45.19
N CYS D 124 12.90 -47.86 44.07
CA CYS D 124 13.27 -49.14 43.47
C CYS D 124 14.59 -48.95 42.72
N SER D 125 15.59 -49.75 43.09
CA SER D 125 16.89 -49.65 42.44
C SER D 125 16.85 -50.24 41.04
N GLY D 126 17.77 -49.80 40.20
CA GLY D 126 17.85 -50.30 38.84
C GLY D 126 19.14 -49.84 38.18
N ASN D 127 19.55 -50.61 37.18
CA ASN D 127 20.77 -50.34 36.43
C ASN D 127 20.41 -49.59 35.14
N MET D 128 21.41 -49.42 34.27
CA MET D 128 21.20 -48.70 33.02
C MET D 128 21.88 -49.37 31.83
N ASP D 129 22.46 -50.56 32.00
CA ASP D 129 23.17 -51.25 30.94
C ASP D 129 22.78 -52.73 30.89
N ASP D 130 21.50 -53.02 31.08
CA ASP D 130 21.01 -54.39 31.02
C ASP D 130 19.52 -54.42 30.75
N PRO D 131 19.07 -55.12 29.71
CA PRO D 131 17.63 -55.22 29.45
C PRO D 131 16.85 -55.84 30.59
N GLU D 132 17.45 -56.80 31.32
CA GLU D 132 16.75 -57.45 32.41
C GLU D 132 16.47 -56.52 33.58
N SER D 133 17.21 -55.42 33.70
CA SER D 133 17.01 -54.51 34.82
C SER D 133 15.63 -53.86 34.76
N TYR D 134 15.18 -53.47 33.57
CA TYR D 134 13.88 -52.82 33.43
C TYR D 134 12.72 -53.76 33.68
N LEU D 135 12.95 -55.08 33.62
CA LEU D 135 11.89 -56.03 33.93
C LEU D 135 11.52 -56.01 35.41
N LYS D 136 12.45 -55.63 36.28
CA LYS D 136 12.14 -55.52 37.71
C LYS D 136 11.09 -54.45 37.95
N LEU D 137 11.19 -53.33 37.24
CA LEU D 137 10.22 -52.25 37.36
C LEU D 137 8.88 -52.66 36.74
N THR D 150 -4.01 -44.94 41.33
CA THR D 150 -3.73 -44.32 40.04
C THR D 150 -4.72 -44.79 38.97
N ARG D 151 -4.35 -44.59 37.70
CA ARG D 151 -5.20 -45.02 36.60
C ARG D 151 -4.41 -45.67 35.47
N GLY D 152 -3.15 -46.02 35.71
CA GLY D 152 -2.30 -46.61 34.68
C GLY D 152 -1.44 -45.63 33.93
N ASN D 153 -1.69 -44.33 34.05
CA ASN D 153 -0.88 -43.34 33.35
C ASN D 153 0.51 -43.27 33.95
N ARG D 154 1.49 -42.92 33.11
CA ARG D 154 2.87 -42.85 33.53
C ARG D 154 3.57 -41.74 32.77
N VAL D 155 4.45 -41.02 33.46
CA VAL D 155 5.28 -39.97 32.87
C VAL D 155 6.72 -40.18 33.35
N PHE D 156 7.64 -40.29 32.41
CA PHE D 156 9.04 -40.54 32.70
C PHE D 156 9.83 -39.25 32.72
N TYR D 157 11.08 -39.35 33.19
CA TYR D 157 11.97 -38.20 33.28
C TYR D 157 13.40 -38.67 33.19
N LEU D 158 14.13 -38.19 32.18
CA LEU D 158 15.51 -38.59 31.92
C LEU D 158 16.42 -37.40 32.21
N ALA D 159 16.99 -37.37 33.42
CA ALA D 159 17.98 -36.35 33.81
C ALA D 159 19.14 -37.08 34.47
N VAL D 160 20.07 -37.58 33.66
CA VAL D 160 21.19 -38.36 34.19
C VAL D 160 22.53 -37.78 33.74
N SER D 161 22.72 -37.64 32.43
CA SER D 161 24.03 -37.33 31.88
C SER D 161 23.85 -37.04 30.39
N PRO D 162 24.80 -36.33 29.77
CA PRO D 162 24.70 -36.04 28.33
C PRO D 162 25.20 -37.16 27.41
N ASN D 163 25.34 -38.39 27.91
CA ASN D 163 25.86 -39.51 27.13
C ASN D 163 24.94 -40.71 27.27
N PHE D 164 23.91 -40.63 28.13
CA PHE D 164 23.07 -41.77 28.47
C PHE D 164 21.66 -41.66 27.90
N PHE D 165 21.45 -40.84 26.87
CA PHE D 165 20.12 -40.76 26.29
C PHE D 165 19.82 -41.93 25.34
N PRO D 166 20.66 -42.22 24.33
CA PRO D 166 20.28 -43.25 23.35
C PRO D 166 20.15 -44.63 23.96
N PRO D 167 21.12 -45.10 24.82
CA PRO D 167 20.92 -46.42 25.44
C PRO D 167 19.63 -46.51 26.21
N GLY D 168 19.35 -45.49 27.01
CA GLY D 168 18.15 -45.50 27.84
C GLY D 168 16.88 -45.54 27.01
N ILE D 169 16.81 -44.68 25.99
CA ILE D 169 15.61 -44.64 25.15
C ILE D 169 15.44 -45.97 24.41
N LYS D 170 16.52 -46.51 23.86
CA LYS D 170 16.42 -47.76 23.11
C LYS D 170 15.96 -48.90 24.00
N GLN D 171 16.55 -49.02 25.19
CA GLN D 171 16.18 -50.12 26.08
C GLN D 171 14.77 -49.96 26.62
N LEU D 172 14.37 -48.73 26.96
CA LEU D 172 13.02 -48.50 27.44
C LEU D 172 11.98 -48.80 26.36
N GLY D 173 12.28 -48.45 25.11
CA GLY D 173 11.37 -48.80 24.03
C GLY D 173 11.32 -50.30 23.76
N ALA D 174 12.49 -50.96 23.84
CA ALA D 174 12.53 -52.39 23.58
C ALA D 174 11.79 -53.19 24.64
N ALA D 175 11.91 -52.79 25.91
CA ALA D 175 11.26 -53.52 26.99
C ALA D 175 9.75 -53.50 26.82
N GLY D 176 9.19 -52.33 26.49
CA GLY D 176 7.78 -52.25 26.10
C GLY D 176 6.90 -51.37 26.97
N MET D 177 7.41 -50.65 27.98
CA MET D 177 6.54 -49.77 28.75
C MET D 177 5.99 -48.64 27.89
N LEU D 178 6.83 -48.08 27.02
CA LEU D 178 6.45 -46.92 26.22
C LEU D 178 5.80 -47.42 24.92
N SER D 179 4.55 -47.87 25.07
CA SER D 179 3.79 -48.34 23.91
C SER D 179 2.34 -47.89 23.95
N ASP D 180 2.00 -46.91 24.78
CA ASP D 180 0.62 -46.43 24.92
C ASP D 180 0.53 -45.00 24.37
N PRO D 181 -0.26 -44.78 23.31
CA PRO D 181 -0.33 -43.42 22.74
C PRO D 181 -0.77 -42.35 23.73
N VAL D 182 -1.67 -42.66 24.65
CA VAL D 182 -2.30 -41.66 25.49
C VAL D 182 -1.96 -41.84 26.97
N LYS D 183 -1.16 -42.85 27.30
CA LYS D 183 -0.88 -43.17 28.70
C LYS D 183 0.55 -42.98 29.13
N SER D 184 1.49 -42.76 28.20
CA SER D 184 2.89 -42.64 28.56
C SER D 184 3.53 -41.46 27.83
N ARG D 185 4.39 -40.72 28.55
CA ARG D 185 5.12 -39.61 27.99
C ARG D 185 6.57 -39.66 28.47
N ILE D 186 7.47 -39.07 27.69
CA ILE D 186 8.89 -39.06 28.00
C ILE D 186 9.44 -37.66 27.76
N VAL D 187 10.32 -37.21 28.66
CA VAL D 187 10.95 -35.90 28.56
C VAL D 187 12.46 -36.08 28.56
N ILE D 188 13.16 -35.13 27.95
CA ILE D 188 14.61 -35.18 27.79
C ILE D 188 15.21 -33.87 28.30
N GLU D 189 16.30 -33.97 29.05
CA GLU D 189 16.96 -32.81 29.62
C GLU D 189 17.86 -32.13 28.59
N LYS D 190 18.08 -30.83 28.78
CA LYS D 190 18.99 -30.07 27.93
C LYS D 190 20.42 -30.58 28.15
N PRO D 191 21.25 -30.64 27.09
CA PRO D 191 20.99 -30.27 25.69
C PRO D 191 20.49 -31.41 24.81
N PHE D 192 20.12 -31.09 23.58
CA PHE D 192 19.65 -32.06 22.59
C PHE D 192 20.57 -31.94 21.37
N GLY D 193 21.67 -32.67 21.41
CA GLY D 193 22.64 -32.64 20.32
C GLY D 193 23.66 -31.51 20.47
N ARG D 194 24.70 -31.61 19.64
CA ARG D 194 25.75 -30.60 19.61
C ARG D 194 26.05 -30.05 18.23
N ASP D 195 25.63 -30.73 17.17
CA ASP D 195 25.79 -30.24 15.81
C ASP D 195 24.51 -30.55 15.04
N LEU D 196 24.49 -30.18 13.76
CA LEU D 196 23.35 -30.53 12.91
C LEU D 196 23.25 -32.04 12.73
N SER D 197 24.38 -32.71 12.54
CA SER D 197 24.37 -34.16 12.37
C SER D 197 24.08 -34.88 13.67
N SER D 198 24.62 -34.37 14.79
CA SER D 198 24.39 -35.01 16.08
C SER D 198 22.93 -34.89 16.52
N ALA D 199 22.26 -33.79 16.16
CA ALA D 199 20.85 -33.64 16.49
C ALA D 199 19.97 -34.51 15.60
N GLN D 200 20.37 -34.67 14.33
CA GLN D 200 19.58 -35.50 13.42
C GLN D 200 19.59 -36.96 13.84
N SER D 201 20.73 -37.46 14.31
CA SER D 201 20.83 -38.87 14.68
C SER D 201 19.93 -39.20 15.86
N LEU D 202 19.85 -38.32 16.86
CA LEU D 202 19.00 -38.57 18.02
C LEU D 202 17.53 -38.59 17.67
N ASN D 203 17.12 -37.89 16.61
CA ASN D 203 15.71 -37.90 16.21
C ASN D 203 15.30 -39.24 15.62
N ARG D 204 16.23 -39.94 14.97
CA ARG D 204 15.91 -41.24 14.39
C ARG D 204 15.60 -42.27 15.48
N VAL D 205 16.35 -42.25 16.58
CA VAL D 205 16.08 -43.17 17.68
C VAL D 205 14.72 -42.89 18.31
N VAL D 206 14.41 -41.61 18.50
CA VAL D 206 13.12 -41.23 19.08
C VAL D 206 11.98 -41.62 18.15
N GLN D 207 12.17 -41.42 16.84
CA GLN D 207 11.10 -41.68 15.89
C GLN D 207 10.70 -43.15 15.83
N SER D 208 11.63 -44.05 16.12
CA SER D 208 11.37 -45.48 16.01
C SER D 208 10.80 -46.08 17.30
N VAL D 209 10.69 -45.30 18.37
CA VAL D 209 10.23 -45.83 19.65
C VAL D 209 9.03 -45.01 20.14
N CYS D 210 8.97 -43.74 19.74
CA CYS D 210 8.01 -42.80 20.29
C CYS D 210 7.07 -42.27 19.21
N LYS D 211 5.96 -41.70 19.66
CA LYS D 211 5.00 -41.03 18.81
C LYS D 211 5.31 -39.52 18.78
N GLU D 212 4.55 -38.77 18.00
CA GLU D 212 4.84 -37.34 17.87
C GLU D 212 4.44 -36.57 19.13
N ASN D 213 3.37 -36.97 19.78
CA ASN D 213 2.83 -36.24 20.93
C ASN D 213 3.24 -36.85 22.27
N GLN D 214 4.41 -37.48 22.30
CA GLN D 214 4.89 -38.14 23.51
C GLN D 214 6.26 -37.65 23.96
N VAL D 215 6.87 -36.72 23.24
CA VAL D 215 8.24 -36.27 23.52
C VAL D 215 8.19 -34.80 23.89
N TYR D 216 8.83 -34.46 25.02
CA TYR D 216 8.96 -33.08 25.46
C TYR D 216 10.44 -32.77 25.65
N ARG D 217 10.92 -31.75 24.95
CA ARG D 217 12.32 -31.34 25.02
C ARG D 217 12.42 -30.02 25.77
N ILE D 218 13.23 -30.00 26.83
CA ILE D 218 13.38 -28.84 27.68
C ILE D 218 14.73 -28.19 27.35
N ASP D 219 14.68 -27.02 26.72
CA ASP D 219 15.87 -26.26 26.41
C ASP D 219 15.86 -24.87 27.03
N HIS D 220 14.76 -24.12 26.88
CA HIS D 220 14.66 -22.77 27.38
C HIS D 220 13.27 -22.52 27.93
N TYR D 221 13.15 -21.44 28.69
CA TYR D 221 11.89 -21.03 29.30
C TYR D 221 11.60 -19.59 28.93
N LEU D 222 10.40 -19.35 28.38
CA LEU D 222 9.96 -18.00 28.03
C LEU D 222 8.72 -17.55 28.80
N GLY D 223 7.93 -18.47 29.31
CA GLY D 223 6.71 -18.10 30.01
C GLY D 223 5.52 -17.98 29.08
N LYS D 224 4.37 -18.45 29.56
CA LYS D 224 3.16 -18.42 28.75
C LYS D 224 2.52 -17.04 28.69
N GLU D 225 2.89 -16.13 29.59
CA GLU D 225 2.33 -14.78 29.57
C GLU D 225 3.12 -13.83 28.69
N THR D 226 4.41 -14.06 28.48
CA THR D 226 5.19 -13.20 27.60
C THR D 226 4.87 -13.46 26.14
N VAL D 227 4.62 -14.71 25.76
CA VAL D 227 4.26 -15.02 24.38
C VAL D 227 2.87 -14.49 24.04
N GLN D 228 1.92 -14.60 24.98
CA GLN D 228 0.55 -14.19 24.71
C GLN D 228 0.36 -12.68 24.77
N ASN D 229 1.18 -11.99 25.57
CA ASN D 229 1.12 -10.53 25.60
C ASN D 229 1.60 -9.92 24.28
N LEU D 230 2.38 -10.65 23.51
CA LEU D 230 2.94 -10.14 22.26
C LEU D 230 2.06 -10.47 21.05
N MET D 231 1.27 -11.55 21.13
CA MET D 231 0.38 -11.89 20.02
C MET D 231 -0.84 -10.99 19.96
N VAL D 232 -1.38 -10.62 21.13
CA VAL D 232 -2.56 -9.75 21.16
C VAL D 232 -2.21 -8.34 20.70
N PHE D 233 -1.03 -7.85 21.09
CA PHE D 233 -0.61 -6.51 20.70
C PHE D 233 -0.46 -6.39 19.18
N ARG D 234 0.06 -7.45 18.55
CA ARG D 234 0.34 -7.40 17.11
C ARG D 234 -0.92 -7.61 16.29
N PHE D 235 -1.69 -8.67 16.59
CA PHE D 235 -2.73 -9.14 15.70
C PHE D 235 -4.14 -8.67 16.08
N ALA D 236 -4.28 -7.84 17.10
CA ALA D 236 -5.58 -7.28 17.47
C ALA D 236 -5.64 -5.77 17.28
N ASN D 237 -4.67 -5.18 16.59
CA ASN D 237 -4.63 -3.75 16.33
C ASN D 237 -4.52 -3.50 14.84
N ALA D 238 -5.23 -2.47 14.37
CA ALA D 238 -5.27 -2.13 12.96
C ALA D 238 -4.25 -1.05 12.58
N ILE D 239 -3.30 -0.77 13.46
CA ILE D 239 -2.32 0.28 13.22
C ILE D 239 -0.93 -0.29 12.93
N PHE D 240 -0.50 -1.28 13.71
CA PHE D 240 0.88 -1.74 13.66
C PHE D 240 1.14 -2.80 12.59
N GLU D 241 0.10 -3.37 11.99
CA GLU D 241 0.31 -4.39 10.97
C GLU D 241 0.69 -3.83 9.61
N PRO D 242 0.06 -2.75 9.12
CA PRO D 242 0.48 -2.21 7.82
C PRO D 242 1.93 -1.75 7.78
N LEU D 243 2.51 -1.38 8.91
CA LEU D 243 3.88 -0.89 8.96
C LEU D 243 4.91 -1.98 9.20
N TRP D 244 4.49 -3.23 9.28
CA TRP D 244 5.38 -4.36 9.58
C TRP D 244 5.82 -5.06 8.30
N ASN D 245 6.56 -4.33 7.47
CA ASN D 245 7.03 -4.90 6.20
C ASN D 245 8.26 -4.10 5.74
N ARG D 246 8.78 -4.45 4.56
CA ARG D 246 10.03 -3.91 4.06
C ARG D 246 9.92 -2.47 3.55
N GLN D 247 8.71 -2.00 3.26
CA GLN D 247 8.56 -0.68 2.66
C GLN D 247 8.72 0.45 3.68
N PHE D 248 8.64 0.16 4.98
CA PHE D 248 8.69 1.19 6.00
C PHE D 248 9.74 0.97 7.07
N VAL D 249 10.31 -0.23 7.20
CA VAL D 249 11.23 -0.57 8.27
C VAL D 249 12.66 -0.50 7.75
N ASP D 250 13.57 -0.03 8.60
CA ASP D 250 14.98 0.09 8.26
C ASP D 250 15.77 -1.15 8.69
N HIS D 251 15.78 -1.44 9.99
CA HIS D 251 16.45 -2.62 10.53
C HIS D 251 15.89 -2.90 11.92
N VAL D 252 16.19 -4.11 12.42
CA VAL D 252 15.73 -4.56 13.72
C VAL D 252 16.93 -5.02 14.54
N GLN D 253 16.80 -4.94 15.87
CA GLN D 253 17.85 -5.34 16.79
C GLN D 253 17.24 -6.14 17.94
N ILE D 254 17.95 -7.18 18.37
CA ILE D 254 17.55 -8.00 19.51
C ILE D 254 18.74 -8.15 20.44
N THR D 255 18.53 -7.91 21.73
CA THR D 255 19.61 -7.88 22.71
C THR D 255 19.19 -8.63 23.96
N VAL D 256 20.09 -9.48 24.47
CA VAL D 256 19.92 -10.15 25.75
C VAL D 256 21.22 -9.98 26.53
N ALA D 257 21.14 -9.36 27.70
CA ALA D 257 22.32 -9.02 28.48
C ALA D 257 22.26 -9.69 29.85
N GLU D 258 23.43 -9.89 30.45
CA GLU D 258 23.56 -10.52 31.75
C GLU D 258 24.68 -9.82 32.53
N THR D 259 24.61 -9.94 33.85
CA THR D 259 25.59 -9.31 34.73
C THR D 259 26.47 -10.30 35.47
N VAL D 260 26.17 -11.60 35.40
CA VAL D 260 26.96 -12.62 36.09
C VAL D 260 27.24 -13.75 35.11
N GLY D 261 28.41 -14.36 35.25
CA GLY D 261 28.80 -15.42 34.35
C GLY D 261 29.75 -16.45 34.93
N VAL D 262 29.47 -17.72 34.65
CA VAL D 262 30.33 -18.86 35.00
C VAL D 262 30.67 -18.84 36.49
N GLU D 263 29.65 -18.96 37.34
CA GLU D 263 29.90 -19.01 38.78
C GLU D 263 30.49 -20.35 39.18
N GLU D 264 29.73 -21.44 38.99
CA GLU D 264 30.17 -22.77 39.38
C GLU D 264 30.04 -23.79 38.27
N ARG D 265 29.59 -23.39 37.08
CA ARG D 265 29.39 -24.31 35.96
C ARG D 265 30.54 -24.26 34.97
N ALA D 266 31.77 -24.09 35.46
CA ALA D 266 32.92 -24.02 34.56
C ALA D 266 33.10 -25.30 33.77
N GLY D 267 32.72 -26.45 34.34
CA GLY D 267 32.83 -27.70 33.61
C GLY D 267 31.91 -27.77 32.41
N TYR D 268 30.66 -27.33 32.57
CA TYR D 268 29.72 -27.38 31.45
C TYR D 268 30.02 -26.31 30.42
N TYR D 269 30.33 -25.08 30.88
CA TYR D 269 30.50 -23.96 29.95
C TYR D 269 31.74 -24.10 29.08
N GLU D 270 32.70 -24.94 29.47
CA GLU D 270 33.92 -25.08 28.68
C GLU D 270 33.64 -25.67 27.32
N SER D 271 32.68 -26.59 27.23
CA SER D 271 32.38 -27.28 25.99
C SER D 271 31.13 -26.76 25.30
N ALA D 272 30.59 -25.62 25.74
CA ALA D 272 29.37 -25.07 25.16
C ALA D 272 29.60 -23.75 24.44
N GLY D 273 30.15 -22.75 25.11
CA GLY D 273 30.31 -21.44 24.50
C GLY D 273 28.99 -20.70 24.39
N ALA D 274 29.03 -19.42 24.03
CA ALA D 274 27.81 -18.65 23.87
C ALA D 274 27.29 -18.68 22.43
N LEU D 275 27.19 -19.89 21.88
CA LEU D 275 26.54 -20.09 20.59
C LEU D 275 25.58 -21.26 20.68
N ARG D 276 25.91 -22.23 21.52
CA ARG D 276 25.01 -23.33 21.85
C ARG D 276 24.24 -23.08 23.12
N ASP D 277 24.63 -22.09 23.93
CA ASP D 277 24.01 -21.83 25.22
C ASP D 277 22.82 -20.88 25.10
N MET D 278 22.93 -19.82 24.33
CA MET D 278 21.88 -18.82 24.27
C MET D 278 21.41 -18.48 22.86
N VAL D 279 22.31 -18.49 21.88
CA VAL D 279 21.94 -18.02 20.54
C VAL D 279 20.96 -18.96 19.88
N GLN D 280 21.21 -20.27 19.94
CA GLN D 280 20.35 -21.22 19.26
C GLN D 280 18.99 -21.35 19.97
N ASN D 281 18.99 -21.37 21.30
CA ASN D 281 17.77 -21.59 22.06
C ASN D 281 16.95 -20.31 22.24
N HIS D 282 17.53 -19.30 22.90
CA HIS D 282 16.76 -18.15 23.33
C HIS D 282 16.58 -17.13 22.20
N LEU D 283 17.68 -16.63 21.65
CA LEU D 283 17.61 -15.54 20.68
C LEU D 283 16.94 -15.96 19.37
N MET D 284 16.77 -17.26 19.13
CA MET D 284 16.14 -17.73 17.92
C MET D 284 14.63 -17.89 18.06
N GLN D 285 14.09 -17.73 19.27
CA GLN D 285 12.65 -17.74 19.49
C GLN D 285 12.05 -16.35 19.58
N LEU D 286 12.84 -15.36 20.01
CA LEU D 286 12.39 -13.98 19.93
C LEU D 286 12.44 -13.47 18.50
N PHE D 287 13.34 -14.01 17.69
CA PHE D 287 13.44 -13.61 16.29
C PHE D 287 12.30 -14.19 15.45
N CYS D 288 11.80 -15.37 15.80
CA CYS D 288 10.73 -15.99 15.04
C CYS D 288 9.38 -15.33 15.28
N LEU D 289 9.15 -14.79 16.47
CA LEU D 289 7.90 -14.12 16.78
C LEU D 289 7.80 -12.74 16.16
N THR D 290 8.94 -12.12 15.83
CA THR D 290 8.97 -10.79 15.24
C THR D 290 8.90 -10.81 13.72
N ALA D 291 9.01 -11.97 13.08
CA ALA D 291 9.01 -12.07 11.63
C ALA D 291 7.94 -13.00 11.08
N MET D 292 7.12 -13.59 11.92
CA MET D 292 6.14 -14.57 11.45
C MET D 292 4.93 -13.86 10.85
N ASP D 293 4.15 -14.62 10.08
CA ASP D 293 2.90 -14.21 9.46
C ASP D 293 1.72 -14.50 10.39
N PRO D 294 0.61 -13.80 10.23
CA PRO D 294 -0.54 -14.02 11.12
C PRO D 294 -1.11 -15.41 10.97
N PRO D 295 -1.24 -16.17 12.06
CA PRO D 295 -1.81 -17.51 11.98
C PRO D 295 -3.33 -17.46 11.87
N ASN D 296 -3.93 -18.63 11.68
CA ASN D 296 -5.38 -18.76 11.61
C ASN D 296 -6.03 -18.92 12.98
N ALA D 297 -5.24 -19.16 14.03
CA ALA D 297 -5.76 -19.33 15.39
C ALA D 297 -4.57 -19.25 16.34
N ILE D 298 -4.83 -19.46 17.62
CA ILE D 298 -3.81 -19.46 18.65
C ILE D 298 -3.56 -20.89 19.15
N ASP D 299 -3.98 -21.88 18.36
CA ASP D 299 -3.73 -23.27 18.70
C ASP D 299 -2.22 -23.54 18.69
N ALA D 300 -1.82 -24.58 19.43
CA ALA D 300 -0.40 -24.92 19.52
C ALA D 300 0.17 -25.27 18.17
N ASP D 301 -0.56 -26.05 17.37
CA ASP D 301 -0.07 -26.44 16.06
C ASP D 301 -0.16 -25.28 15.07
N SER D 302 -1.14 -24.40 15.25
CA SER D 302 -1.34 -23.30 14.31
C SER D 302 -0.25 -22.25 14.39
N ILE D 303 0.44 -22.13 15.52
CA ILE D 303 1.50 -21.14 15.67
C ILE D 303 2.85 -21.70 15.26
N ARG D 304 3.15 -22.95 15.65
CA ARG D 304 4.43 -23.54 15.30
C ARG D 304 4.59 -23.78 13.81
N ASN D 305 3.48 -23.78 13.04
CA ASN D 305 3.57 -23.91 11.60
C ASN D 305 4.08 -22.65 10.92
N GLU D 306 3.93 -21.49 11.56
CA GLU D 306 4.41 -20.23 11.00
C GLU D 306 5.83 -19.90 11.45
N LYS D 307 6.29 -20.48 12.56
CA LYS D 307 7.68 -20.29 12.97
C LYS D 307 8.64 -21.12 12.14
N VAL D 308 8.21 -22.30 11.68
CA VAL D 308 9.05 -23.12 10.81
C VAL D 308 9.19 -22.48 9.44
N LYS D 309 8.10 -21.90 8.92
CA LYS D 309 8.13 -21.32 7.58
C LYS D 309 9.06 -20.11 7.49
N VAL D 310 9.41 -19.50 8.62
CA VAL D 310 10.33 -18.37 8.61
C VAL D 310 11.78 -18.85 8.66
N LEU D 311 12.05 -19.89 9.45
CA LEU D 311 13.40 -20.44 9.56
C LEU D 311 13.88 -21.09 8.27
N GLN D 312 12.99 -21.33 7.31
CA GLN D 312 13.37 -21.94 6.03
C GLN D 312 13.77 -20.91 4.99
N ALA D 313 13.72 -19.62 5.32
CA ALA D 313 14.13 -18.56 4.40
C ALA D 313 15.18 -17.65 5.03
N THR D 314 15.80 -18.08 6.13
CA THR D 314 16.76 -17.29 6.87
C THR D 314 18.17 -17.77 6.56
N ARG D 315 19.09 -16.82 6.39
CA ARG D 315 20.47 -17.14 6.08
C ARG D 315 21.37 -16.06 6.64
N LEU D 316 22.65 -16.39 6.83
CA LEU D 316 23.64 -15.40 7.23
C LEU D 316 23.89 -14.41 6.09
N ALA D 317 24.22 -13.18 6.47
CA ALA D 317 24.43 -12.14 5.47
C ALA D 317 25.63 -12.45 4.58
N ASP D 318 26.72 -12.93 5.17
CA ASP D 318 27.94 -13.23 4.44
C ASP D 318 28.34 -14.67 4.71
N ILE D 319 28.51 -15.46 3.64
CA ILE D 319 28.93 -16.85 3.76
C ILE D 319 30.33 -17.08 3.21
N ASN D 320 30.75 -16.31 2.20
CA ASN D 320 32.11 -16.46 1.68
C ASN D 320 33.13 -15.93 2.68
N ASN D 321 32.86 -14.77 3.27
CA ASN D 321 33.74 -14.13 4.24
C ASN D 321 33.00 -14.06 5.57
N LEU D 322 33.48 -14.82 6.55
CA LEU D 322 32.84 -14.87 7.86
C LEU D 322 33.38 -13.81 8.81
N GLU D 323 33.37 -12.55 8.34
CA GLU D 323 33.73 -11.42 9.17
C GLU D 323 32.72 -10.29 9.11
N ASN D 324 31.85 -10.27 8.11
CA ASN D 324 30.74 -9.33 8.04
C ASN D 324 29.45 -9.91 8.62
N ALA D 325 29.51 -11.13 9.17
CA ALA D 325 28.32 -11.76 9.73
C ALA D 325 28.60 -12.51 11.02
N GLY D 326 29.61 -12.12 11.80
CA GLY D 326 29.89 -12.80 13.04
C GLY D 326 31.08 -12.28 13.81
N ILE D 327 30.92 -12.08 15.12
CA ILE D 327 31.98 -11.60 16.00
C ILE D 327 31.88 -12.34 17.33
N ARG D 328 33.03 -12.68 17.91
CA ARG D 328 33.10 -13.34 19.20
C ARG D 328 33.96 -12.53 20.15
N GLY D 329 33.96 -12.92 21.42
CA GLY D 329 34.74 -12.20 22.41
C GLY D 329 34.83 -12.97 23.71
N GLN D 330 35.60 -12.40 24.64
CA GLN D 330 35.78 -12.96 25.97
C GLN D 330 36.04 -11.81 26.94
N TYR D 331 35.75 -12.04 28.21
CA TYR D 331 35.85 -10.97 29.20
C TYR D 331 37.04 -11.19 30.12
N LYS D 332 37.61 -10.08 30.59
CA LYS D 332 38.78 -10.12 31.47
C LYS D 332 38.51 -9.33 32.76
N ALA D 333 39.56 -9.09 33.54
CA ALA D 333 39.42 -8.45 34.83
C ALA D 333 38.88 -7.04 34.70
N GLY D 334 38.06 -6.64 35.66
CA GLY D 334 37.46 -5.32 35.64
C GLY D 334 36.72 -5.04 36.93
N TRP D 335 35.96 -3.95 36.90
CA TRP D 335 35.19 -3.49 38.06
C TRP D 335 33.72 -3.78 37.84
N MET D 336 33.07 -4.39 38.82
CA MET D 336 31.66 -4.74 38.74
C MET D 336 31.01 -4.51 40.09
N GLY D 337 30.07 -3.58 40.15
CA GLY D 337 29.37 -3.28 41.39
C GLY D 337 30.27 -2.70 42.47
N GLY D 338 31.21 -1.85 42.10
CA GLY D 338 32.12 -1.27 43.08
C GLY D 338 33.11 -2.24 43.67
N LYS D 339 33.33 -3.39 43.04
CA LYS D 339 34.26 -4.40 43.51
C LYS D 339 35.00 -4.98 42.32
N PRO D 340 36.22 -5.47 42.52
CA PRO D 340 36.96 -6.11 41.43
C PRO D 340 36.59 -7.58 41.27
N VAL D 341 36.58 -8.03 40.03
CA VAL D 341 36.22 -9.41 39.71
C VAL D 341 37.36 -10.04 38.90
N PRO D 342 37.54 -11.36 38.96
CA PRO D 342 38.61 -11.99 38.19
C PRO D 342 38.21 -12.19 36.74
N GLY D 343 39.23 -12.48 35.92
CA GLY D 343 39.00 -12.75 34.52
C GLY D 343 38.52 -14.17 34.27
N TYR D 344 38.10 -14.42 33.03
CA TYR D 344 37.57 -15.74 32.69
C TYR D 344 38.65 -16.81 32.73
N ARG D 345 39.85 -16.49 32.23
CA ARG D 345 40.91 -17.49 32.14
C ARG D 345 41.50 -17.84 33.50
N GLU D 346 41.47 -16.92 34.46
CA GLU D 346 42.00 -17.17 35.78
C GLU D 346 40.95 -17.67 36.76
N GLU D 347 39.71 -17.87 36.31
CA GLU D 347 38.68 -18.42 37.17
C GLU D 347 38.95 -19.90 37.44
N PRO D 348 38.51 -20.42 38.59
CA PRO D 348 38.77 -21.83 38.90
C PRO D 348 38.06 -22.76 37.95
N GLY D 349 38.71 -23.88 37.64
CA GLY D 349 38.13 -24.89 36.77
C GLY D 349 38.24 -24.61 35.30
N VAL D 350 38.94 -23.55 34.90
CA VAL D 350 39.05 -23.14 33.50
C VAL D 350 40.50 -23.25 33.08
N ASP D 351 40.72 -23.80 31.88
CA ASP D 351 42.07 -23.92 31.35
C ASP D 351 42.69 -22.55 31.19
N PRO D 352 43.95 -22.34 31.60
CA PRO D 352 44.54 -21.00 31.57
C PRO D 352 44.81 -20.48 30.17
N SER D 353 44.48 -21.26 29.14
CA SER D 353 44.65 -20.83 27.76
C SER D 353 43.42 -21.21 26.94
N SER D 354 42.24 -20.99 27.51
CA SER D 354 41.00 -21.36 26.84
C SER D 354 40.69 -20.41 25.68
N THR D 355 39.88 -20.89 24.75
CA THR D 355 39.45 -20.14 23.57
C THR D 355 37.94 -20.28 23.38
N THR D 356 37.20 -20.11 24.48
CA THR D 356 35.76 -20.24 24.48
C THR D 356 35.11 -18.87 24.53
N PRO D 357 34.17 -18.56 23.63
CA PRO D 357 33.57 -17.22 23.63
C PRO D 357 32.45 -17.09 24.63
N THR D 358 32.39 -15.92 25.28
CA THR D 358 31.27 -15.54 26.12
C THR D 358 30.45 -14.41 25.50
N PHE D 359 30.64 -14.16 24.21
CA PHE D 359 29.98 -13.08 23.49
C PHE D 359 29.79 -13.52 22.05
N ALA D 360 28.72 -13.03 21.43
CA ALA D 360 28.41 -13.42 20.06
C ALA D 360 27.46 -12.41 19.43
N ALA D 361 27.83 -11.90 18.26
CA ALA D 361 26.99 -11.01 17.49
C ALA D 361 26.88 -11.55 16.07
N LEU D 362 25.66 -11.58 15.54
CA LEU D 362 25.38 -12.14 14.22
C LEU D 362 24.49 -11.20 13.43
N LYS D 363 24.44 -11.42 12.12
CA LYS D 363 23.59 -10.65 11.22
C LYS D 363 22.91 -11.60 10.25
N LEU D 364 21.59 -11.59 10.24
CA LEU D 364 20.79 -12.50 9.42
C LEU D 364 19.98 -11.73 8.39
N MET D 365 19.52 -12.45 7.37
CA MET D 365 18.67 -11.89 6.34
C MET D 365 17.57 -12.88 5.98
N VAL D 366 16.35 -12.37 5.81
CA VAL D 366 15.19 -13.16 5.42
C VAL D 366 14.81 -12.78 4.01
N ASP D 367 14.54 -13.77 3.17
CA ASP D 367 14.31 -13.58 1.74
C ASP D 367 12.91 -14.06 1.37
N ASN D 368 11.92 -13.18 1.46
CA ASN D 368 10.58 -13.47 1.00
C ASN D 368 9.92 -12.17 0.54
N TRP D 369 8.60 -12.21 0.35
CA TRP D 369 7.88 -11.06 -0.19
C TRP D 369 7.71 -9.94 0.83
N ARG D 370 7.97 -10.18 2.11
CA ARG D 370 7.74 -9.19 3.16
C ARG D 370 9.01 -8.60 3.74
N TRP D 371 10.04 -9.42 3.98
CA TRP D 371 11.24 -8.98 4.70
C TRP D 371 12.47 -8.91 3.79
N GLN D 372 12.29 -8.54 2.53
CA GLN D 372 13.42 -8.47 1.62
C GLN D 372 14.18 -7.16 1.81
N GLY D 373 15.49 -7.27 2.02
CA GLY D 373 16.35 -6.12 2.18
C GLY D 373 16.45 -5.56 3.58
N VAL D 374 15.78 -6.16 4.56
CA VAL D 374 15.77 -5.70 5.93
C VAL D 374 16.66 -6.62 6.75
N PRO D 375 17.82 -6.16 7.24
CA PRO D 375 18.67 -7.02 8.05
C PRO D 375 18.24 -7.09 9.50
N PHE D 376 18.70 -8.13 10.18
CA PHE D 376 18.45 -8.34 11.60
C PHE D 376 19.79 -8.45 12.34
N TYR D 377 19.89 -7.82 13.50
CA TYR D 377 21.11 -7.82 14.30
C TYR D 377 20.83 -8.46 15.65
N LEU D 378 21.65 -9.45 16.01
CA LEU D 378 21.49 -10.21 17.24
C LEU D 378 22.74 -10.04 18.10
N ARG D 379 22.54 -9.88 19.41
CA ARG D 379 23.66 -9.67 20.32
C ARG D 379 23.34 -10.28 21.67
N THR D 380 24.35 -10.92 22.27
CA THR D 380 24.23 -11.52 23.60
C THR D 380 25.61 -11.61 24.20
N GLY D 381 25.65 -11.71 25.53
CA GLY D 381 26.93 -11.79 26.21
C GLY D 381 26.76 -11.92 27.71
N LYS D 382 27.89 -11.94 28.39
CA LYS D 382 27.96 -12.07 29.84
C LYS D 382 28.80 -10.94 30.42
N ARG D 383 28.56 -10.67 31.70
CA ARG D 383 29.24 -9.60 32.43
C ARG D 383 29.03 -8.24 31.77
N MET D 384 27.84 -8.03 31.25
CA MET D 384 27.44 -6.72 30.74
C MET D 384 27.08 -5.80 31.90
N PRO D 385 27.11 -4.48 31.68
CA PRO D 385 26.79 -3.56 32.78
C PRO D 385 25.39 -3.73 33.35
N LYS D 386 24.41 -4.10 32.52
CA LYS D 386 23.02 -4.16 32.93
C LYS D 386 22.44 -5.53 32.58
N LYS D 387 21.21 -5.76 33.04
CA LYS D 387 20.45 -6.98 32.75
C LYS D 387 19.15 -6.55 32.07
N VAL D 388 19.06 -6.71 30.76
CA VAL D 388 17.96 -6.22 29.96
C VAL D 388 17.63 -7.22 28.87
N SER D 389 16.52 -6.98 28.18
CA SER D 389 16.09 -7.76 27.01
C SER D 389 15.10 -6.91 26.23
N GLU D 390 15.38 -6.66 24.96
CA GLU D 390 14.58 -5.71 24.21
C GLU D 390 14.57 -6.06 22.73
N ILE D 391 13.56 -5.55 22.03
CA ILE D 391 13.47 -5.61 20.58
C ILE D 391 13.17 -4.21 20.08
N ALA D 392 13.98 -3.71 19.14
CA ALA D 392 13.87 -2.34 18.65
C ALA D 392 13.65 -2.36 17.15
N ILE D 393 12.59 -1.69 16.71
CA ILE D 393 12.24 -1.58 15.29
C ILE D 393 12.35 -0.11 14.90
N GLN D 394 13.17 0.18 13.90
CA GLN D 394 13.43 1.55 13.46
C GLN D 394 12.93 1.73 12.04
N PHE D 395 12.22 2.82 11.80
CA PHE D 395 11.60 3.09 10.52
C PHE D 395 12.49 3.99 9.65
N ARG D 396 11.99 4.32 8.46
CA ARG D 396 12.77 5.03 7.47
C ARG D 396 12.77 6.54 7.79
N GLN D 397 13.27 7.33 6.84
CA GLN D 397 13.29 8.78 6.95
C GLN D 397 12.30 9.38 5.95
N VAL D 398 11.64 10.46 6.36
CA VAL D 398 10.60 11.06 5.51
C VAL D 398 11.23 11.60 4.24
N PRO D 399 10.62 11.39 3.08
CA PRO D 399 11.18 11.88 1.82
C PRO D 399 11.38 13.39 1.77
N LEU D 400 10.32 14.16 2.01
CA LEU D 400 10.42 15.61 1.96
C LEU D 400 11.36 16.11 3.05
N LEU D 401 12.24 17.03 2.68
CA LEU D 401 13.21 17.63 3.59
C LEU D 401 12.89 19.10 3.85
N ILE D 402 11.61 19.44 3.90
CA ILE D 402 11.17 20.83 4.10
C ILE D 402 11.30 21.19 5.57
N PHE D 403 11.73 20.24 6.39
CA PHE D 403 11.90 20.44 7.82
C PHE D 403 13.36 20.30 8.20
N GLN D 404 13.78 21.10 9.19
CA GLN D 404 15.12 21.05 9.74
C GLN D 404 15.07 20.50 11.16
N SER D 405 16.22 20.46 11.81
CA SER D 405 16.32 19.96 13.18
C SER D 405 16.97 20.99 14.10
N ALA D 410 16.47 15.25 11.88
CA ALA D 410 15.23 14.50 12.01
C ALA D 410 15.52 13.03 12.29
N ASN D 411 15.61 12.68 13.57
CA ASN D 411 15.88 11.31 13.96
C ASN D 411 14.71 10.41 13.58
N PRO D 412 14.97 9.22 13.02
CA PRO D 412 13.88 8.33 12.65
C PRO D 412 13.17 7.76 13.87
N ASN D 413 11.91 7.38 13.65
CA ASN D 413 11.09 6.84 14.73
C ASN D 413 11.56 5.45 15.12
N VAL D 414 11.40 5.05 16.37
CA VAL D 414 11.72 3.69 16.89
C VAL D 414 10.49 3.18 17.66
N LEU D 415 10.39 1.87 17.87
CA LEU D 415 9.27 1.26 18.65
C LEU D 415 9.84 0.02 19.34
N SER D 416 10.04 0.06 20.66
CA SER D 416 10.70 -1.08 21.35
C SER D 416 9.73 -1.81 22.27
N LEU D 417 9.96 -3.12 22.49
CA LEU D 417 9.10 -3.92 23.40
C LEU D 417 9.99 -4.48 24.51
N ARG D 418 9.90 -3.93 25.73
CA ARG D 418 10.79 -4.38 26.82
C ARG D 418 10.26 -5.71 27.33
N ILE D 419 11.14 -6.59 27.81
CA ILE D 419 10.72 -7.92 28.35
C ILE D 419 11.35 -8.12 29.73
N GLN D 420 12.64 -8.45 29.77
CA GLN D 420 13.32 -8.75 31.06
C GLN D 420 13.38 -7.51 31.96
N PRO D 421 13.89 -6.35 31.50
CA PRO D 421 14.04 -5.18 32.38
C PRO D 421 12.67 -4.72 32.91
N ASN D 422 11.67 -4.61 32.02
CA ASN D 422 10.31 -4.21 32.42
C ASN D 422 9.37 -4.62 31.29
N GLU D 423 8.06 -4.77 31.55
CA GLU D 423 7.19 -5.26 30.45
C GLU D 423 6.28 -4.11 30.00
N GLY D 424 6.32 -3.75 28.71
CA GLY D 424 5.52 -2.63 28.24
C GLY D 424 5.87 -2.29 26.83
N ILE D 425 5.64 -1.04 26.41
CA ILE D 425 5.93 -0.61 25.02
C ILE D 425 6.57 0.79 25.05
N SER D 426 7.52 1.05 24.15
CA SER D 426 8.16 2.39 24.07
C SER D 426 8.01 2.95 22.66
N LEU D 427 7.70 4.26 22.55
CA LEU D 427 7.52 4.90 21.21
C LEU D 427 8.25 6.24 21.19
N ARG D 428 8.76 6.65 20.03
CA ARG D 428 9.45 7.93 19.92
C ARG D 428 9.08 8.60 18.61
N PHE D 429 8.74 9.89 18.68
CA PHE D 429 8.42 10.67 17.49
C PHE D 429 8.88 12.10 17.72
N GLU D 430 8.60 12.97 16.75
CA GLU D 430 9.14 14.33 16.74
C GLU D 430 8.01 15.34 16.93
N ALA D 431 8.27 16.34 17.77
CA ALA D 431 7.33 17.42 18.03
C ALA D 431 8.06 18.75 17.97
N LYS D 432 7.30 19.80 17.68
CA LYS D 432 7.90 21.12 17.49
C LYS D 432 8.43 21.68 18.80
N MET D 433 9.60 22.30 18.73
CA MET D 433 10.18 22.99 19.89
C MET D 433 9.50 24.34 20.06
N PRO D 434 9.06 24.68 21.27
CA PRO D 434 8.34 25.94 21.46
C PRO D 434 9.24 27.14 21.23
N GLY D 435 8.64 28.21 20.72
CA GLY D 435 9.37 29.42 20.41
C GLY D 435 8.90 30.09 19.13
N SER D 436 9.84 30.51 18.30
CA SER D 436 9.51 31.14 17.02
C SER D 436 10.25 30.55 15.84
N GLU D 437 11.27 29.72 16.06
CA GLU D 437 12.04 29.10 14.99
C GLU D 437 11.62 27.64 14.83
N LEU D 438 11.65 27.17 13.59
CA LEU D 438 11.24 25.81 13.25
C LEU D 438 12.34 24.85 13.67
N ARG D 439 12.20 24.27 14.86
CA ARG D 439 13.09 23.25 15.36
C ARG D 439 12.27 22.12 15.94
N THR D 440 12.76 20.89 15.79
CA THR D 440 12.06 19.70 16.24
C THR D 440 12.78 19.09 17.45
N ARG D 441 12.00 18.49 18.33
CA ARG D 441 12.52 17.86 19.54
C ARG D 441 11.84 16.51 19.72
N THR D 442 12.63 15.46 19.96
CA THR D 442 12.07 14.13 20.08
C THR D 442 11.41 13.94 21.44
N VAL D 443 10.24 13.31 21.44
CA VAL D 443 9.47 13.05 22.66
C VAL D 443 9.25 11.55 22.80
N ASP D 444 8.56 11.15 23.86
CA ASP D 444 8.39 9.73 24.18
C ASP D 444 6.95 9.45 24.62
N MET D 445 6.55 8.19 24.42
CA MET D 445 5.29 7.66 24.93
C MET D 445 5.59 6.33 25.61
N ASP D 446 4.89 6.06 26.72
CA ASP D 446 5.18 4.89 27.54
C ASP D 446 3.89 4.19 27.94
N PHE D 447 4.04 2.93 28.33
CA PHE D 447 2.95 2.11 28.84
C PHE D 447 3.55 0.90 29.53
N SER D 448 3.10 0.62 30.75
CA SER D 448 3.66 -0.46 31.57
C SER D 448 2.57 -1.46 31.91
N TYR D 449 2.89 -2.75 31.73
CA TYR D 449 1.92 -3.81 32.04
C TYR D 449 1.69 -3.95 33.53
N GLY D 450 2.72 -3.71 34.35
CA GLY D 450 2.62 -3.90 35.78
C GLY D 450 2.29 -2.62 36.52
N SER D 451 3.27 -2.09 37.26
CA SER D 451 3.10 -0.88 38.05
C SER D 451 1.98 -1.03 39.09
N ALA D 460 10.11 -20.08 37.31
CA ALA D 460 10.84 -20.99 36.44
C ALA D 460 10.80 -22.41 36.99
N TYR D 461 10.71 -23.39 36.09
CA TYR D 461 10.67 -24.81 36.42
C TYR D 461 9.48 -25.15 37.32
N HIS D 462 8.43 -24.33 37.29
CA HIS D 462 7.18 -24.62 37.97
C HIS D 462 6.00 -24.75 37.02
N ARG D 463 6.03 -24.05 35.89
CA ARG D 463 5.03 -24.23 34.84
C ARG D 463 5.43 -25.31 33.86
N LEU D 464 6.73 -25.63 33.78
CA LEU D 464 7.16 -26.74 32.93
C LEU D 464 6.57 -28.06 33.39
N LEU D 465 6.53 -28.28 34.71
CA LEU D 465 5.96 -29.50 35.26
C LEU D 465 4.44 -29.54 35.21
N LEU D 466 3.78 -28.41 34.99
CA LEU D 466 2.33 -28.37 34.97
C LEU D 466 1.76 -28.69 33.59
N ASP D 467 2.32 -28.06 32.55
CA ASP D 467 1.82 -28.29 31.19
C ASP D 467 2.15 -29.67 30.66
N CYS D 468 3.10 -30.39 31.29
CA CYS D 468 3.39 -31.74 30.87
C CYS D 468 2.32 -32.73 31.34
N MET D 469 1.68 -32.46 32.49
CA MET D 469 0.60 -33.31 32.95
C MET D 469 -0.58 -33.28 31.98
N LEU D 470 -0.93 -32.09 31.49
CA LEU D 470 -1.97 -31.94 30.48
C LEU D 470 -1.33 -32.00 29.10
N GLY D 471 -2.12 -31.67 28.07
CA GLY D 471 -1.61 -31.77 26.68
C GLY D 471 -1.46 -30.41 26.02
N ASP D 472 -0.34 -29.72 26.27
CA ASP D 472 -0.08 -28.42 25.60
C ASP D 472 1.24 -28.50 24.83
N GLN D 473 1.22 -28.22 23.52
CA GLN D 473 2.45 -28.27 22.70
C GLN D 473 2.89 -26.84 22.37
N THR D 474 3.17 -26.04 23.39
CA THR D 474 3.61 -24.66 23.17
C THR D 474 4.96 -24.35 23.79
N LEU D 475 5.14 -24.61 25.08
CA LEU D 475 6.40 -24.33 25.75
C LEU D 475 7.52 -25.29 25.33
N PHE D 476 7.19 -26.38 24.67
CA PHE D 476 8.16 -27.39 24.25
C PHE D 476 8.32 -27.36 22.74
N THR D 477 9.56 -27.32 22.28
CA THR D 477 9.84 -27.18 20.86
C THR D 477 9.51 -28.48 20.10
N ARG D 478 9.37 -28.34 18.78
CA ARG D 478 9.04 -29.45 17.92
C ARG D 478 10.31 -30.11 17.40
N ALA D 479 10.15 -31.15 16.58
CA ALA D 479 11.28 -31.86 16.00
C ALA D 479 11.74 -31.28 14.68
N ASP D 480 11.00 -30.33 14.10
CA ASP D 480 11.40 -29.69 12.86
C ASP D 480 12.19 -28.41 13.08
N GLU D 481 11.87 -27.66 14.14
CA GLU D 481 12.60 -26.45 14.44
C GLU D 481 13.98 -26.74 15.03
N VAL D 482 14.14 -27.86 15.72
CA VAL D 482 15.42 -28.21 16.31
C VAL D 482 16.47 -28.40 15.22
N GLU D 483 16.12 -29.12 14.16
CA GLU D 483 17.07 -29.37 13.07
C GLU D 483 17.13 -28.22 12.08
N GLU D 484 16.23 -27.23 12.18
CA GLU D 484 16.27 -26.07 11.31
C GLU D 484 17.02 -24.89 11.92
N ALA D 485 17.05 -24.80 13.25
CA ALA D 485 17.86 -23.78 13.91
C ALA D 485 19.33 -24.14 13.95
N TRP D 486 19.66 -25.43 13.78
CA TRP D 486 21.04 -25.88 13.72
C TRP D 486 21.68 -25.65 12.36
N ARG D 487 20.90 -25.34 11.34
CA ARG D 487 21.40 -25.20 9.98
C ARG D 487 21.95 -23.81 9.70
N VAL D 488 21.28 -22.75 10.18
CA VAL D 488 21.71 -21.40 9.87
C VAL D 488 23.00 -21.05 10.58
N VAL D 489 23.25 -21.64 11.75
CA VAL D 489 24.44 -21.31 12.54
C VAL D 489 25.58 -22.26 12.22
N THR D 490 25.39 -23.10 11.21
CA THR D 490 26.43 -24.06 10.84
C THR D 490 27.71 -23.38 10.34
N PRO D 491 27.68 -22.40 9.42
CA PRO D 491 28.95 -21.81 8.96
C PRO D 491 29.78 -21.20 10.07
N VAL D 492 29.17 -20.55 11.05
CA VAL D 492 29.94 -19.93 12.12
C VAL D 492 30.36 -20.95 13.18
N LEU D 493 29.60 -22.04 13.33
CA LEU D 493 29.96 -23.06 14.29
C LEU D 493 31.23 -23.79 13.88
N SER D 494 31.38 -24.07 12.58
CA SER D 494 32.55 -24.81 12.11
C SER D 494 33.81 -23.95 12.16
N ALA D 495 33.72 -22.69 11.75
CA ALA D 495 34.90 -21.82 11.73
C ALA D 495 35.40 -21.53 13.13
N TRP D 496 34.50 -21.23 14.06
CA TRP D 496 34.90 -20.91 15.43
C TRP D 496 35.37 -22.13 16.21
N ASP D 497 35.15 -23.34 15.70
CA ASP D 497 35.54 -24.55 16.41
C ASP D 497 36.94 -25.02 16.07
N ALA D 498 37.50 -24.57 14.94
CA ALA D 498 38.84 -25.00 14.55
C ALA D 498 39.88 -24.46 15.52
N PRO D 499 40.95 -25.22 15.77
CA PRO D 499 41.99 -24.74 16.70
C PRO D 499 42.72 -23.53 16.15
N SER D 500 43.16 -22.68 17.07
CA SER D 500 43.89 -21.47 16.72
C SER D 500 44.72 -21.03 17.92
N ASP D 501 45.66 -20.14 17.66
CA ASP D 501 46.52 -19.64 18.72
C ASP D 501 45.70 -18.84 19.73
N PRO D 502 45.95 -19.00 21.03
CA PRO D 502 45.18 -18.31 22.07
C PRO D 502 45.67 -16.90 22.35
N LEU D 503 45.89 -16.12 21.28
CA LEU D 503 46.33 -14.74 21.43
C LEU D 503 45.64 -13.80 20.45
N SER D 504 44.57 -14.24 19.78
CA SER D 504 43.85 -13.41 18.81
C SER D 504 42.37 -13.27 19.17
N MET D 505 42.01 -13.56 20.41
CA MET D 505 40.61 -13.44 20.82
C MET D 505 40.32 -12.00 21.24
N PRO D 506 39.21 -11.42 20.78
CA PRO D 506 38.91 -10.02 21.15
C PRO D 506 38.40 -9.87 22.58
N LEU D 507 39.33 -9.76 23.53
CA LEU D 507 38.94 -9.62 24.93
C LEU D 507 38.28 -8.26 25.17
N TYR D 508 37.49 -8.20 26.24
CA TYR D 508 36.89 -6.96 26.71
C TYR D 508 36.82 -6.99 28.23
N GLU D 509 36.63 -5.82 28.83
CA GLU D 509 36.63 -5.71 30.28
C GLU D 509 35.28 -6.10 30.86
N ALA D 510 35.31 -6.58 32.10
CA ALA D 510 34.10 -6.95 32.82
C ALA D 510 33.40 -5.67 33.28
N GLY D 511 32.37 -5.28 32.54
CA GLY D 511 31.68 -4.02 32.81
C GLY D 511 31.60 -3.16 31.57
N THR D 512 32.02 -3.72 30.43
CA THR D 512 31.99 -3.04 29.15
C THR D 512 31.00 -3.75 28.24
N TRP D 513 30.29 -2.98 27.42
CA TRP D 513 29.18 -3.52 26.66
C TRP D 513 29.62 -4.58 25.64
N GLU D 514 30.66 -4.27 24.87
CA GLU D 514 31.04 -5.15 23.77
C GLU D 514 32.51 -4.91 23.43
N PRO D 515 33.16 -5.87 22.78
CA PRO D 515 34.53 -5.63 22.31
C PRO D 515 34.56 -4.58 21.21
N ALA D 516 35.72 -3.93 21.07
CA ALA D 516 35.87 -2.90 20.06
C ALA D 516 35.72 -3.44 18.64
N GLU D 517 35.86 -4.75 18.44
CA GLU D 517 35.67 -5.32 17.11
C GLU D 517 34.19 -5.39 16.74
N ALA D 518 33.31 -5.44 17.72
CA ALA D 518 31.87 -5.51 17.45
C ALA D 518 31.27 -4.16 17.08
N GLU D 519 31.97 -3.07 17.35
CA GLU D 519 31.48 -1.75 16.96
C GLU D 519 31.51 -1.54 15.46
N TRP D 520 32.53 -2.08 14.78
CA TRP D 520 32.69 -1.88 13.34
C TRP D 520 31.73 -2.74 12.52
N LEU D 521 31.14 -3.77 13.11
CA LEU D 521 30.25 -4.66 12.37
C LEU D 521 28.98 -3.93 11.91
N ILE D 522 28.47 -3.01 12.74
CA ILE D 522 27.24 -2.30 12.42
C ILE D 522 27.57 -0.90 11.93
N ASN D 523 28.70 -0.35 12.39
CA ASN D 523 29.06 1.02 12.03
C ASN D 523 29.37 1.17 10.55
N LYS D 524 29.90 0.12 9.91
CA LYS D 524 30.24 0.20 8.50
C LYS D 524 29.01 0.31 7.61
N ASP D 525 27.82 0.04 8.14
CA ASP D 525 26.58 0.20 7.38
C ASP D 525 25.94 1.58 7.57
N GLY D 526 26.50 2.42 8.43
CA GLY D 526 25.94 3.71 8.72
C GLY D 526 25.01 3.77 9.90
N ARG D 527 25.01 2.75 10.75
CA ARG D 527 24.13 2.67 11.91
C ARG D 527 24.97 2.62 13.19
N ARG D 528 24.28 2.41 14.32
CA ARG D 528 24.95 2.34 15.61
C ARG D 528 24.19 1.39 16.52
N TRP D 529 24.93 0.72 17.41
CA TRP D 529 24.29 -0.14 18.41
C TRP D 529 23.44 0.71 19.36
N ARG D 530 22.26 0.21 19.68
CA ARG D 530 21.39 0.91 20.62
C ARG D 530 21.98 0.86 22.03
N ARG D 531 21.93 1.99 22.72
CA ARG D 531 22.48 2.11 24.06
C ARG D 531 21.36 1.91 25.07
N LEU D 532 21.49 0.90 25.92
CA LEU D 532 20.45 0.56 26.89
C LEU D 532 20.85 0.99 28.30
#